data_3CJX
#
_entry.id   3CJX
#
_cell.length_a   79.210
_cell.length_b   89.130
_cell.length_c   212.520
_cell.angle_alpha   90.000
_cell.angle_beta   90.000
_cell.angle_gamma   90.000
#
_symmetry.space_group_name_H-M   'P 21 21 21'
#
loop_
_entity.id
_entity.type
_entity.pdbx_description
1 polymer 'Protein of unknown function with a cupin-like fold'
2 non-polymer 'SULFATE ION'
3 non-polymer GLYCEROL
4 non-polymer 'CHLORIDE ION'
5 water water
#
_entity_poly.entity_id   1
_entity_poly.type   'polypeptide(L)'
_entity_poly.pdbx_seq_one_letter_code
;GATITHQEKLLTVDTTAHPFLKALGGHEGTDIFPLF(MSE)DPYNGL(MSE)V(MSE)RASFAPGLTLPLHFHTGTVH
(MSE)YTISGCWYYTEYPGQKQTAGCYLYEPGGSIHQFNTPRDNEGQTEVIF(MSE)LSGCNVNFTQDGTYLGLSDAGVI
KNWVDRAIREQDNGLRYIAAAVPTYAA
;
_entity_poly.pdbx_strand_id   A,B,C,D,E,F,G,H
#
loop_
_chem_comp.id
_chem_comp.type
_chem_comp.name
_chem_comp.formula
CL non-polymer 'CHLORIDE ION' 'Cl -1'
GOL non-polymer GLYCEROL 'C3 H8 O3'
SO4 non-polymer 'SULFATE ION' 'O4 S -2'
#
# COMPACT_ATOMS: atom_id res chain seq x y z
N ILE A 4 -24.27 31.50 17.71
CA ILE A 4 -23.94 32.95 17.63
C ILE A 4 -23.35 33.34 19.00
N THR A 5 -22.04 33.19 19.15
CA THR A 5 -21.39 33.39 20.46
C THR A 5 -21.35 34.85 20.95
N HIS A 6 -21.21 34.99 22.27
CA HIS A 6 -21.35 36.28 22.97
C HIS A 6 -20.10 37.20 23.06
N GLN A 7 -19.19 36.95 24.00
CA GLN A 7 -17.97 37.79 24.22
C GLN A 7 -18.23 39.30 24.45
N GLU A 8 -18.50 39.67 25.70
CA GLU A 8 -18.73 41.09 26.04
C GLU A 8 -17.46 41.91 26.17
N LYS A 9 -16.35 41.25 26.49
CA LYS A 9 -15.10 41.97 26.65
C LYS A 9 -14.03 41.43 25.69
N LEU A 10 -13.06 42.30 25.41
CA LEU A 10 -11.95 41.94 24.55
C LEU A 10 -10.85 41.35 25.39
N LEU A 11 -10.19 40.33 24.86
CA LEU A 11 -9.06 39.73 25.53
C LEU A 11 -7.88 40.67 25.34
N THR A 12 -7.69 41.58 26.28
CA THR A 12 -6.67 42.61 26.19
C THR A 12 -5.79 42.72 27.44
N VAL A 13 -4.51 43.02 27.20
CA VAL A 13 -3.53 43.16 28.26
C VAL A 13 -2.79 44.48 28.14
N ASP A 14 -2.83 45.31 29.17
CA ASP A 14 -2.08 46.57 29.15
C ASP A 14 -0.73 46.34 29.82
N THR A 15 0.35 46.33 29.04
CA THR A 15 1.69 46.08 29.62
C THR A 15 2.26 47.20 30.49
N THR A 16 1.62 48.36 30.55
CA THR A 16 2.05 49.46 31.43
C THR A 16 1.32 49.50 32.78
N ALA A 17 0.26 48.70 32.95
CA ALA A 17 -0.51 48.68 34.20
C ALA A 17 0.10 47.79 35.33
N HIS A 18 1.17 47.04 35.03
CA HIS A 18 1.80 46.14 35.99
C HIS A 18 3.27 46.05 35.66
N PRO A 19 4.12 45.81 36.68
CA PRO A 19 5.53 45.68 36.37
C PRO A 19 5.83 44.37 35.67
N PHE A 20 6.92 44.34 34.90
CA PHE A 20 7.34 43.12 34.21
C PHE A 20 7.75 42.07 35.25
N LEU A 21 7.62 40.81 34.85
CA LEU A 21 8.07 39.70 35.67
C LEU A 21 9.59 39.74 35.54
N LYS A 22 10.31 39.72 36.66
CA LYS A 22 11.76 39.87 36.63
C LYS A 22 12.56 38.57 36.58
N ALA A 23 13.68 38.62 35.86
CA ALA A 23 14.61 37.52 35.77
C ALA A 23 14.04 36.18 35.33
N LEU A 24 13.53 36.12 34.10
CA LEU A 24 12.98 34.87 33.54
C LEU A 24 13.92 33.68 33.74
N GLY A 25 13.36 32.58 34.23
CA GLY A 25 14.13 31.37 34.55
C GLY A 25 15.34 31.64 35.42
N GLY A 26 15.25 32.66 36.29
CA GLY A 26 16.37 33.05 37.15
C GLY A 26 17.52 33.73 36.45
N HIS A 27 17.30 34.24 35.24
CA HIS A 27 18.33 34.95 34.47
C HIS A 27 18.18 36.45 34.58
N GLU A 28 19.02 37.03 35.42
CA GLU A 28 19.04 38.45 35.64
C GLU A 28 19.18 39.20 34.30
N GLY A 29 18.41 40.26 34.12
CA GLY A 29 18.48 41.06 32.90
C GLY A 29 17.44 40.76 31.84
N THR A 30 16.75 39.64 31.98
CA THR A 30 15.67 39.30 31.06
C THR A 30 14.33 39.42 31.80
N ASP A 31 13.64 40.54 31.58
CA ASP A 31 12.32 40.79 32.18
C ASP A 31 11.21 40.62 31.12
N ILE A 32 10.15 39.91 31.47
CA ILE A 32 9.08 39.57 30.52
C ILE A 32 7.73 40.04 30.98
N PHE A 33 6.88 40.33 30.01
CA PHE A 33 5.47 40.56 30.25
C PHE A 33 4.74 39.60 29.29
N PRO A 34 4.12 38.54 29.81
CA PRO A 34 3.46 37.64 28.90
C PRO A 34 2.18 38.25 28.35
N LEU A 35 1.87 37.92 27.09
CA LEU A 35 0.67 38.39 26.41
C LEU A 35 -0.24 37.21 26.03
N PHE A 36 0.31 36.31 25.19
CA PHE A 36 -0.43 35.15 24.70
C PHE A 36 0.41 33.89 24.79
N MSE A 37 -0.13 32.82 25.38
CA MSE A 37 0.60 31.54 25.53
C MSE A 37 -0.25 30.34 25.18
O MSE A 37 -1.26 30.07 25.84
CB MSE A 37 1.11 31.41 26.95
CG MSE A 37 1.74 32.66 27.42
SE MSE A 37 3.18 32.32 28.60
CE MSE A 37 4.49 31.93 27.22
N ASP A 38 0.18 29.60 24.17
CA ASP A 38 -0.52 28.42 23.68
C ASP A 38 0.47 27.28 23.63
N PRO A 39 0.64 26.56 24.76
CA PRO A 39 1.57 25.44 24.81
C PRO A 39 1.24 24.28 23.87
N TYR A 40 -0.02 24.19 23.47
CA TYR A 40 -0.48 23.08 22.66
C TYR A 40 -0.13 23.29 21.19
N ASN A 41 -0.21 24.51 20.69
CA ASN A 41 0.23 24.79 19.30
C ASN A 41 1.62 25.36 19.26
N GLY A 42 2.28 25.41 20.41
CA GLY A 42 3.62 25.96 20.49
C GLY A 42 3.68 27.39 19.98
N LEU A 43 3.06 28.30 20.72
CA LEU A 43 3.08 29.71 20.32
C LEU A 43 3.07 30.65 21.53
N MSE A 44 3.95 31.65 21.53
CA MSE A 44 3.94 32.64 22.60
C MSE A 44 4.15 34.01 22.01
O MSE A 44 5.03 34.17 21.17
CB MSE A 44 5.07 32.49 23.61
CG MSE A 44 5.71 31.18 23.70
SE MSE A 44 7.10 31.26 25.07
CE MSE A 44 8.64 30.99 23.91
N VAL A 45 3.36 34.98 22.46
CA VAL A 45 3.53 36.36 22.06
C VAL A 45 3.90 37.07 23.35
N MSE A 46 5.10 37.63 23.41
CA MSE A 46 5.59 38.28 24.64
C MSE A 46 6.24 39.63 24.39
O MSE A 46 6.68 39.95 23.30
CB MSE A 46 6.71 37.45 25.24
CG MSE A 46 6.56 35.92 25.26
SE MSE A 46 5.35 35.31 26.63
CE MSE A 46 3.68 35.16 25.73
N ARG A 47 6.34 40.40 25.46
CA ARG A 47 7.10 41.65 25.48
C ARG A 47 8.27 41.32 26.37
N ALA A 48 9.50 41.61 25.90
CA ALA A 48 10.72 41.40 26.72
C ALA A 48 11.40 42.75 26.94
N SER A 49 12.07 42.87 28.09
CA SER A 49 12.82 44.08 28.44
C SER A 49 14.22 43.61 28.85
N PHE A 50 15.20 43.89 28.01
CA PHE A 50 16.55 43.43 28.23
C PHE A 50 17.52 44.48 28.76
N ALA A 51 18.30 44.07 29.75
CA ALA A 51 19.30 44.91 30.35
C ALA A 51 20.51 44.97 29.43
N PRO A 52 21.31 46.03 29.55
CA PRO A 52 22.54 46.10 28.75
C PRO A 52 23.56 45.03 29.13
N GLY A 53 24.43 44.70 28.18
CA GLY A 53 25.51 43.75 28.41
C GLY A 53 25.16 42.28 28.49
N LEU A 54 24.04 41.88 27.91
CA LEU A 54 23.66 40.47 27.98
C LEU A 54 24.10 39.69 26.77
N THR A 55 24.44 38.43 27.04
CA THR A 55 24.78 37.45 26.02
C THR A 55 24.05 36.18 26.41
N LEU A 56 22.95 35.91 25.75
CA LEU A 56 22.16 34.73 26.06
C LEU A 56 22.78 33.50 25.42
N PRO A 57 22.29 32.31 25.80
CA PRO A 57 22.85 31.12 25.18
C PRO A 57 22.38 31.02 23.75
N LEU A 58 22.98 30.11 22.99
CA LEU A 58 22.54 29.88 21.61
C LEU A 58 21.13 29.26 21.63
N HIS A 59 20.23 29.83 20.83
CA HIS A 59 18.84 29.36 20.73
C HIS A 59 18.57 28.73 19.38
N PHE A 60 18.37 27.42 19.33
CA PHE A 60 17.95 26.75 18.09
C PHE A 60 16.43 26.83 18.03
N HIS A 61 15.88 27.41 16.95
CA HIS A 61 14.42 27.57 16.78
C HIS A 61 13.80 26.44 15.98
N THR A 62 12.75 25.82 16.52
CA THR A 62 12.05 24.78 15.80
C THR A 62 10.88 25.35 14.96
N GLY A 63 10.55 26.62 15.18
CA GLY A 63 9.48 27.29 14.46
C GLY A 63 9.90 28.72 14.20
N THR A 64 9.05 29.51 13.54
CA THR A 64 9.43 30.89 13.17
C THR A 64 9.49 31.85 14.35
N VAL A 65 10.23 32.94 14.17
CA VAL A 65 10.29 34.03 15.15
C VAL A 65 10.09 35.34 14.43
N HIS A 66 9.09 36.10 14.89
CA HIS A 66 8.79 37.45 14.40
C HIS A 66 9.11 38.40 15.55
N MSE A 67 10.03 39.32 15.31
CA MSE A 67 10.45 40.21 16.37
C MSE A 67 10.58 41.66 15.93
O MSE A 67 11.17 41.95 14.90
CB MSE A 67 11.76 39.70 16.96
CG MSE A 67 12.42 40.63 17.95
SE MSE A 67 13.22 39.64 19.39
CE MSE A 67 13.79 38.08 18.34
N TYR A 68 10.01 42.53 16.77
CA TYR A 68 10.03 43.95 16.55
C TYR A 68 10.68 44.62 17.76
N THR A 69 11.70 45.40 17.46
CA THR A 69 12.41 46.15 18.48
C THR A 69 11.79 47.51 18.62
N ILE A 70 11.26 47.79 19.80
CA ILE A 70 10.62 49.07 20.07
C ILE A 70 11.73 50.10 20.36
N SER A 71 12.67 49.72 21.22
CA SER A 71 13.76 50.59 21.57
C SER A 71 14.96 49.81 22.02
N GLY A 72 16.08 50.51 22.07
CA GLY A 72 17.35 49.97 22.51
C GLY A 72 18.18 49.47 21.35
N CYS A 73 18.96 48.44 21.63
CA CYS A 73 19.81 47.82 20.64
C CYS A 73 20.18 46.38 21.01
N TRP A 74 20.21 45.52 19.99
CA TRP A 74 20.65 44.15 20.18
C TRP A 74 21.12 43.58 18.85
N TYR A 75 21.94 42.54 18.93
CA TYR A 75 22.47 41.90 17.73
C TYR A 75 22.80 40.43 17.98
N TYR A 76 22.87 39.69 16.89
CA TYR A 76 23.22 38.29 16.97
C TYR A 76 24.72 38.23 16.76
N THR A 77 25.39 37.47 17.63
CA THR A 77 26.86 37.30 17.58
C THR A 77 27.43 37.13 16.18
N GLU A 78 26.74 36.35 15.37
CA GLU A 78 27.15 36.00 14.01
C GLU A 78 27.02 37.17 13.02
N TYR A 79 26.09 38.10 13.28
CA TYR A 79 25.81 39.22 12.37
C TYR A 79 25.98 40.58 13.05
N PRO A 80 27.19 40.89 13.54
CA PRO A 80 27.46 42.13 14.31
C PRO A 80 27.23 43.47 13.60
N GLY A 81 27.25 43.44 12.26
CA GLY A 81 26.99 44.60 11.44
C GLY A 81 25.52 44.87 11.17
N GLN A 82 24.61 44.04 11.69
CA GLN A 82 23.16 44.22 11.47
C GLN A 82 22.41 44.37 12.79
N LYS A 83 22.83 45.37 13.55
CA LYS A 83 22.24 45.64 14.84
C LYS A 83 20.74 45.94 14.69
N GLN A 84 19.94 45.58 15.69
CA GLN A 84 18.51 45.81 15.66
C GLN A 84 18.25 46.95 16.59
N THR A 85 17.62 48.02 16.11
CA THR A 85 17.33 49.20 16.91
C THR A 85 15.88 49.62 16.71
N ALA A 86 15.47 50.76 17.26
CA ALA A 86 14.08 51.23 17.19
C ALA A 86 13.44 51.13 15.80
N GLY A 87 12.29 50.49 15.73
CA GLY A 87 11.59 50.32 14.48
C GLY A 87 12.06 49.18 13.61
N CYS A 88 13.00 48.37 14.12
CA CYS A 88 13.49 47.23 13.33
C CYS A 88 12.66 45.96 13.50
N TYR A 89 12.44 45.27 12.40
CA TYR A 89 11.75 43.98 12.41
C TYR A 89 12.71 42.91 11.90
N LEU A 90 12.56 41.71 12.43
CA LEU A 90 13.33 40.54 12.05
C LEU A 90 12.45 39.32 11.92
N TYR A 91 12.59 38.60 10.83
CA TYR A 91 11.95 37.31 10.64
C TYR A 91 13.07 36.29 10.73
N GLU A 92 12.91 35.30 11.59
CA GLU A 92 13.93 34.26 11.74
C GLU A 92 13.19 32.93 11.43
N PRO A 93 13.66 32.16 10.45
CA PRO A 93 12.91 30.93 10.19
C PRO A 93 13.25 29.81 11.16
N GLY A 94 12.45 28.76 11.10
CA GLY A 94 12.71 27.56 11.87
C GLY A 94 14.00 26.96 11.28
N GLY A 95 14.77 26.31 12.15
CA GLY A 95 16.02 25.67 11.77
C GLY A 95 17.22 26.56 11.98
N SER A 96 16.99 27.82 12.35
CA SER A 96 18.08 28.74 12.58
C SER A 96 18.57 28.65 14.04
N ILE A 97 19.82 29.06 14.24
CA ILE A 97 20.43 29.07 15.54
C ILE A 97 21.31 30.33 15.62
N HIS A 98 20.99 31.23 16.55
CA HIS A 98 21.77 32.45 16.74
C HIS A 98 21.87 32.74 18.22
N GLN A 99 22.69 33.73 18.55
CA GLN A 99 22.94 34.14 19.94
C GLN A 99 22.67 35.63 20.16
N PHE A 100 21.69 35.90 21.01
CA PHE A 100 21.22 37.24 21.35
C PHE A 100 22.25 37.96 22.24
N ASN A 101 22.51 39.22 21.91
CA ASN A 101 23.40 40.04 22.70
C ASN A 101 22.82 41.45 22.82
N THR A 102 22.95 42.05 24.01
CA THR A 102 22.68 43.47 24.17
C THR A 102 24.04 44.05 24.45
N PRO A 103 24.49 44.99 23.62
CA PRO A 103 25.80 45.62 23.88
C PRO A 103 25.91 46.22 25.29
N ARG A 104 27.09 46.13 25.88
CA ARG A 104 27.32 46.75 27.19
C ARG A 104 27.10 48.26 27.15
N ASP A 105 27.27 48.86 25.96
CA ASP A 105 27.19 50.30 25.82
C ASP A 105 25.78 50.84 25.69
N ASN A 106 24.76 50.00 25.75
CA ASN A 106 23.39 50.51 25.71
C ASN A 106 23.18 51.38 26.95
N GLU A 107 22.57 52.56 26.80
CA GLU A 107 22.34 53.39 27.97
CA GLU A 107 22.27 53.44 27.95
C GLU A 107 21.14 52.87 28.77
N GLY A 108 20.24 52.14 28.14
CA GLY A 108 19.10 51.60 28.84
C GLY A 108 18.61 50.24 28.40
N GLN A 109 17.32 50.02 28.63
CA GLN A 109 16.71 48.76 28.33
C GLN A 109 16.45 48.66 26.85
N THR A 110 16.49 47.44 26.36
CA THR A 110 16.18 47.13 24.99
C THR A 110 14.82 46.46 25.09
N GLU A 111 13.83 47.05 24.43
CA GLU A 111 12.45 46.58 24.49
C GLU A 111 11.99 45.91 23.19
N VAL A 112 11.52 44.67 23.29
CA VAL A 112 11.05 43.98 22.06
C VAL A 112 9.68 43.34 22.24
N ILE A 113 9.00 43.11 21.13
CA ILE A 113 7.77 42.33 21.16
C ILE A 113 8.02 41.23 20.17
N PHE A 114 7.78 39.99 20.56
CA PHE A 114 8.00 38.92 19.61
C PHE A 114 6.95 37.87 19.65
N MSE A 115 6.84 37.18 18.54
CA MSE A 115 5.94 36.07 18.38
CA MSE A 115 5.96 36.02 18.43
C MSE A 115 6.81 34.83 18.07
O MSE A 115 7.34 34.72 16.97
CB MSE A 115 4.93 36.37 17.25
CB MSE A 115 4.89 36.16 17.37
CG MSE A 115 4.04 37.65 17.46
CG MSE A 115 3.95 34.97 17.42
SE MSE A 115 4.39 39.42 16.56
SE MSE A 115 2.64 34.98 16.03
CE MSE A 115 6.06 40.09 17.25
CE MSE A 115 1.18 34.12 16.99
N LEU A 116 6.98 33.94 19.05
CA LEU A 116 7.80 32.74 18.89
C LEU A 116 6.98 31.48 18.72
N SER A 117 7.14 30.80 17.60
CA SER A 117 6.46 29.54 17.36
C SER A 117 7.43 28.41 17.59
N GLY A 118 6.89 27.29 18.04
CA GLY A 118 7.68 26.14 18.32
C GLY A 118 8.43 26.30 19.61
N CYS A 119 9.49 25.54 19.70
CA CYS A 119 10.26 25.45 20.90
C CYS A 119 11.69 25.98 20.71
N ASN A 120 12.33 26.22 21.84
CA ASN A 120 13.70 26.68 21.81
CA ASN A 120 13.67 26.74 21.93
C ASN A 120 14.56 25.60 22.43
N VAL A 121 15.59 25.20 21.69
CA VAL A 121 16.50 24.18 22.18
C VAL A 121 17.77 24.98 22.40
N ASN A 122 18.28 24.92 23.64
CA ASN A 122 19.42 25.72 24.07
C ASN A 122 20.75 25.00 24.05
N PHE A 123 21.75 25.62 23.44
CA PHE A 123 23.09 25.06 23.36
C PHE A 123 24.13 26.11 23.75
N THR A 124 25.33 25.65 24.05
CA THR A 124 26.51 26.50 24.29
C THR A 124 27.12 26.74 22.92
N GLN A 125 28.06 27.67 22.80
CA GLN A 125 28.66 27.97 21.48
C GLN A 125 29.31 26.71 20.88
N ASP A 126 29.83 25.82 21.75
CA ASP A 126 30.50 24.62 21.29
C ASP A 126 29.57 23.42 21.03
N GLY A 127 28.25 23.64 21.06
CA GLY A 127 27.27 22.60 20.75
C GLY A 127 26.70 21.74 21.86
N THR A 128 27.05 22.01 23.10
CA THR A 128 26.55 21.21 24.22
C THR A 128 25.12 21.64 24.57
N TYR A 129 24.23 20.66 24.59
CA TYR A 129 22.84 20.88 24.92
C TYR A 129 22.68 21.33 26.37
N LEU A 130 21.98 22.44 26.58
CA LEU A 130 21.73 23.01 27.92
C LEU A 130 20.30 22.72 28.43
N GLY A 131 19.31 22.81 27.55
CA GLY A 131 17.90 22.56 27.88
C GLY A 131 16.92 23.02 26.80
N LEU A 132 15.64 22.78 27.06
CA LEU A 132 14.55 23.13 26.15
C LEU A 132 13.75 24.23 26.79
N SER A 133 13.17 25.09 25.99
CA SER A 133 12.24 26.09 26.50
C SER A 133 11.01 26.18 25.59
N ASP A 134 9.96 25.39 25.85
CA ASP A 134 8.72 25.51 25.07
C ASP A 134 7.72 26.39 25.82
N ALA A 135 6.59 26.69 25.16
CA ALA A 135 5.54 27.52 25.74
C ALA A 135 5.13 27.02 27.13
N GLY A 136 5.05 25.71 27.28
CA GLY A 136 4.70 25.12 28.56
C GLY A 136 5.69 25.46 29.66
N VAL A 137 6.98 25.32 29.36
CA VAL A 137 8.03 25.58 30.35
C VAL A 137 8.01 27.04 30.79
N ILE A 138 7.92 27.93 29.80
CA ILE A 138 7.90 29.36 30.06
C ILE A 138 6.65 29.71 30.87
N LYS A 139 5.53 29.12 30.52
CA LYS A 139 4.29 29.37 31.27
C LYS A 139 4.44 28.98 32.73
N ASN A 140 5.07 27.84 33.00
CA ASN A 140 5.30 27.43 34.40
C ASN A 140 6.11 28.48 35.17
N TRP A 141 7.20 28.99 34.58
N TRP A 141 7.20 28.97 34.54
CA TRP A 141 7.96 30.02 35.27
CA TRP A 141 8.04 30.03 35.14
C TRP A 141 7.10 31.27 35.44
C TRP A 141 7.22 31.31 35.35
N VAL A 142 6.35 31.63 34.39
CA VAL A 142 5.47 32.82 34.47
C VAL A 142 4.50 32.72 35.65
N ASP A 143 3.76 31.61 35.71
CA ASP A 143 2.75 31.42 36.77
C ASP A 143 3.41 31.41 38.14
N ARG A 144 4.61 30.86 38.23
CA ARG A 144 5.38 30.85 39.48
C ARG A 144 5.87 32.25 39.79
N ALA A 145 6.29 32.98 38.75
CA ALA A 145 6.83 34.33 38.93
C ALA A 145 5.73 35.27 39.43
N ILE A 146 4.52 35.10 38.89
CA ILE A 146 3.37 35.91 39.28
C ILE A 146 3.10 35.76 40.77
N ARG A 147 3.15 34.51 41.26
CA ARG A 147 2.98 34.23 42.69
C ARG A 147 4.17 34.77 43.48
N GLU A 148 5.37 34.26 43.21
CA GLU A 148 6.60 34.68 43.94
C GLU A 148 6.85 36.19 44.01
N GLN A 149 6.59 36.92 42.93
CA GLN A 149 6.81 38.37 42.87
C GLN A 149 5.57 39.20 43.22
N ASP A 150 4.47 38.51 43.58
CA ASP A 150 3.23 39.15 43.98
C ASP A 150 2.72 40.13 42.90
N ASN A 151 2.83 39.71 41.65
CA ASN A 151 2.44 40.55 40.53
C ASN A 151 0.99 40.26 40.19
N GLY A 152 0.20 41.31 40.02
CA GLY A 152 -1.25 41.18 39.75
C GLY A 152 -1.62 41.29 38.28
N LEU A 153 -0.72 40.85 37.42
CA LEU A 153 -0.87 40.85 35.97
C LEU A 153 -1.72 39.68 35.47
N ARG A 154 -2.25 39.83 34.27
CA ARG A 154 -3.04 38.80 33.60
C ARG A 154 -2.55 38.69 32.17
N TYR A 155 -2.64 37.50 31.60
CA TYR A 155 -2.26 37.27 30.20
C TYR A 155 -3.26 36.27 29.58
N ILE A 156 -3.19 36.10 28.26
CA ILE A 156 -4.10 35.21 27.56
C ILE A 156 -3.45 33.85 27.36
N ALA A 157 -4.22 32.79 27.61
CA ALA A 157 -3.72 31.43 27.50
C ALA A 157 -4.74 30.54 26.80
N ALA A 158 -4.26 29.64 25.95
CA ALA A 158 -5.12 28.71 25.25
C ALA A 158 -5.21 27.44 26.10
N ALA A 159 -6.41 26.93 26.33
CA ALA A 159 -6.60 25.68 27.10
C ALA A 159 -6.26 24.45 26.25
N VAL A 160 -5.99 23.33 26.93
CA VAL A 160 -5.65 22.09 26.24
C VAL A 160 -6.86 21.55 25.53
N PRO A 161 -6.70 21.07 24.29
CA PRO A 161 -7.86 20.45 23.62
C PRO A 161 -8.35 19.21 24.35
N THR A 162 -9.65 18.95 24.28
CA THR A 162 -10.23 17.76 24.88
C THR A 162 -11.30 17.25 23.93
N TYR A 163 -12.09 16.28 24.37
CA TYR A 163 -13.18 15.78 23.55
C TYR A 163 -14.28 16.82 23.58
N ALA A 164 -14.96 16.99 22.45
CA ALA A 164 -16.00 17.98 22.32
C ALA A 164 -17.14 17.68 23.27
N ALA A 165 -17.73 18.75 23.83
CA ALA A 165 -18.84 18.63 24.75
C ALA A 165 -20.13 18.32 23.98
N GLU B 8 24.75 33.68 4.99
CA GLU B 8 23.34 33.26 5.27
C GLU B 8 22.31 34.41 5.21
N LYS B 9 22.70 35.64 5.56
CA LYS B 9 21.82 36.84 5.47
C LYS B 9 20.57 36.91 6.39
N LEU B 10 20.53 37.93 7.23
CA LEU B 10 19.45 38.10 8.18
C LEU B 10 18.32 38.82 7.46
N LEU B 11 17.10 38.31 7.59
CA LEU B 11 15.93 38.92 6.97
C LEU B 11 15.37 40.00 7.91
N THR B 12 15.79 41.23 7.70
CA THR B 12 15.43 42.32 8.61
C THR B 12 14.94 43.55 7.86
N VAL B 13 14.04 44.30 8.48
CA VAL B 13 13.46 45.54 7.90
C VAL B 13 13.49 46.67 8.94
N ASP B 14 13.93 47.85 8.54
CA ASP B 14 14.03 49.01 9.43
C ASP B 14 12.93 49.99 9.01
N THR B 15 11.86 50.05 9.78
CA THR B 15 10.70 50.91 9.47
C THR B 15 10.94 52.40 9.73
N THR B 16 12.18 52.79 10.06
CA THR B 16 12.51 54.21 10.18
C THR B 16 13.37 54.62 9.01
N ALA B 17 13.78 53.65 8.19
CA ALA B 17 14.66 53.90 7.05
C ALA B 17 13.95 54.29 5.77
N HIS B 18 12.63 54.26 5.76
CA HIS B 18 11.84 54.69 4.61
C HIS B 18 10.50 55.20 5.10
N PRO B 19 9.80 55.97 4.28
CA PRO B 19 8.47 56.41 4.72
C PRO B 19 7.45 55.32 4.52
N PHE B 20 6.37 55.39 5.29
CA PHE B 20 5.28 54.42 5.17
C PHE B 20 4.60 54.57 3.81
N LEU B 21 3.96 53.49 3.38
CA LEU B 21 3.16 53.50 2.18
C LEU B 21 1.87 54.22 2.57
N LYS B 22 1.59 55.31 1.87
CA LYS B 22 0.47 56.19 2.22
C LYS B 22 -0.89 55.72 1.69
N ALA B 23 -1.93 55.94 2.50
CA ALA B 23 -3.34 55.67 2.13
C ALA B 23 -3.66 54.29 1.50
N LEU B 24 -3.60 53.24 2.31
CA LEU B 24 -3.91 51.88 1.87
C LEU B 24 -5.25 51.85 1.19
N GLY B 25 -5.30 51.21 0.02
CA GLY B 25 -6.51 51.14 -0.81
C GLY B 25 -7.22 52.47 -0.99
N GLY B 26 -6.44 53.54 -1.11
CA GLY B 26 -7.02 54.88 -1.26
C GLY B 26 -7.61 55.49 0.00
N HIS B 27 -7.54 54.80 1.14
CA HIS B 27 -8.10 55.31 2.38
C HIS B 27 -7.15 56.29 3.11
N GLU B 28 -7.31 57.59 2.87
CA GLU B 28 -6.48 58.58 3.56
C GLU B 28 -6.45 58.34 5.05
N GLY B 29 -5.29 58.52 5.67
CA GLY B 29 -5.14 58.36 7.10
C GLY B 29 -4.65 57.01 7.58
N THR B 30 -4.67 56.01 6.69
CA THR B 30 -4.19 54.68 7.02
C THR B 30 -2.94 54.44 6.21
N ASP B 31 -1.79 54.55 6.86
CA ASP B 31 -0.48 54.34 6.23
C ASP B 31 0.06 53.04 6.79
N ILE B 32 0.75 52.26 5.96
CA ILE B 32 1.29 51.01 6.43
C ILE B 32 2.72 50.80 5.98
N PHE B 33 3.44 49.95 6.73
CA PHE B 33 4.80 49.52 6.37
C PHE B 33 4.77 47.99 6.46
N PRO B 34 4.92 47.27 5.34
CA PRO B 34 4.82 45.81 5.39
C PRO B 34 6.10 45.25 5.95
N LEU B 35 5.97 44.17 6.72
CA LEU B 35 7.13 43.51 7.32
C LEU B 35 7.25 42.10 6.76
N PHE B 36 6.20 41.30 6.92
CA PHE B 36 6.20 39.91 6.44
C PHE B 36 4.87 39.61 5.78
N MSE B 37 4.89 39.06 4.58
CA MSE B 37 3.65 38.72 3.90
C MSE B 37 3.71 37.33 3.32
O MSE B 37 4.65 36.99 2.61
CB MSE B 37 3.38 39.73 2.79
CG MSE B 37 3.52 41.16 3.29
SE MSE B 37 2.34 42.40 2.38
CE MSE B 37 0.71 41.83 3.28
N ASP B 38 2.70 36.54 3.62
CA ASP B 38 2.62 35.17 3.16
C ASP B 38 1.19 34.91 2.70
N PRO B 39 0.92 35.19 1.41
CA PRO B 39 -0.39 34.94 0.82
C PRO B 39 -0.81 33.48 0.78
N TYR B 40 0.14 32.55 0.88
CA TYR B 40 -0.16 31.14 0.73
C TYR B 40 -0.52 30.47 2.04
N ASN B 41 -0.08 31.04 3.16
CA ASN B 41 -0.55 30.59 4.47
C ASN B 41 -1.59 31.57 5.04
N GLY B 42 -1.84 32.66 4.31
CA GLY B 42 -2.80 33.66 4.75
C GLY B 42 -2.36 34.37 6.02
N LEU B 43 -1.14 34.87 6.02
CA LEU B 43 -0.57 35.54 7.19
C LEU B 43 0.16 36.78 6.78
N MSE B 44 0.10 37.81 7.61
CA MSE B 44 0.86 39.03 7.33
C MSE B 44 1.20 39.69 8.65
O MSE B 44 0.42 39.60 9.59
CB MSE B 44 0.10 39.99 6.40
CG MSE B 44 -1.07 40.75 7.04
SE MSE B 44 -2.15 41.73 5.74
CE MSE B 44 -3.45 40.34 5.32
N VAL B 45 2.37 40.31 8.73
CA VAL B 45 2.79 41.02 9.92
C VAL B 45 3.11 42.39 9.42
N MSE B 46 2.41 43.41 9.91
CA MSE B 46 2.57 44.78 9.42
C MSE B 46 2.67 45.85 10.50
O MSE B 46 2.23 45.67 11.63
CB MSE B 46 1.30 45.17 8.65
CG MSE B 46 0.71 44.16 7.68
SE MSE B 46 1.63 43.96 5.95
CE MSE B 46 2.82 42.56 6.32
N ARG B 47 3.21 46.99 10.11
CA ARG B 47 3.14 48.21 10.92
C ARG B 47 2.16 49.18 10.26
N ALA B 48 1.36 49.83 11.10
CA ALA B 48 0.35 50.77 10.63
C ALA B 48 0.42 52.07 11.43
N SER B 49 0.15 53.18 10.75
CA SER B 49 0.15 54.50 11.36
C SER B 49 -1.17 55.12 10.96
N PHE B 50 -1.99 55.46 11.96
CA PHE B 50 -3.32 55.99 11.75
C PHE B 50 -3.46 57.46 12.22
N ALA B 51 -4.08 58.27 11.37
CA ALA B 51 -4.33 59.64 11.67
C ALA B 51 -5.46 59.75 12.70
N PRO B 52 -5.58 60.91 13.36
CA PRO B 52 -6.72 61.13 14.24
C PRO B 52 -8.04 61.25 13.49
N GLY B 53 -9.12 60.84 14.14
CA GLY B 53 -10.46 60.99 13.59
C GLY B 53 -10.88 60.08 12.46
N LEU B 54 -10.41 58.85 12.45
CA LEU B 54 -10.81 57.90 11.42
C LEU B 54 -11.81 56.91 11.95
N THR B 55 -12.65 56.43 11.04
CA THR B 55 -13.59 55.38 11.34
C THR B 55 -13.55 54.52 10.10
N LEU B 56 -12.93 53.35 10.19
CA LEU B 56 -12.82 52.45 9.06
C LEU B 56 -14.12 51.65 8.86
N PRO B 57 -14.20 50.86 7.77
CA PRO B 57 -15.43 50.10 7.57
C PRO B 57 -15.53 48.87 8.47
N LEU B 58 -16.75 48.35 8.64
CA LEU B 58 -17.00 47.14 9.41
C LEU B 58 -16.35 45.97 8.67
N HIS B 59 -15.48 45.25 9.39
CA HIS B 59 -14.77 44.12 8.84
C HIS B 59 -15.10 42.87 9.63
N PHE B 60 -15.73 41.89 8.98
CA PHE B 60 -15.84 40.57 9.58
C PHE B 60 -14.46 40.01 9.30
N HIS B 61 -13.77 39.50 10.32
CA HIS B 61 -12.47 38.92 10.12
CA HIS B 61 -12.44 38.91 10.12
C HIS B 61 -12.51 37.41 10.41
N THR B 62 -11.88 36.62 9.54
CA THR B 62 -11.91 35.17 9.66
C THR B 62 -10.85 34.54 10.56
N GLY B 63 -9.61 35.02 10.52
CA GLY B 63 -8.54 34.42 11.31
C GLY B 63 -8.18 35.22 12.53
N THR B 64 -7.14 34.80 13.26
CA THR B 64 -6.75 35.46 14.48
C THR B 64 -6.00 36.77 14.20
N VAL B 65 -6.09 37.67 15.17
CA VAL B 65 -5.36 38.92 15.14
C VAL B 65 -4.64 39.07 16.46
N HIS B 66 -3.38 39.45 16.38
CA HIS B 66 -2.52 39.72 17.52
C HIS B 66 -2.09 41.13 17.25
N MSE B 67 -2.52 42.05 18.10
CA MSE B 67 -2.30 43.47 17.89
C MSE B 67 -1.54 44.08 19.07
O MSE B 67 -1.86 43.78 20.22
CB MSE B 67 -3.68 44.11 17.83
CG MSE B 67 -3.70 45.62 17.74
SE MSE B 67 -3.64 46.33 15.95
CE MSE B 67 -5.45 45.92 15.40
N TYR B 68 -0.57 44.94 18.78
CA TYR B 68 0.13 45.67 19.83
C TYR B 68 0.18 47.13 19.43
N THR B 69 -0.28 47.97 20.35
CA THR B 69 -0.36 49.40 20.15
C THR B 69 0.86 50.04 20.77
N ILE B 70 1.68 50.68 19.94
CA ILE B 70 2.91 51.31 20.39
C ILE B 70 2.66 52.72 20.92
N SER B 71 1.88 53.50 20.19
CA SER B 71 1.56 54.85 20.62
C SER B 71 0.19 55.28 20.09
N GLY B 72 -0.32 56.36 20.66
CA GLY B 72 -1.58 56.93 20.25
C GLY B 72 -2.77 56.30 20.92
N CYS B 73 -3.89 56.23 20.20
CA CYS B 73 -5.11 55.68 20.79
C CYS B 73 -6.20 55.29 19.77
N TRP B 74 -6.73 54.07 19.92
CA TRP B 74 -7.82 53.59 19.08
C TRP B 74 -8.79 52.70 19.83
N TYR B 75 -9.94 52.47 19.23
CA TYR B 75 -10.95 51.61 19.83
C TYR B 75 -11.89 51.03 18.79
N TYR B 76 -12.49 49.89 19.14
CA TYR B 76 -13.50 49.29 18.28
C TYR B 76 -14.84 49.89 18.68
N THR B 77 -15.67 50.21 17.69
CA THR B 77 -17.00 50.80 17.93
C THR B 77 -17.82 49.99 18.93
N GLU B 78 -17.65 48.68 18.89
CA GLU B 78 -18.42 47.78 19.73
C GLU B 78 -17.82 47.50 21.10
N TYR B 79 -16.67 48.11 21.41
CA TYR B 79 -16.05 48.01 22.74
C TYR B 79 -15.44 49.35 23.08
N PRO B 80 -16.26 50.40 23.19
CA PRO B 80 -15.69 51.73 23.41
C PRO B 80 -15.01 51.90 24.77
N GLY B 81 -15.34 51.05 25.73
CA GLY B 81 -14.72 51.11 27.05
C GLY B 81 -13.38 50.40 27.17
N GLN B 82 -12.83 49.91 26.07
CA GLN B 82 -11.53 49.25 26.13
C GLN B 82 -10.65 49.83 25.05
N LYS B 83 -10.35 51.11 25.23
CA LYS B 83 -9.52 51.85 24.30
C LYS B 83 -8.11 51.27 24.36
N GLN B 84 -7.43 51.27 23.22
CA GLN B 84 -6.09 50.71 23.12
C GLN B 84 -5.09 51.85 23.01
N THR B 85 -4.07 51.82 23.87
CA THR B 85 -3.08 52.88 23.93
C THR B 85 -1.68 52.26 24.09
N ALA B 86 -0.65 53.11 24.24
CA ALA B 86 0.73 52.62 24.32
C ALA B 86 0.87 51.43 25.26
N GLY B 87 1.45 50.35 24.75
CA GLY B 87 1.70 49.15 25.54
C GLY B 87 0.57 48.14 25.62
N CYS B 88 -0.56 48.45 24.98
CA CYS B 88 -1.68 47.53 25.02
C CYS B 88 -1.59 46.44 23.98
N TYR B 89 -1.90 45.21 24.41
CA TYR B 89 -1.94 44.06 23.52
C TYR B 89 -3.39 43.58 23.39
N LEU B 90 -3.79 43.20 22.18
CA LEU B 90 -5.13 42.66 21.94
C LEU B 90 -5.06 41.35 21.18
N TYR B 91 -5.84 40.37 21.63
CA TYR B 91 -5.99 39.08 20.94
C TYR B 91 -7.42 38.98 20.47
N GLU B 92 -7.60 38.84 19.17
CA GLU B 92 -8.91 38.65 18.56
C GLU B 92 -9.01 37.25 17.94
N PRO B 93 -9.87 36.38 18.49
CA PRO B 93 -9.97 35.09 17.82
C PRO B 93 -10.76 35.26 16.52
N GLY B 94 -10.68 34.28 15.65
CA GLY B 94 -11.37 34.40 14.37
C GLY B 94 -12.88 34.39 14.52
N GLY B 95 -13.58 35.04 13.59
CA GLY B 95 -15.05 34.99 13.57
C GLY B 95 -15.81 36.21 14.05
N SER B 96 -15.11 37.20 14.59
CA SER B 96 -15.77 38.43 15.06
C SER B 96 -15.88 39.45 13.94
N ILE B 97 -16.68 40.48 14.19
CA ILE B 97 -16.84 41.60 13.28
C ILE B 97 -16.58 42.89 14.06
N HIS B 98 -15.64 43.69 13.59
CA HIS B 98 -15.24 44.92 14.27
CA HIS B 98 -15.32 44.94 14.29
C HIS B 98 -15.18 46.16 13.36
N GLN B 99 -15.05 47.34 13.97
CA GLN B 99 -14.91 48.63 13.26
C GLN B 99 -13.89 49.51 13.99
N PHE B 100 -12.80 49.81 13.32
CA PHE B 100 -11.68 50.53 13.90
C PHE B 100 -11.97 52.01 13.92
N ASN B 101 -11.62 52.68 15.02
CA ASN B 101 -11.78 54.13 15.18
C ASN B 101 -10.59 54.79 15.85
N THR B 102 -10.23 55.99 15.40
CA THR B 102 -9.24 56.81 16.10
C THR B 102 -10.04 58.03 16.51
N PRO B 103 -10.02 58.38 17.79
CA PRO B 103 -10.77 59.55 18.23
C PRO B 103 -10.32 60.82 17.54
N ARG B 104 -11.30 61.66 17.19
CA ARG B 104 -11.05 62.97 16.56
C ARG B 104 -10.08 63.85 17.35
N ASP B 105 -10.09 63.71 18.67
CA ASP B 105 -9.22 64.52 19.53
C ASP B 105 -7.82 63.96 19.79
N ASN B 106 -7.45 62.86 19.12
CA ASN B 106 -6.07 62.37 19.21
C ASN B 106 -5.18 63.51 18.75
N GLU B 107 -4.09 63.74 19.46
CA GLU B 107 -3.18 64.80 19.09
C GLU B 107 -2.20 64.36 18.02
N GLY B 108 -1.90 63.08 17.93
CA GLY B 108 -0.97 62.59 16.91
C GLY B 108 -1.36 61.28 16.26
N GLN B 109 -0.37 60.63 15.64
CA GLN B 109 -0.57 59.38 14.93
C GLN B 109 -0.71 58.23 15.92
N THR B 110 -1.44 57.20 15.51
CA THR B 110 -1.60 56.01 16.33
C THR B 110 -0.81 54.91 15.65
N GLU B 111 0.21 54.43 16.34
CA GLU B 111 1.12 53.44 15.79
C GLU B 111 0.85 52.04 16.33
N VAL B 112 0.75 51.07 15.44
CA VAL B 112 0.51 49.68 15.85
C VAL B 112 1.29 48.67 15.01
N ILE B 113 1.51 47.50 15.59
CA ILE B 113 2.13 46.40 14.88
C ILE B 113 1.20 45.21 15.09
N PHE B 114 0.83 44.53 14.02
CA PHE B 114 -0.09 43.43 14.18
C PHE B 114 0.20 42.26 13.28
N MSE B 115 -0.35 41.11 13.65
CA MSE B 115 -0.21 39.90 12.86
C MSE B 115 -1.62 39.44 12.56
O MSE B 115 -2.35 39.07 13.47
CB MSE B 115 0.51 38.80 13.62
CG MSE B 115 0.78 37.60 12.75
SE MSE B 115 1.61 36.21 13.80
CE MSE B 115 0.00 35.60 14.66
N LEU B 116 -1.97 39.43 11.28
CA LEU B 116 -3.29 39.07 10.82
C LEU B 116 -3.31 37.76 9.99
N SER B 117 -4.04 36.77 10.47
CA SER B 117 -4.23 35.53 9.73
C SER B 117 -5.58 35.59 9.08
N GLY B 118 -5.74 34.84 8.01
CA GLY B 118 -7.01 34.72 7.31
C GLY B 118 -7.30 35.87 6.37
N CYS B 119 -8.53 36.36 6.40
CA CYS B 119 -8.92 37.46 5.55
C CYS B 119 -10.09 38.22 6.18
N ASN B 120 -10.45 39.34 5.56
CA ASN B 120 -11.55 40.19 6.00
C ASN B 120 -12.58 40.31 4.92
N VAL B 121 -13.82 40.04 5.28
CA VAL B 121 -14.93 40.22 4.38
C VAL B 121 -15.51 41.58 4.77
N ASN B 122 -15.46 42.53 3.84
CA ASN B 122 -15.86 43.92 4.10
C ASN B 122 -17.35 44.19 3.84
N PHE B 123 -17.99 44.81 4.83
CA PHE B 123 -19.43 45.12 4.78
C PHE B 123 -19.67 46.61 5.10
N LEU B 132 -13.54 41.03 -0.27
CA LEU B 132 -12.48 40.32 0.42
C LEU B 132 -11.08 40.94 0.43
N SER B 133 -10.46 40.93 1.61
CA SER B 133 -9.10 41.39 1.74
C SER B 133 -8.27 40.34 2.48
N ASP B 134 -7.37 39.69 1.75
CA ASP B 134 -6.44 38.70 2.31
C ASP B 134 -5.01 39.19 2.06
N ALA B 135 -4.02 38.51 2.62
CA ALA B 135 -2.61 38.89 2.45
C ALA B 135 -2.25 39.17 0.99
N GLY B 136 -2.81 38.38 0.07
CA GLY B 136 -2.54 38.53 -1.35
C GLY B 136 -3.00 39.87 -1.90
N VAL B 137 -4.24 40.24 -1.61
CA VAL B 137 -4.78 41.51 -2.08
C VAL B 137 -3.98 42.68 -1.49
N ILE B 138 -3.66 42.62 -0.20
CA ILE B 138 -2.87 43.65 0.44
C ILE B 138 -1.47 43.67 -0.17
N LYS B 139 -0.92 42.50 -0.49
CA LYS B 139 0.41 42.46 -1.09
C LYS B 139 0.39 43.10 -2.48
N ASN B 140 -0.65 42.85 -3.27
CA ASN B 140 -0.76 43.47 -4.59
C ASN B 140 -0.79 44.98 -4.45
N TRP B 141 -1.48 45.48 -3.42
CA TRP B 141 -1.51 46.91 -3.20
C TRP B 141 -0.11 47.40 -2.81
N VAL B 142 0.50 46.72 -1.86
CA VAL B 142 1.81 47.11 -1.35
C VAL B 142 2.84 47.26 -2.46
N ASP B 143 2.93 46.24 -3.31
CA ASP B 143 3.88 46.24 -4.42
C ASP B 143 3.60 47.38 -5.37
N ARG B 144 2.32 47.65 -5.61
CA ARG B 144 1.94 48.71 -6.52
C ARG B 144 2.19 50.08 -5.89
N ALA B 145 2.00 50.22 -4.58
CA ALA B 145 2.27 51.48 -3.87
C ALA B 145 3.76 51.77 -3.91
N ILE B 146 4.57 50.73 -3.72
CA ILE B 146 6.01 50.85 -3.77
C ILE B 146 6.46 51.49 -5.09
N ARG B 147 5.91 51.01 -6.21
CA ARG B 147 6.21 51.59 -7.52
C ARG B 147 5.68 53.02 -7.60
N GLU B 148 4.36 53.17 -7.39
CA GLU B 148 3.66 54.47 -7.52
C GLU B 148 4.10 55.62 -6.61
N GLN B 149 4.54 55.31 -5.40
CA GLN B 149 5.06 56.32 -4.48
C GLN B 149 6.59 56.33 -4.50
N ASP B 150 7.19 55.61 -5.46
CA ASP B 150 8.63 55.57 -5.63
C ASP B 150 9.33 55.35 -4.30
N ASN B 151 8.79 54.43 -3.53
CA ASN B 151 9.31 54.15 -2.21
C ASN B 151 10.30 52.99 -2.34
N GLY B 152 11.49 53.16 -1.78
CA GLY B 152 12.53 52.12 -1.85
C GLY B 152 12.57 51.12 -0.70
N LEU B 153 11.47 50.93 0.01
CA LEU B 153 11.48 49.99 1.12
C LEU B 153 11.47 48.55 0.59
N ARG B 154 11.81 47.63 1.48
CA ARG B 154 11.73 46.22 1.17
C ARG B 154 11.13 45.51 2.39
N TYR B 155 10.43 44.41 2.13
CA TYR B 155 9.78 43.60 3.15
C TYR B 155 10.09 42.14 2.84
N ILE B 156 9.68 41.24 3.73
CA ILE B 156 9.94 39.82 3.59
C ILE B 156 8.71 39.13 3.04
N ALA B 157 8.90 38.22 2.09
CA ALA B 157 7.76 37.55 1.49
C ALA B 157 8.03 36.07 1.33
N ALA B 158 6.97 35.28 1.47
CA ALA B 158 7.04 33.82 1.34
C ALA B 158 6.60 33.46 -0.05
N ALA B 159 7.42 32.73 -0.79
CA ALA B 159 7.05 32.30 -2.14
C ALA B 159 6.10 31.13 -2.06
N VAL B 160 5.39 30.86 -3.14
CA VAL B 160 4.49 29.73 -3.17
C VAL B 160 5.32 28.46 -3.10
N PRO B 161 4.89 27.49 -2.27
CA PRO B 161 5.55 26.19 -2.31
C PRO B 161 5.52 25.61 -3.71
N THR B 162 6.50 24.79 -4.07
CA THR B 162 6.56 24.15 -5.41
C THR B 162 7.11 22.76 -5.28
N TYR B 163 7.16 22.02 -6.40
CA TYR B 163 7.74 20.67 -6.38
C TYR B 163 9.19 20.91 -5.99
N ALA B 164 9.74 20.01 -5.19
CA ALA B 164 11.09 20.17 -4.68
C ALA B 164 12.05 19.91 -5.79
N ALA B 165 13.13 20.68 -5.80
CA ALA B 165 14.18 20.54 -6.81
C ALA B 165 14.96 19.28 -6.50
N GLU C 8 -1.37 27.78 -13.60
CA GLU C 8 -0.91 26.92 -12.48
C GLU C 8 -1.20 25.46 -12.82
N LYS C 9 -0.52 24.54 -12.14
CA LYS C 9 -0.76 23.09 -12.25
C LYS C 9 -0.82 22.70 -10.78
N LEU C 10 -1.60 21.65 -10.45
CA LEU C 10 -1.73 21.26 -9.05
C LEU C 10 -0.47 20.62 -8.52
N LEU C 11 -0.16 20.92 -7.26
CA LEU C 11 1.00 20.35 -6.59
C LEU C 11 0.52 19.05 -5.98
N THR C 12 0.75 17.96 -6.69
CA THR C 12 0.26 16.65 -6.31
C THR C 12 1.33 15.57 -6.32
N VAL C 13 1.29 14.70 -5.30
CA VAL C 13 2.23 13.59 -5.14
C VAL C 13 1.49 12.22 -5.05
N ASP C 14 1.79 11.29 -5.96
CA ASP C 14 1.17 9.96 -5.96
C ASP C 14 2.13 8.99 -5.29
N THR C 15 1.79 8.58 -4.08
CA THR C 15 2.66 7.70 -3.30
C THR C 15 2.76 6.27 -3.83
N THR C 16 1.86 5.87 -4.72
CA THR C 16 1.90 4.54 -5.35
C THR C 16 2.73 4.54 -6.64
N ALA C 17 3.20 5.71 -7.12
CA ALA C 17 3.94 5.79 -8.40
C ALA C 17 5.44 5.54 -8.32
N HIS C 18 5.97 5.46 -7.11
CA HIS C 18 7.40 5.24 -6.91
C HIS C 18 7.55 4.55 -5.58
N PRO C 19 8.67 3.84 -5.37
CA PRO C 19 8.80 3.17 -4.09
C PRO C 19 9.09 4.13 -2.95
N PHE C 20 8.78 3.72 -1.73
CA PHE C 20 9.13 4.54 -0.58
C PHE C 20 10.64 4.55 -0.43
N LEU C 21 11.14 5.58 0.23
CA LEU C 21 12.54 5.72 0.53
C LEU C 21 12.80 4.79 1.73
N LYS C 22 13.81 3.94 1.61
CA LYS C 22 14.06 2.90 2.58
C LYS C 22 15.00 3.25 3.72
N ALA C 23 14.64 2.77 4.92
CA ALA C 23 15.47 2.85 6.13
C ALA C 23 15.86 4.27 6.59
N LEU C 24 14.85 5.07 6.91
CA LEU C 24 15.07 6.43 7.37
C LEU C 24 16.16 6.41 8.44
N GLY C 25 17.17 7.25 8.22
CA GLY C 25 18.31 7.35 9.12
C GLY C 25 19.02 6.01 9.33
N GLY C 26 19.04 5.17 8.29
CA GLY C 26 19.64 3.83 8.40
C GLY C 26 18.88 2.79 9.23
N HIS C 27 17.66 3.12 9.66
CA HIS C 27 16.83 2.22 10.48
C HIS C 27 15.92 1.37 9.59
N GLU C 28 16.40 0.18 9.30
CA GLU C 28 15.66 -0.80 8.50
C GLU C 28 14.28 -1.06 9.09
N GLY C 29 13.27 -1.08 8.24
CA GLY C 29 11.92 -1.33 8.71
C GLY C 29 11.09 -0.07 8.78
N THR C 30 11.74 1.09 8.82
CA THR C 30 11.05 2.36 8.74
C THR C 30 11.30 2.95 7.35
N ASP C 31 10.28 2.96 6.51
CA ASP C 31 10.37 3.54 5.17
C ASP C 31 9.45 4.76 5.18
N ILE C 32 9.71 5.73 4.31
CA ILE C 32 8.86 6.92 4.24
C ILE C 32 8.70 7.44 2.83
N PHE C 33 7.63 8.20 2.62
CA PHE C 33 7.39 8.87 1.33
C PHE C 33 7.07 10.31 1.70
N PRO C 34 7.93 11.26 1.32
CA PRO C 34 7.66 12.62 1.76
C PRO C 34 6.56 13.22 0.91
N LEU C 35 5.75 14.08 1.52
CA LEU C 35 4.64 14.75 0.82
C LEU C 35 4.83 16.24 0.84
N PHE C 36 4.98 16.81 2.03
CA PHE C 36 5.18 18.25 2.16
C PHE C 36 6.18 18.55 3.26
N MSE C 37 7.24 19.27 2.93
CA MSE C 37 8.24 19.60 3.93
C MSE C 37 8.46 21.08 3.94
O MSE C 37 8.51 21.70 2.88
CB MSE C 37 9.53 18.87 3.63
CG MSE C 37 9.24 17.48 3.23
SE MSE C 37 10.65 16.35 3.78
CE MSE C 37 10.14 16.32 5.70
N ASP C 38 8.56 21.64 5.13
CA ASP C 38 8.71 23.05 5.32
C ASP C 38 9.58 23.24 6.54
N PRO C 39 10.90 23.25 6.33
CA PRO C 39 11.85 23.43 7.41
C PRO C 39 11.77 24.80 8.06
N TYR C 40 11.11 25.75 7.43
CA TYR C 40 11.10 27.12 7.91
C TYR C 40 9.97 27.42 8.84
N ASN C 41 8.83 26.79 8.61
CA ASN C 41 7.75 26.86 9.57
C ASN C 41 7.84 25.69 10.54
N GLY C 42 8.70 24.72 10.23
CA GLY C 42 8.90 23.57 11.09
C GLY C 42 7.71 22.67 11.06
N LEU C 43 7.41 22.21 9.86
CA LEU C 43 6.25 21.35 9.63
C LEU C 43 6.55 20.35 8.54
N MSE C 44 6.05 19.14 8.66
CA MSE C 44 6.20 18.17 7.57
C MSE C 44 4.99 17.25 7.51
O MSE C 44 4.41 16.94 8.55
CB MSE C 44 7.49 17.36 7.70
CG MSE C 44 7.49 16.30 8.81
SE MSE C 44 9.25 15.51 9.14
CE MSE C 44 9.84 16.73 10.55
N VAL C 45 4.61 16.85 6.30
CA VAL C 45 3.51 15.90 6.11
C VAL C 45 4.11 14.73 5.34
N MSE C 46 4.04 13.54 5.91
CA MSE C 46 4.67 12.38 5.32
C MSE C 46 3.81 11.13 5.36
O MSE C 46 2.86 11.04 6.11
CB MSE C 46 5.86 11.98 6.18
CG MSE C 46 6.80 13.09 6.66
SE MSE C 46 8.09 13.67 5.32
CE MSE C 46 7.27 15.20 4.58
N ARG C 47 4.20 10.17 4.55
CA ARG C 47 3.68 8.83 4.67
C ARG C 47 4.79 7.95 5.17
N ALA C 48 4.48 7.13 6.18
CA ALA C 48 5.44 6.20 6.76
C ALA C 48 4.87 4.77 6.73
N SER C 49 5.75 3.81 6.52
CA SER C 49 5.41 2.41 6.38
C SER C 49 6.35 1.61 7.28
N PHE C 50 5.80 0.88 8.26
CA PHE C 50 6.60 0.15 9.27
C PHE C 50 6.47 -1.39 9.30
N ALA C 51 7.60 -2.08 9.33
CA ALA C 51 7.63 -3.54 9.46
C ALA C 51 7.18 -3.96 10.89
N PRO C 52 6.82 -5.24 11.06
CA PRO C 52 6.43 -5.75 12.39
C PRO C 52 7.59 -5.84 13.37
N GLY C 53 7.27 -5.79 14.66
CA GLY C 53 8.28 -5.95 15.73
C GLY C 53 9.29 -4.84 15.91
N LEU C 54 8.91 -3.62 15.63
CA LEU C 54 9.82 -2.50 15.79
C LEU C 54 9.60 -1.80 17.11
N THR C 55 10.68 -1.23 17.64
CA THR C 55 10.67 -0.38 18.83
C THR C 55 11.63 0.77 18.58
N LEU C 56 11.11 1.90 18.12
CA LEU C 56 11.95 3.05 17.81
C LEU C 56 12.46 3.75 19.08
N PRO C 57 13.43 4.68 18.92
CA PRO C 57 13.93 5.38 20.12
C PRO C 57 12.95 6.34 20.75
N LEU C 58 13.12 6.56 22.06
CA LEU C 58 12.32 7.52 22.80
C LEU C 58 12.57 8.85 22.16
N HIS C 59 11.51 9.54 21.78
CA HIS C 59 11.63 10.87 21.21
C HIS C 59 10.77 11.80 22.03
N PHE C 60 11.29 12.98 22.34
CA PHE C 60 10.55 14.07 22.94
C PHE C 60 10.15 14.90 21.72
N HIS C 61 8.84 15.01 21.44
CA HIS C 61 8.35 15.79 20.28
C HIS C 61 7.98 17.18 20.82
N THR C 62 8.56 18.22 20.23
CA THR C 62 8.34 19.59 20.69
C THR C 62 7.00 20.15 20.26
N GLY C 63 6.58 19.92 19.03
CA GLY C 63 5.30 20.46 18.54
C GLY C 63 4.23 19.41 18.37
N THR C 64 3.05 19.83 17.93
CA THR C 64 1.91 18.95 17.78
C THR C 64 2.10 17.89 16.69
N VAL C 65 1.43 16.76 16.87
CA VAL C 65 1.42 15.66 15.94
C VAL C 65 -0.02 15.28 15.56
N HIS C 66 -0.32 15.22 14.27
CA HIS C 66 -1.62 14.75 13.77
C HIS C 66 -1.34 13.48 12.99
N MSE C 67 -1.80 12.34 13.49
CA MSE C 67 -1.48 11.02 12.91
C MSE C 67 -2.74 10.22 12.58
O MSE C 67 -3.67 10.16 13.38
CB MSE C 67 -0.72 10.23 13.97
CG MSE C 67 -0.33 8.80 13.64
SE MSE C 67 1.53 8.53 13.19
CE MSE C 67 2.35 9.39 14.76
N TYR C 68 -2.75 9.58 11.41
CA TYR C 68 -3.86 8.75 10.96
C TYR C 68 -3.28 7.42 10.53
N THR C 69 -3.88 6.34 11.02
CA THR C 69 -3.39 5.02 10.74
C THR C 69 -4.25 4.40 9.64
N ILE C 70 -3.62 4.17 8.49
CA ILE C 70 -4.29 3.64 7.31
C ILE C 70 -4.50 2.14 7.45
N SER C 71 -3.44 1.41 7.82
CA SER C 71 -3.55 -0.01 8.06
C SER C 71 -2.50 -0.51 9.04
N GLY C 72 -2.68 -1.75 9.50
CA GLY C 72 -1.78 -2.38 10.44
C GLY C 72 -2.06 -2.02 11.90
N CYS C 73 -1.02 -2.07 12.71
CA CYS C 73 -1.17 -1.75 14.11
C CYS C 73 0.08 -1.26 14.81
N TRP C 74 -0.05 -0.17 15.57
CA TRP C 74 1.07 0.31 16.37
C TRP C 74 0.60 0.86 17.72
N TYR C 75 1.55 1.11 18.61
CA TYR C 75 1.22 1.66 19.91
C TYR C 75 2.42 2.33 20.56
N TYR C 76 2.12 3.30 21.43
CA TYR C 76 3.17 3.95 22.20
C TYR C 76 3.36 3.10 23.45
N THR C 77 4.62 2.94 23.86
CA THR C 77 4.93 2.10 25.01
C THR C 77 4.07 2.46 26.23
N GLU C 78 3.98 3.75 26.53
CA GLU C 78 3.26 4.23 27.72
C GLU C 78 1.75 3.95 27.72
N TYR C 79 1.16 3.67 26.54
CA TYR C 79 -0.28 3.47 26.39
C TYR C 79 -0.63 2.22 25.58
N PRO C 80 -0.26 1.04 26.07
CA PRO C 80 -0.46 -0.21 25.33
C PRO C 80 -1.93 -0.61 25.18
N GLY C 81 -2.80 -0.02 25.99
CA GLY C 81 -4.24 -0.30 25.91
C GLY C 81 -4.99 0.54 24.91
N GLN C 82 -4.28 1.38 24.16
CA GLN C 82 -4.88 2.21 23.12
C GLN C 82 -4.06 2.08 21.84
N LYS C 83 -4.04 0.87 21.28
CA LYS C 83 -3.34 0.60 20.05
C LYS C 83 -4.02 1.39 18.95
N GLN C 84 -3.31 1.60 17.85
CA GLN C 84 -3.80 2.38 16.72
C GLN C 84 -3.88 1.47 15.54
N THR C 85 -5.09 1.32 15.00
CA THR C 85 -5.38 0.43 13.90
C THR C 85 -6.11 1.19 12.78
N ALA C 86 -6.48 0.50 11.71
CA ALA C 86 -7.16 1.14 10.56
C ALA C 86 -8.25 2.11 10.99
N GLY C 87 -8.23 3.30 10.43
CA GLY C 87 -9.21 4.33 10.74
C GLY C 87 -8.95 5.13 12.00
N CYS C 88 -7.86 4.84 12.70
CA CYS C 88 -7.57 5.56 13.95
C CYS C 88 -6.80 6.85 13.79
N TYR C 89 -7.29 7.88 14.46
CA TYR C 89 -6.67 9.20 14.46
C TYR C 89 -6.14 9.49 15.85
N LEU C 90 -4.95 10.09 15.91
CA LEU C 90 -4.34 10.50 17.16
C LEU C 90 -3.89 11.97 17.08
N TYR C 91 -4.20 12.73 18.13
CA TYR C 91 -3.72 14.11 18.27
C TYR C 91 -2.85 14.11 19.47
N GLU C 92 -1.62 14.57 19.31
CA GLU C 92 -0.68 14.62 20.42
C GLU C 92 -0.24 16.08 20.59
N PRO C 93 -0.48 16.69 21.75
CA PRO C 93 0.01 18.07 21.85
C PRO C 93 1.51 18.07 21.97
N GLY C 94 2.11 19.25 21.85
CA GLY C 94 3.57 19.34 21.93
C GLY C 94 4.09 19.18 23.35
N GLY C 95 5.36 18.78 23.47
CA GLY C 95 6.02 18.65 24.78
C GLY C 95 5.97 17.32 25.49
N SER C 96 5.45 16.28 24.86
CA SER C 96 5.35 14.97 25.49
C SER C 96 6.50 14.11 24.93
N ILE C 97 6.74 12.99 25.61
CA ILE C 97 7.78 12.02 25.23
C ILE C 97 7.16 10.63 25.02
N HIS C 98 7.27 10.12 23.80
CA HIS C 98 6.64 8.87 23.40
C HIS C 98 7.63 7.86 22.79
N GLN C 99 7.18 6.62 22.63
CA GLN C 99 7.98 5.57 21.99
C GLN C 99 7.16 4.65 21.09
N PHE C 100 7.45 4.67 19.80
CA PHE C 100 6.67 3.93 18.80
C PHE C 100 6.99 2.43 18.77
N ASN C 101 5.95 1.61 18.65
CA ASN C 101 6.10 0.16 18.57
C ASN C 101 5.12 -0.48 17.59
N THR C 102 5.58 -1.44 16.81
CA THR C 102 4.69 -2.26 16.00
C THR C 102 4.83 -3.64 16.63
N PRO C 103 3.70 -4.27 16.94
CA PRO C 103 3.75 -5.63 17.51
C PRO C 103 4.54 -6.64 16.68
N ARG C 104 5.24 -7.53 17.37
CA ARG C 104 6.05 -8.56 16.71
C ARG C 104 5.14 -9.43 15.82
N ASP C 105 3.89 -9.63 16.24
CA ASP C 105 2.98 -10.50 15.50
C ASP C 105 2.03 -9.81 14.50
N ASN C 106 2.31 -8.58 14.12
CA ASN C 106 1.52 -7.94 13.07
C ASN C 106 1.55 -8.78 11.81
N GLU C 107 0.48 -8.69 11.03
CA GLU C 107 0.35 -9.39 9.75
C GLU C 107 1.48 -8.95 8.84
N GLY C 108 1.69 -7.66 8.77
CA GLY C 108 2.70 -7.14 7.88
C GLY C 108 2.99 -5.71 8.17
N GLN C 109 2.80 -4.88 7.15
CA GLN C 109 3.10 -3.47 7.26
C GLN C 109 2.03 -2.73 8.08
N THR C 110 2.47 -1.63 8.68
CA THR C 110 1.63 -0.71 9.43
C THR C 110 1.88 0.59 8.66
N GLU C 111 0.81 1.17 8.10
CA GLU C 111 0.88 2.35 7.26
C GLU C 111 0.22 3.54 7.95
N VAL C 112 0.94 4.66 8.02
CA VAL C 112 0.41 5.88 8.62
C VAL C 112 0.67 7.11 7.75
N ILE C 113 -0.11 8.15 7.98
CA ILE C 113 0.10 9.43 7.32
C ILE C 113 0.01 10.42 8.47
N PHE C 114 1.01 11.28 8.59
CA PHE C 114 1.01 12.22 9.70
C PHE C 114 1.54 13.58 9.33
N MSE C 115 1.15 14.55 10.15
CA MSE C 115 1.69 15.90 10.07
C MSE C 115 2.38 16.14 11.40
O MSE C 115 1.72 16.17 12.44
CB MSE C 115 0.62 16.96 9.89
CG MSE C 115 1.19 18.36 10.03
SE MSE C 115 -0.06 19.78 9.67
CE MSE C 115 -0.52 19.32 7.82
N LEU C 116 3.68 16.34 11.36
CA LEU C 116 4.44 16.64 12.55
C LEU C 116 4.98 18.08 12.53
N SER C 117 4.61 18.87 13.53
CA SER C 117 5.15 20.22 13.70
C SER C 117 6.26 20.18 14.73
N GLY C 118 7.29 21.00 14.50
CA GLY C 118 8.41 21.09 15.41
C GLY C 118 9.46 20.02 15.16
N CYS C 119 10.10 19.57 16.23
CA CYS C 119 11.13 18.58 16.07
C CYS C 119 11.10 17.49 17.16
N ASN C 120 11.87 16.43 16.91
CA ASN C 120 12.07 15.32 17.85
C ASN C 120 13.46 15.43 18.42
N VAL C 121 13.53 15.47 19.75
CA VAL C 121 14.81 15.56 20.44
C VAL C 121 15.07 14.17 20.96
N ASN C 122 16.22 13.60 20.60
CA ASN C 122 16.52 12.22 20.98
C ASN C 122 17.31 12.12 22.26
N PHE C 123 16.84 11.25 23.16
CA PHE C 123 17.47 11.07 24.46
C PHE C 123 17.71 9.62 24.77
N THR C 124 18.71 9.42 25.63
CA THR C 124 19.02 8.12 26.17
C THR C 124 18.10 7.94 27.35
N GLN C 125 17.92 6.68 27.74
CA GLN C 125 17.14 6.29 28.91
C GLN C 125 17.47 7.20 30.12
N ASP C 126 18.75 7.42 30.41
CA ASP C 126 19.16 8.27 31.54
C ASP C 126 19.08 9.78 31.25
N GLY C 127 18.37 10.16 30.17
CA GLY C 127 18.18 11.58 29.83
C GLY C 127 19.32 12.38 29.19
N THR C 128 20.34 11.73 28.65
CA THR C 128 21.44 12.45 27.98
C THR C 128 21.09 12.75 26.52
N TYR C 129 21.42 13.99 26.09
CA TYR C 129 21.15 14.48 24.73
C TYR C 129 21.92 13.70 23.66
N LEU C 130 21.20 13.18 22.67
CA LEU C 130 21.81 12.42 21.58
C LEU C 130 21.73 13.07 20.21
N GLY C 131 20.87 14.08 20.04
CA GLY C 131 20.70 14.72 18.75
C GLY C 131 19.31 15.24 18.60
N LEU C 132 19.00 15.70 17.41
CA LEU C 132 17.75 16.37 17.13
C LEU C 132 17.33 16.16 15.69
N SER C 133 16.02 16.04 15.46
CA SER C 133 15.51 15.91 14.10
C SER C 133 14.33 16.84 13.90
N ASP C 134 14.44 17.67 12.87
CA ASP C 134 13.42 18.62 12.48
C ASP C 134 13.15 18.39 11.00
N ALA C 135 12.20 19.13 10.44
CA ALA C 135 11.90 18.99 9.03
C ALA C 135 13.15 19.14 8.17
N GLY C 136 14.04 20.06 8.53
CA GLY C 136 15.29 20.29 7.81
C GLY C 136 16.16 19.05 7.70
N VAL C 137 16.42 18.39 8.84
CA VAL C 137 17.23 17.18 8.89
C VAL C 137 16.64 16.06 8.06
N ILE C 138 15.33 15.84 8.22
CA ILE C 138 14.65 14.78 7.48
C ILE C 138 14.71 15.09 5.98
N LYS C 139 14.62 16.37 5.63
CA LYS C 139 14.68 16.77 4.23
C LYS C 139 16.05 16.47 3.65
N ASN C 140 17.13 16.75 4.41
CA ASN C 140 18.47 16.39 3.98
C ASN C 140 18.61 14.87 3.78
N TRP C 141 18.08 14.07 4.70
CA TRP C 141 18.12 12.62 4.52
C TRP C 141 17.37 12.25 3.25
N VAL C 142 16.15 12.76 3.09
CA VAL C 142 15.30 12.45 1.94
C VAL C 142 15.96 12.74 0.61
N ASP C 143 16.54 13.93 0.48
CA ASP C 143 17.19 14.31 -0.78
C ASP C 143 18.40 13.43 -1.09
N ARG C 144 19.16 13.04 -0.06
CA ARG C 144 20.32 12.19 -0.25
C ARG C 144 19.82 10.77 -0.56
N ALA C 145 18.69 10.39 0.04
CA ALA C 145 18.09 9.06 -0.19
C ALA C 145 17.56 8.92 -1.62
N ILE C 146 16.94 9.97 -2.13
CA ILE C 146 16.44 9.99 -3.52
C ILE C 146 17.58 9.73 -4.48
N ARG C 147 18.71 10.42 -4.24
CA ARG C 147 19.89 10.24 -5.06
C ARG C 147 20.46 8.81 -4.86
N GLU C 148 20.76 8.43 -3.63
CA GLU C 148 21.40 7.12 -3.35
C GLU C 148 20.54 5.93 -3.75
N GLN C 149 19.22 6.03 -3.56
CA GLN C 149 18.31 4.95 -3.93
C GLN C 149 17.72 5.07 -5.36
N ASP C 150 18.24 6.02 -6.14
CA ASP C 150 17.83 6.25 -7.53
C ASP C 150 16.31 6.24 -7.67
N ASN C 151 15.65 7.04 -6.83
CA ASN C 151 14.20 6.97 -6.78
C ASN C 151 13.37 7.62 -7.90
N GLY C 152 13.37 8.91 -8.03
CA GLY C 152 12.54 9.50 -9.07
C GLY C 152 11.18 9.97 -8.59
N LEU C 153 10.92 9.90 -7.28
CA LEU C 153 9.67 10.47 -6.78
C LEU C 153 9.90 11.97 -6.67
N ARG C 154 8.83 12.74 -6.44
CA ARG C 154 8.93 14.18 -6.19
C ARG C 154 8.14 14.49 -4.93
N TYR C 155 8.34 15.68 -4.38
CA TYR C 155 7.60 16.07 -3.21
C TYR C 155 7.55 17.58 -3.17
N ILE C 156 6.62 18.11 -2.40
CA ILE C 156 6.44 19.55 -2.29
C ILE C 156 7.33 20.11 -1.17
N ALA C 157 7.97 21.25 -1.46
CA ALA C 157 8.85 21.89 -0.51
C ALA C 157 8.53 23.37 -0.41
N ALA C 158 8.62 23.94 0.78
CA ALA C 158 8.44 25.38 0.95
C ALA C 158 9.83 25.97 0.89
N ALA C 159 10.03 27.00 0.08
CA ALA C 159 11.35 27.66 0.03
C ALA C 159 11.44 28.65 1.21
N VAL C 160 12.66 29.01 1.57
CA VAL C 160 12.84 29.97 2.64
C VAL C 160 12.32 31.32 2.18
N PRO C 161 11.63 32.03 3.06
CA PRO C 161 11.25 33.40 2.73
C PRO C 161 12.49 34.27 2.41
N THR C 162 12.31 35.34 1.66
CA THR C 162 13.41 36.21 1.30
C THR C 162 12.88 37.64 1.19
N TYR C 163 13.77 38.61 0.93
CA TYR C 163 13.32 39.98 0.72
C TYR C 163 12.48 39.96 -0.55
N ALA C 164 11.32 40.59 -0.52
CA ALA C 164 10.40 40.59 -1.66
C ALA C 164 11.08 41.15 -2.88
N ALA C 165 10.80 40.55 -4.04
CA ALA C 165 11.37 41.00 -5.30
C ALA C 165 10.70 42.32 -5.67
N GLN D 7 -3.26 9.74 36.04
CA GLN D 7 -3.97 8.71 35.21
C GLN D 7 -4.47 9.30 33.88
N GLU D 8 -3.57 9.94 33.11
CA GLU D 8 -3.96 10.57 31.82
C GLU D 8 -4.08 9.60 30.64
N LYS D 9 -4.74 10.08 29.58
CA LYS D 9 -5.11 9.25 28.43
C LYS D 9 -4.70 9.90 27.12
N LEU D 10 -4.76 9.16 26.03
CA LEU D 10 -4.35 9.67 24.73
C LEU D 10 -5.60 10.20 24.04
N LEU D 11 -5.51 11.37 23.41
CA LEU D 11 -6.65 11.92 22.69
C LEU D 11 -6.72 11.23 21.32
N THR D 12 -7.56 10.20 21.22
CA THR D 12 -7.61 9.35 20.03
C THR D 12 -9.03 9.07 19.59
N VAL D 13 -9.22 8.86 18.29
CA VAL D 13 -10.55 8.67 17.70
C VAL D 13 -10.53 7.56 16.65
N ASP D 14 -11.40 6.57 16.79
CA ASP D 14 -11.48 5.47 15.80
C ASP D 14 -12.66 5.74 14.85
N THR D 15 -12.36 6.07 13.60
CA THR D 15 -13.40 6.39 12.63
C THR D 15 -14.21 5.17 12.15
N THR D 16 -13.82 3.95 12.53
CA THR D 16 -14.58 2.75 12.16
C THR D 16 -15.46 2.31 13.33
N ALA D 17 -15.39 2.99 14.46
CA ALA D 17 -16.18 2.60 15.63
C ALA D 17 -17.61 3.18 15.66
N HIS D 18 -17.88 4.13 14.78
CA HIS D 18 -19.20 4.74 14.67
C HIS D 18 -19.41 5.11 13.22
N PRO D 19 -20.67 5.26 12.79
CA PRO D 19 -20.91 5.66 11.42
C PRO D 19 -20.54 7.14 11.20
N PHE D 20 -20.29 7.47 9.94
CA PHE D 20 -20.01 8.83 9.56
C PHE D 20 -21.27 9.63 9.69
N LEU D 21 -21.13 10.92 9.99
CA LEU D 21 -22.24 11.85 10.05
C LEU D 21 -22.66 12.03 8.58
N LYS D 22 -23.95 11.86 8.33
CA LYS D 22 -24.50 11.85 6.99
C LYS D 22 -24.96 13.19 6.45
N ALA D 23 -24.69 13.41 5.16
CA ALA D 23 -25.12 14.60 4.43
C ALA D 23 -24.70 15.96 5.00
N LEU D 24 -23.40 16.26 5.02
CA LEU D 24 -22.91 17.55 5.53
C LEU D 24 -23.65 18.75 4.94
N GLY D 25 -24.16 19.61 5.81
CA GLY D 25 -24.92 20.79 5.43
C GLY D 25 -26.12 20.51 4.54
N GLY D 26 -26.73 19.33 4.70
CA GLY D 26 -27.83 18.89 3.85
C GLY D 26 -27.39 18.31 2.49
N HIS D 27 -26.10 18.32 2.19
CA HIS D 27 -25.58 17.83 0.89
C HIS D 27 -25.46 16.31 0.87
N GLU D 28 -26.49 15.69 0.32
CA GLU D 28 -26.62 14.24 0.23
C GLU D 28 -25.43 13.65 -0.52
N GLY D 29 -24.80 12.61 0.04
CA GLY D 29 -23.65 11.97 -0.61
C GLY D 29 -22.29 12.35 -0.05
N THR D 30 -22.24 13.40 0.77
CA THR D 30 -21.02 13.85 1.43
C THR D 30 -21.18 13.61 2.92
N ASP D 31 -20.44 12.62 3.42
CA ASP D 31 -20.48 12.23 4.82
C ASP D 31 -19.13 12.52 5.42
N ILE D 32 -19.09 12.91 6.69
CA ILE D 32 -17.83 13.22 7.34
C ILE D 32 -17.71 12.63 8.72
N PHE D 33 -16.47 12.44 9.15
CA PHE D 33 -16.19 12.01 10.50
C PHE D 33 -15.19 13.03 10.99
N PRO D 34 -15.56 13.83 12.01
CA PRO D 34 -14.63 14.85 12.47
C PRO D 34 -13.56 14.23 13.34
N LEU D 35 -12.34 14.75 13.24
CA LEU D 35 -11.20 14.27 14.01
C LEU D 35 -10.69 15.34 14.97
N PHE D 36 -10.36 16.52 14.43
CA PHE D 36 -9.85 17.64 15.25
C PHE D 36 -10.43 18.96 14.78
N MSE D 37 -10.99 19.74 15.69
CA MSE D 37 -11.54 21.05 15.32
C MSE D 37 -11.11 22.19 16.25
O MSE D 37 -11.34 22.15 17.46
CB MSE D 37 -13.05 21.00 15.25
CG MSE D 37 -13.54 19.84 14.42
SE MSE D 37 -15.30 20.09 13.70
CE MSE D 37 -14.75 21.13 12.13
N ASP D 38 -10.48 23.21 15.67
CA ASP D 38 -10.05 24.39 16.40
C ASP D 38 -10.57 25.61 15.65
N PRO D 39 -11.79 26.07 15.99
CA PRO D 39 -12.40 27.24 15.36
C PRO D 39 -11.67 28.57 15.59
N TYR D 40 -10.78 28.59 16.57
CA TYR D 40 -10.10 29.81 16.96
C TYR D 40 -8.89 30.05 16.07
N ASN D 41 -8.14 28.99 15.79
CA ASN D 41 -7.01 29.06 14.85
C ASN D 41 -7.42 28.79 13.41
N GLY D 42 -8.68 28.40 13.21
CA GLY D 42 -9.22 28.10 11.89
C GLY D 42 -8.62 26.84 11.33
N LEU D 43 -8.52 25.81 12.16
CA LEU D 43 -7.92 24.55 11.72
C LEU D 43 -8.89 23.38 11.93
N MSE D 44 -8.99 22.50 10.93
CA MSE D 44 -9.81 21.31 11.09
C MSE D 44 -9.21 20.12 10.37
O MSE D 44 -8.72 20.26 9.25
CB MSE D 44 -11.27 21.54 10.65
CG MSE D 44 -11.56 21.57 9.16
SE MSE D 44 -13.42 22.14 8.79
CE MSE D 44 -13.09 24.05 8.74
N VAL D 45 -9.21 18.95 11.01
CA VAL D 45 -8.70 17.72 10.42
C VAL D 45 -9.91 16.80 10.36
N MSE D 46 -10.30 16.36 9.17
CA MSE D 46 -11.52 15.55 9.02
C MSE D 46 -11.37 14.38 8.06
O MSE D 46 -10.52 14.41 7.19
CB MSE D 46 -12.62 16.38 8.36
CG MSE D 46 -12.83 17.81 8.83
SE MSE D 46 -13.89 18.04 10.47
CE MSE D 46 -12.58 17.83 11.84
N ARG D 47 -12.23 13.38 8.22
CA ARG D 47 -12.36 12.30 7.22
C ARG D 47 -13.66 12.51 6.50
N ALA D 48 -13.60 12.39 5.18
CA ALA D 48 -14.79 12.55 4.38
C ALA D 48 -14.94 11.33 3.47
N SER D 49 -16.19 10.99 3.19
CA SER D 49 -16.55 9.89 2.31
C SER D 49 -17.55 10.44 1.31
N PHE D 50 -17.21 10.35 0.02
CA PHE D 50 -18.05 10.87 -1.05
C PHE D 50 -18.62 9.78 -1.94
N ALA D 51 -19.90 9.89 -2.23
CA ALA D 51 -20.58 8.97 -3.12
C ALA D 51 -20.26 9.41 -4.54
N PRO D 52 -20.50 8.54 -5.54
CA PRO D 52 -20.24 8.87 -6.94
C PRO D 52 -21.13 9.98 -7.49
N GLY D 53 -20.68 10.59 -8.58
CA GLY D 53 -21.44 11.61 -9.29
C GLY D 53 -21.79 12.90 -8.56
N LEU D 54 -20.93 13.34 -7.63
CA LEU D 54 -21.17 14.58 -6.91
C LEU D 54 -20.40 15.73 -7.51
N THR D 55 -20.94 16.92 -7.33
CA THR D 55 -20.30 18.18 -7.71
C THR D 55 -20.58 19.14 -6.56
N LEU D 56 -19.53 19.62 -5.92
CA LEU D 56 -19.70 20.52 -4.78
C LEU D 56 -19.54 21.95 -5.24
N PRO D 57 -19.84 22.91 -4.35
CA PRO D 57 -19.73 24.31 -4.78
C PRO D 57 -18.31 24.83 -4.84
N LEU D 58 -18.11 25.90 -5.61
CA LEU D 58 -16.80 26.56 -5.69
C LEU D 58 -16.41 27.02 -4.30
N HIS D 59 -15.28 26.52 -3.82
CA HIS D 59 -14.74 26.86 -2.51
CA HIS D 59 -14.75 26.88 -2.51
C HIS D 59 -13.49 27.73 -2.70
N PHE D 60 -13.50 28.94 -2.16
CA PHE D 60 -12.32 29.81 -2.19
C PHE D 60 -11.76 29.71 -0.80
N HIS D 61 -10.58 29.13 -0.60
CA HIS D 61 -10.04 29.09 0.77
C HIS D 61 -8.85 30.03 1.00
N THR D 62 -8.88 30.61 2.19
CA THR D 62 -7.93 31.61 2.63
C THR D 62 -6.61 31.00 3.09
N GLY D 63 -6.66 29.75 3.54
CA GLY D 63 -5.47 29.07 4.03
C GLY D 63 -5.17 27.81 3.25
N THR D 64 -4.24 27.01 3.75
CA THR D 64 -3.79 25.81 3.08
C THR D 64 -4.68 24.59 3.30
N VAL D 65 -4.65 23.71 2.32
CA VAL D 65 -5.34 22.43 2.41
C VAL D 65 -4.34 21.32 2.10
N HIS D 66 -4.25 20.36 3.01
CA HIS D 66 -3.43 19.16 2.85
C HIS D 66 -4.47 18.07 2.68
N MSE D 67 -4.42 17.35 1.57
CA MSE D 67 -5.43 16.36 1.24
C MSE D 67 -4.79 15.04 0.83
O MSE D 67 -3.85 15.03 0.02
CB MSE D 67 -6.22 16.93 0.06
CG MSE D 67 -7.24 16.03 -0.60
SE MSE D 67 -9.01 16.15 0.11
CE MSE D 67 -9.22 18.09 -0.10
N TYR D 68 -5.28 13.95 1.40
CA TYR D 68 -4.80 12.59 1.06
C TYR D 68 -6.00 11.76 0.65
N THR D 69 -5.91 11.11 -0.51
CA THR D 69 -6.98 10.28 -1.03
C THR D 69 -6.68 8.81 -0.71
N ILE D 70 -7.55 8.23 0.11
CA ILE D 70 -7.40 6.86 0.57
C ILE D 70 -7.98 5.87 -0.45
N SER D 71 -9.18 6.17 -0.94
CA SER D 71 -9.84 5.32 -1.91
C SER D 71 -10.65 6.13 -2.90
N GLY D 72 -11.10 5.45 -3.94
CA GLY D 72 -11.96 6.05 -4.93
C GLY D 72 -11.27 7.00 -5.90
N CYS D 73 -12.04 8.00 -6.35
CA CYS D 73 -11.56 8.94 -7.35
C CYS D 73 -12.34 10.26 -7.37
N TRP D 74 -11.60 11.36 -7.39
CA TRP D 74 -12.20 12.69 -7.48
C TRP D 74 -11.28 13.64 -8.24
N TYR D 75 -11.80 14.77 -8.70
CA TYR D 75 -10.98 15.77 -9.40
C TYR D 75 -11.60 17.18 -9.29
N TYR D 76 -10.74 18.19 -9.43
CA TYR D 76 -11.20 19.57 -9.44
C TYR D 76 -11.58 19.96 -10.87
N THR D 77 -12.72 20.65 -11.01
CA THR D 77 -13.24 21.05 -12.32
C THR D 77 -12.18 21.61 -13.28
N GLU D 78 -11.40 22.58 -12.80
CA GLU D 78 -10.38 23.24 -13.62
C GLU D 78 -9.16 22.37 -13.97
N TYR D 79 -9.01 21.21 -13.32
CA TYR D 79 -7.90 20.29 -13.54
C TYR D 79 -8.41 18.87 -13.69
N PRO D 80 -9.16 18.59 -14.79
CA PRO D 80 -9.75 17.26 -15.04
C PRO D 80 -8.75 16.19 -15.47
N GLY D 81 -7.54 16.60 -15.86
CA GLY D 81 -6.48 15.66 -16.21
C GLY D 81 -5.67 15.13 -15.03
N GLN D 82 -5.93 15.61 -13.81
CA GLN D 82 -5.19 15.17 -12.63
C GLN D 82 -6.13 14.54 -11.57
N LYS D 83 -6.80 13.45 -11.96
CA LYS D 83 -7.72 12.75 -11.06
C LYS D 83 -6.97 12.16 -9.86
N GLN D 84 -7.54 12.32 -8.66
CA GLN D 84 -6.90 11.87 -7.42
C GLN D 84 -7.44 10.54 -7.01
N THR D 85 -6.55 9.57 -6.84
CA THR D 85 -6.93 8.20 -6.50
C THR D 85 -6.13 7.73 -5.27
N ALA D 86 -6.34 6.48 -4.85
CA ALA D 86 -5.67 5.96 -3.64
C ALA D 86 -4.20 6.27 -3.62
N GLY D 87 -3.73 6.82 -2.51
CA GLY D 87 -2.33 7.11 -2.32
C GLY D 87 -1.86 8.46 -2.81
N CYS D 88 -2.81 9.30 -3.23
CA CYS D 88 -2.44 10.62 -3.69
C CYS D 88 -2.52 11.67 -2.61
N TYR D 89 -1.54 12.56 -2.65
CA TYR D 89 -1.48 13.70 -1.78
C TYR D 89 -1.62 14.92 -2.66
N LEU D 90 -2.29 15.93 -2.12
CA LEU D 90 -2.45 17.20 -2.80
C LEU D 90 -2.18 18.30 -1.79
N TYR D 91 -1.42 19.30 -2.20
CA TYR D 91 -1.20 20.51 -1.42
C TYR D 91 -1.85 21.66 -2.17
N GLU D 92 -2.73 22.37 -1.51
CA GLU D 92 -3.38 23.55 -2.08
C GLU D 92 -3.02 24.78 -1.28
N PRO D 93 -2.42 25.80 -1.91
CA PRO D 93 -2.11 26.98 -1.13
C PRO D 93 -3.31 27.90 -0.94
N GLY D 94 -3.23 28.74 0.08
CA GLY D 94 -4.27 29.73 0.36
C GLY D 94 -4.46 30.68 -0.80
N GLY D 95 -5.70 31.11 -1.00
CA GLY D 95 -6.04 32.01 -2.07
C GLY D 95 -6.53 31.33 -3.34
N SER D 96 -6.55 30.00 -3.37
CA SER D 96 -7.00 29.28 -4.56
C SER D 96 -8.49 29.00 -4.51
N ILE D 97 -9.12 28.93 -5.69
CA ILE D 97 -10.53 28.59 -5.81
C ILE D 97 -10.66 27.28 -6.61
N HIS D 98 -11.35 26.29 -6.02
CA HIS D 98 -11.53 24.98 -6.63
C HIS D 98 -12.94 24.39 -6.43
N GLN D 99 -13.32 23.50 -7.35
CA GLN D 99 -14.61 22.83 -7.29
C GLN D 99 -14.45 21.30 -7.31
N PHE D 100 -14.88 20.65 -6.22
CA PHE D 100 -14.75 19.21 -6.02
C PHE D 100 -15.79 18.39 -6.79
N ASN D 101 -15.36 17.31 -7.44
CA ASN D 101 -16.25 16.43 -8.21
C ASN D 101 -15.90 14.96 -8.05
N THR D 102 -16.91 14.10 -7.90
CA THR D 102 -16.67 12.64 -7.96
C THR D 102 -17.33 12.19 -9.25
N PRO D 103 -16.56 11.59 -10.17
CA PRO D 103 -17.17 11.11 -11.40
C PRO D 103 -18.45 10.28 -11.18
N ARG D 104 -19.35 10.33 -12.16
CA ARG D 104 -20.58 9.53 -12.14
C ARG D 104 -20.34 8.03 -12.30
N ASP D 105 -19.23 7.65 -12.93
CA ASP D 105 -18.89 6.24 -13.12
C ASP D 105 -18.03 5.62 -12.01
N ASN D 106 -17.83 6.34 -10.90
CA ASN D 106 -17.18 5.75 -9.73
C ASN D 106 -18.06 4.58 -9.27
N GLU D 107 -17.46 3.46 -8.87
CA GLU D 107 -18.28 2.34 -8.44
C GLU D 107 -18.56 2.33 -6.93
N GLY D 108 -17.59 2.72 -6.11
CA GLY D 108 -17.85 2.74 -4.69
C GLY D 108 -17.70 4.12 -4.09
N GLN D 109 -17.24 4.15 -2.85
CA GLN D 109 -17.04 5.40 -2.14
C GLN D 109 -15.65 5.94 -2.40
N THR D 110 -15.50 7.26 -2.27
CA THR D 110 -14.21 7.95 -2.40
C THR D 110 -13.91 8.46 -0.99
N GLU D 111 -12.83 7.96 -0.40
CA GLU D 111 -12.44 8.26 0.97
C GLU D 111 -11.23 9.17 1.03
N VAL D 112 -11.32 10.26 1.79
CA VAL D 112 -10.20 11.20 1.93
C VAL D 112 -10.05 11.67 3.36
N ILE D 113 -8.85 12.15 3.65
CA ILE D 113 -8.53 12.76 4.95
C ILE D 113 -7.86 14.10 4.62
N PHE D 114 -8.21 15.15 5.36
CA PHE D 114 -7.60 16.44 5.08
C PHE D 114 -7.47 17.37 6.26
N MSE D 115 -6.61 18.36 6.08
CA MSE D 115 -6.44 19.42 7.03
C MSE D 115 -6.73 20.69 6.28
O MSE D 115 -6.17 20.91 5.23
CB MSE D 115 -5.01 19.48 7.56
CG MSE D 115 -4.86 20.54 8.62
SE MSE D 115 -3.12 20.44 9.45
CE MSE D 115 -3.08 18.49 9.82
N LEU D 116 -7.64 21.49 6.81
CA LEU D 116 -7.99 22.77 6.20
C LEU D 116 -7.69 23.88 7.18
N SER D 117 -6.80 24.77 6.79
CA SER D 117 -6.49 25.93 7.61
C SER D 117 -7.19 27.14 7.06
N GLY D 118 -7.59 28.03 7.94
CA GLY D 118 -8.31 29.22 7.54
C GLY D 118 -9.77 28.87 7.33
N CYS D 119 -10.44 29.68 6.51
CA CYS D 119 -11.84 29.47 6.26
C CYS D 119 -12.01 29.30 4.78
N ASN D 120 -13.21 28.87 4.44
CA ASN D 120 -13.58 28.51 3.13
C ASN D 120 -14.79 29.40 2.82
N VAL D 121 -14.69 30.23 1.79
CA VAL D 121 -15.76 31.13 1.38
C VAL D 121 -16.37 30.43 0.19
N ASN D 122 -17.69 30.44 0.10
CA ASN D 122 -18.39 29.76 -1.00
C ASN D 122 -18.95 30.73 -2.00
N PHE D 123 -18.86 30.33 -3.28
CA PHE D 123 -19.41 31.09 -4.40
C PHE D 123 -20.05 30.13 -5.42
N THR D 124 -20.76 30.73 -6.38
CA THR D 124 -21.34 30.02 -7.53
C THR D 124 -20.45 30.39 -8.75
N GLN D 125 -20.66 29.73 -9.90
CA GLN D 125 -19.86 30.01 -11.12
C GLN D 125 -19.91 31.48 -11.50
N ASP D 126 -21.10 32.07 -11.51
CA ASP D 126 -21.24 33.49 -11.81
C ASP D 126 -20.75 34.39 -10.65
N GLY D 127 -20.22 33.76 -9.59
CA GLY D 127 -19.65 34.45 -8.44
C GLY D 127 -20.67 35.06 -7.50
N THR D 128 -21.70 34.29 -7.14
CA THR D 128 -22.69 34.79 -6.19
C THR D 128 -22.00 34.70 -4.82
N TYR D 129 -21.84 35.86 -4.18
CA TYR D 129 -21.16 35.95 -2.89
C TYR D 129 -21.99 35.37 -1.76
N LEU D 130 -21.92 34.05 -1.59
CA LEU D 130 -22.68 33.33 -0.56
C LEU D 130 -22.15 33.66 0.86
N GLY D 131 -22.18 32.66 1.73
CA GLY D 131 -21.75 32.82 3.10
C GLY D 131 -20.26 32.65 3.34
N LEU D 132 -19.94 31.64 4.16
CA LEU D 132 -18.59 31.40 4.64
C LEU D 132 -18.58 30.13 5.51
N SER D 133 -17.63 29.23 5.29
CA SER D 133 -17.57 28.00 6.09
C SER D 133 -16.21 27.75 6.74
N ASP D 134 -16.05 28.28 7.97
CA ASP D 134 -14.83 28.09 8.76
C ASP D 134 -15.02 26.87 9.68
N ALA D 135 -14.04 26.61 10.54
CA ALA D 135 -14.10 25.49 11.49
C ALA D 135 -15.31 25.60 12.41
N GLY D 136 -15.61 26.82 12.86
CA GLY D 136 -16.77 27.08 13.72
C GLY D 136 -18.11 26.71 13.11
N VAL D 137 -18.35 27.12 11.86
CA VAL D 137 -19.58 26.78 11.15
C VAL D 137 -19.73 25.26 11.06
N ILE D 138 -18.69 24.60 10.56
CA ILE D 138 -18.72 23.15 10.40
C ILE D 138 -18.92 22.50 11.77
N LYS D 139 -18.28 23.03 12.81
CA LYS D 139 -18.44 22.48 14.18
C LYS D 139 -19.90 22.51 14.64
N ASN D 140 -20.58 23.62 14.36
CA ASN D 140 -21.99 23.72 14.72
C ASN D 140 -22.80 22.67 14.00
N TRP D 141 -22.50 22.43 12.72
CA TRP D 141 -23.23 21.39 12.01
C TRP D 141 -22.93 20.01 12.58
N VAL D 142 -21.66 19.76 12.86
CA VAL D 142 -21.23 18.49 13.43
C VAL D 142 -21.93 18.19 14.76
N ASP D 143 -21.91 19.15 15.67
CA ASP D 143 -22.55 18.97 16.98
C ASP D 143 -24.05 18.70 16.88
N ARG D 144 -24.71 19.27 15.88
CA ARG D 144 -26.14 19.11 15.67
C ARG D 144 -26.43 17.80 14.94
N ALA D 145 -25.53 17.38 14.06
CA ALA D 145 -25.69 16.11 13.37
C ALA D 145 -25.56 14.96 14.36
N ILE D 146 -24.55 15.04 15.25
CA ILE D 146 -24.32 14.05 16.31
C ILE D 146 -25.58 13.81 17.14
N ARG D 147 -26.22 14.92 17.50
CA ARG D 147 -27.43 14.90 18.30
C ARG D 147 -28.58 14.33 17.43
N GLU D 148 -28.81 14.92 16.27
CA GLU D 148 -29.94 14.55 15.38
C GLU D 148 -29.87 13.17 14.72
N GLN D 149 -28.67 12.64 14.55
CA GLN D 149 -28.50 11.30 13.98
C GLN D 149 -28.24 10.25 15.06
N ASP D 150 -28.34 10.68 16.32
CA ASP D 150 -28.15 9.82 17.48
C ASP D 150 -26.81 9.07 17.39
N ASN D 151 -25.78 9.79 16.92
CA ASN D 151 -24.45 9.22 16.73
C ASN D 151 -23.64 9.37 18.02
N GLY D 152 -22.97 8.29 18.42
CA GLY D 152 -22.17 8.27 19.65
C GLY D 152 -20.68 8.48 19.44
N LEU D 153 -20.30 9.19 18.37
CA LEU D 153 -18.90 9.42 18.10
C LEU D 153 -18.44 10.63 18.91
N ARG D 154 -17.14 10.77 19.06
CA ARG D 154 -16.55 11.90 19.74
C ARG D 154 -15.36 12.34 18.92
N TYR D 155 -15.01 13.61 19.04
CA TYR D 155 -13.91 14.18 18.29
C TYR D 155 -13.16 15.12 19.21
N ILE D 156 -12.05 15.67 18.73
CA ILE D 156 -11.24 16.53 19.56
C ILE D 156 -11.44 17.97 19.16
N ALA D 157 -11.68 18.83 20.15
CA ALA D 157 -11.86 20.24 19.88
C ALA D 157 -10.98 21.06 20.80
N ALA D 158 -10.53 22.20 20.29
CA ALA D 158 -9.75 23.15 21.09
C ALA D 158 -10.74 24.19 21.59
N ALA D 159 -10.68 24.50 22.88
CA ALA D 159 -11.57 25.50 23.50
C ALA D 159 -11.02 26.91 23.30
N VAL D 160 -11.87 27.90 23.46
CA VAL D 160 -11.50 29.29 23.23
C VAL D 160 -10.48 29.76 24.27
N PRO D 161 -9.45 30.51 23.82
CA PRO D 161 -8.55 31.06 24.81
C PRO D 161 -9.22 32.06 25.75
N THR D 162 -8.69 32.15 26.96
CA THR D 162 -9.19 33.05 27.97
C THR D 162 -8.03 33.58 28.78
N TYR D 163 -8.32 34.40 29.77
CA TYR D 163 -7.27 34.85 30.65
C TYR D 163 -6.78 33.66 31.47
N ALA D 164 -5.48 33.64 31.76
CA ALA D 164 -4.84 32.56 32.51
C ALA D 164 -5.36 32.50 33.94
N ALA D 165 -5.55 31.28 34.47
CA ALA D 165 -6.01 31.09 35.86
C ALA D 165 -5.04 31.73 36.87
N THR E 5 -1.47 -13.44 -42.94
CA THR E 5 -0.15 -13.95 -43.44
C THR E 5 -0.05 -15.46 -43.41
N HIS E 6 -0.05 -16.03 -42.20
CA HIS E 6 0.01 -17.48 -42.04
C HIS E 6 -1.06 -17.91 -41.05
N GLN E 7 -1.68 -19.06 -41.32
CA GLN E 7 -2.70 -19.62 -40.43
C GLN E 7 -1.96 -20.49 -39.43
N GLU E 8 -2.34 -20.42 -38.15
CA GLU E 8 -1.73 -21.26 -37.12
C GLU E 8 -2.11 -22.71 -37.39
N LYS E 9 -1.16 -23.62 -37.24
CA LYS E 9 -1.45 -25.04 -37.38
C LYS E 9 -1.42 -25.64 -35.98
N LEU E 10 -1.88 -26.88 -35.89
CA LEU E 10 -1.87 -27.60 -34.62
C LEU E 10 -0.45 -27.99 -34.33
N LEU E 11 -0.08 -27.94 -33.05
CA LEU E 11 1.20 -28.41 -32.62
C LEU E 11 1.00 -29.91 -32.48
N THR E 12 1.49 -30.68 -33.44
CA THR E 12 1.29 -32.13 -33.45
C THR E 12 2.59 -32.90 -33.73
N VAL E 13 2.67 -34.12 -33.23
CA VAL E 13 3.86 -34.96 -33.36
C VAL E 13 3.48 -36.40 -33.69
N ASP E 14 4.03 -36.96 -34.78
CA ASP E 14 3.71 -38.34 -35.17
C ASP E 14 4.85 -39.30 -34.83
N THR E 15 4.68 -40.04 -33.74
CA THR E 15 5.74 -40.93 -33.23
C THR E 15 6.16 -42.03 -34.19
N THR E 16 5.36 -42.30 -35.22
CA THR E 16 5.70 -43.32 -36.21
C THR E 16 6.52 -42.76 -37.40
N ALA E 17 6.65 -41.45 -37.50
CA ALA E 17 7.36 -40.81 -38.63
C ALA E 17 8.88 -40.80 -38.51
N HIS E 18 9.41 -41.08 -37.33
CA HIS E 18 10.87 -41.03 -37.11
C HIS E 18 11.21 -42.08 -36.06
N PRO E 19 12.48 -42.52 -36.05
CA PRO E 19 12.82 -43.48 -35.01
C PRO E 19 12.92 -42.81 -33.64
N PHE E 20 12.78 -43.63 -32.60
CA PHE E 20 12.90 -43.19 -31.22
C PHE E 20 14.37 -42.90 -30.91
N LEU E 21 14.60 -41.96 -30.01
CA LEU E 21 15.95 -41.61 -29.61
C LEU E 21 16.43 -42.77 -28.76
N LYS E 22 17.58 -43.35 -29.12
CA LYS E 22 18.12 -44.52 -28.44
C LYS E 22 18.90 -44.24 -27.15
N ALA E 23 18.70 -45.08 -26.14
CA ALA E 23 19.45 -45.05 -24.89
C ALA E 23 19.58 -43.68 -24.26
N LEU E 24 18.44 -43.08 -23.96
CA LEU E 24 18.41 -41.74 -23.40
C LEU E 24 19.19 -41.57 -22.09
N GLY E 25 20.12 -40.64 -22.09
CA GLY E 25 20.97 -40.41 -20.91
C GLY E 25 22.10 -41.41 -20.76
N GLY E 26 22.17 -42.41 -21.64
CA GLY E 26 23.17 -43.47 -21.55
C GLY E 26 22.60 -44.70 -20.84
N HIS E 27 21.27 -44.84 -20.88
CA HIS E 27 20.60 -46.00 -20.30
C HIS E 27 20.19 -46.92 -21.44
N GLU E 28 21.10 -47.82 -21.83
CA GLU E 28 20.83 -48.78 -22.90
C GLU E 28 19.49 -49.47 -22.62
N GLY E 29 18.62 -49.55 -23.63
CA GLY E 29 17.31 -50.21 -23.49
C GLY E 29 16.15 -49.26 -23.35
N THR E 30 16.41 -48.09 -22.80
CA THR E 30 15.40 -47.04 -22.62
C THR E 30 15.41 -46.08 -23.82
N ASP E 31 14.48 -46.27 -24.75
CA ASP E 31 14.35 -45.40 -25.93
C ASP E 31 13.13 -44.46 -25.77
N ILE E 32 13.23 -43.27 -26.33
CA ILE E 32 12.19 -42.25 -26.14
C ILE E 32 11.82 -41.45 -27.37
N PHE E 33 10.54 -41.08 -27.44
CA PHE E 33 10.10 -40.15 -28.45
C PHE E 33 9.45 -39.02 -27.68
N PRO E 34 10.12 -37.87 -27.57
CA PRO E 34 9.52 -36.77 -26.79
C PRO E 34 8.30 -36.17 -27.47
N LEU E 35 7.33 -35.74 -26.67
CA LEU E 35 6.12 -35.12 -27.20
C LEU E 35 6.00 -33.68 -26.74
N PHE E 36 5.97 -33.48 -25.42
CA PHE E 36 5.83 -32.15 -24.83
C PHE E 36 6.77 -31.99 -23.66
N MSE E 37 7.51 -30.88 -23.61
CA MSE E 37 8.42 -30.64 -22.50
C MSE E 37 8.33 -29.21 -22.05
O MSE E 37 8.46 -28.30 -22.86
CB MSE E 37 9.86 -30.94 -22.88
CG MSE E 37 10.03 -32.25 -23.64
SE MSE E 37 11.82 -32.91 -23.70
CE MSE E 37 11.77 -33.71 -21.91
N ASP E 38 8.13 -29.04 -20.75
CA ASP E 38 8.06 -27.74 -20.12
C ASP E 38 8.95 -27.82 -18.88
N PRO E 39 10.24 -27.52 -19.04
CA PRO E 39 11.14 -27.54 -17.88
C PRO E 39 10.82 -26.52 -16.77
N TYR E 40 10.01 -25.51 -17.05
CA TYR E 40 9.76 -24.43 -16.09
C TYR E 40 8.60 -24.79 -15.20
N ASN E 41 7.58 -25.39 -15.77
CA ASN E 41 6.53 -25.97 -14.98
C ASN E 41 6.85 -27.37 -14.47
N GLY E 42 7.92 -27.97 -14.97
CA GLY E 42 8.31 -29.30 -14.54
C GLY E 42 7.30 -30.34 -14.99
N LEU E 43 6.98 -30.33 -16.28
CA LEU E 43 6.03 -31.24 -16.87
C LEU E 43 6.62 -31.79 -18.13
N MSE E 44 6.36 -33.06 -18.41
CA MSE E 44 6.81 -33.62 -19.67
C MSE E 44 5.89 -34.76 -20.07
O MSE E 44 5.45 -35.52 -19.21
CB MSE E 44 8.30 -34.03 -19.61
CG MSE E 44 8.65 -35.31 -18.93
SE MSE E 44 10.60 -35.45 -18.86
CE MSE E 44 10.87 -34.60 -17.12
N VAL E 45 5.54 -34.81 -21.36
CA VAL E 45 4.68 -35.86 -21.90
C VAL E 45 5.55 -36.56 -22.90
N MSE E 46 5.84 -37.83 -22.62
CA MSE E 46 6.76 -38.61 -23.41
C MSE E 46 6.20 -39.96 -23.77
O MSE E 46 5.26 -40.48 -23.18
CB MSE E 46 8.03 -38.85 -22.60
CG MSE E 46 8.57 -37.62 -21.87
SE MSE E 46 9.28 -36.25 -23.05
CE MSE E 46 11.03 -36.96 -23.33
N ARG E 47 6.88 -40.58 -24.71
CA ARG E 47 6.50 -41.86 -25.24
C ARG E 47 7.80 -42.68 -25.13
N ALA E 48 7.74 -43.84 -24.47
CA ALA E 48 8.93 -44.65 -24.21
C ALA E 48 8.79 -46.07 -24.73
N SER E 49 9.92 -46.65 -25.15
CA SER E 49 9.98 -48.04 -25.61
C SER E 49 11.12 -48.70 -24.82
N PHE E 50 10.78 -49.65 -23.96
CA PHE E 50 11.74 -50.34 -23.10
C PHE E 50 12.00 -51.76 -23.57
N ALA E 51 13.28 -52.11 -23.69
CA ALA E 51 13.66 -53.46 -24.06
C ALA E 51 13.48 -54.35 -22.83
N PRO E 52 13.47 -55.68 -23.02
CA PRO E 52 13.33 -56.58 -21.89
C PRO E 52 14.51 -56.56 -20.93
N GLY E 53 14.25 -57.08 -19.74
CA GLY E 53 15.27 -57.26 -18.71
C GLY E 53 15.90 -56.02 -18.12
N LEU E 54 15.22 -54.89 -18.18
CA LEU E 54 15.73 -53.66 -17.58
C LEU E 54 15.30 -53.49 -16.13
N THR E 55 16.17 -52.85 -15.37
CA THR E 55 15.92 -52.48 -13.99
C THR E 55 16.49 -51.08 -13.82
N LEU E 56 15.65 -50.07 -13.97
CA LEU E 56 16.07 -48.68 -13.81
C LEU E 56 16.33 -48.37 -12.34
N PRO E 57 16.81 -47.16 -12.04
CA PRO E 57 17.18 -46.91 -10.62
C PRO E 57 16.03 -46.45 -9.74
N LEU E 58 16.19 -46.56 -8.43
CA LEU E 58 15.18 -46.10 -7.50
C LEU E 58 14.89 -44.61 -7.62
N HIS E 59 13.69 -44.28 -8.10
CA HIS E 59 13.24 -42.90 -8.30
C HIS E 59 12.39 -42.40 -7.13
N PHE E 60 12.71 -41.24 -6.60
CA PHE E 60 11.82 -40.57 -5.66
C PHE E 60 11.10 -39.52 -6.52
N HIS E 61 9.78 -39.59 -6.65
CA HIS E 61 8.99 -38.67 -7.51
C HIS E 61 8.62 -37.41 -6.71
N THR E 62 8.95 -36.21 -7.19
CA THR E 62 8.52 -34.97 -6.47
C THR E 62 7.15 -34.45 -6.93
N GLY E 63 6.63 -35.02 -8.02
CA GLY E 63 5.33 -34.67 -8.56
C GLY E 63 4.60 -35.94 -8.95
N THR E 64 3.46 -35.78 -9.60
CA THR E 64 2.67 -36.92 -10.01
C THR E 64 3.17 -37.56 -11.28
N VAL E 65 2.86 -38.84 -11.44
CA VAL E 65 3.17 -39.56 -12.66
C VAL E 65 1.91 -40.29 -13.10
N HIS E 66 1.59 -40.11 -14.38
CA HIS E 66 0.47 -40.75 -15.02
C HIS E 66 1.13 -41.68 -16.05
N MSE E 67 0.87 -42.98 -15.98
CA MSE E 67 1.45 -43.99 -16.89
C MSE E 67 0.38 -44.81 -17.57
O MSE E 67 -0.52 -45.32 -16.89
CB MSE E 67 2.17 -45.08 -16.08
CG MSE E 67 3.55 -44.86 -15.57
SE MSE E 67 4.98 -44.76 -16.83
CE MSE E 67 5.46 -46.61 -17.03
N TYR E 68 0.46 -44.96 -18.89
CA TYR E 68 -0.46 -45.83 -19.62
C TYR E 68 0.39 -46.79 -20.42
N THR E 69 0.13 -48.07 -20.25
CA THR E 69 0.90 -49.10 -20.92
C THR E 69 0.19 -49.54 -22.18
N ILE E 70 0.85 -49.33 -23.33
CA ILE E 70 0.27 -49.63 -24.64
C ILE E 70 0.49 -51.10 -25.05
N SER E 71 1.69 -51.60 -24.79
CA SER E 71 2.00 -53.01 -25.07
C SER E 71 3.17 -53.41 -24.20
N GLY E 72 3.41 -54.72 -24.11
CA GLY E 72 4.51 -55.23 -23.32
C GLY E 72 4.20 -55.41 -21.85
N CYS E 73 5.23 -55.35 -21.02
CA CYS E 73 5.06 -55.61 -19.60
C CYS E 73 6.17 -55.03 -18.70
N TRP E 74 5.76 -54.33 -17.65
CA TRP E 74 6.70 -53.78 -16.68
C TRP E 74 6.08 -53.81 -15.32
N TYR E 75 6.91 -53.75 -14.28
CA TYR E 75 6.41 -53.75 -12.91
C TYR E 75 7.36 -52.98 -12.00
N TYR E 76 6.87 -52.57 -10.83
CA TYR E 76 7.73 -51.93 -9.86
C TYR E 76 8.22 -53.00 -8.88
N THR E 77 9.52 -52.97 -8.56
CA THR E 77 10.16 -53.94 -7.65
C THR E 77 9.34 -54.22 -6.38
N GLU E 78 8.78 -53.19 -5.79
CA GLU E 78 8.03 -53.32 -4.55
C GLU E 78 6.64 -53.96 -4.75
N TYR E 79 6.09 -53.89 -5.96
CA TYR E 79 4.77 -54.44 -6.26
C TYR E 79 4.78 -55.46 -7.38
N PRO E 80 5.45 -56.60 -7.17
CA PRO E 80 5.55 -57.63 -8.23
C PRO E 80 4.21 -58.27 -8.63
N GLY E 81 3.25 -58.26 -7.71
CA GLY E 81 1.93 -58.77 -8.00
C GLY E 81 1.02 -57.78 -8.72
N GLN E 82 1.55 -56.69 -9.24
CA GLN E 82 0.76 -55.71 -9.98
C GLN E 82 1.45 -55.29 -11.28
N LYS E 83 1.79 -56.26 -12.11
CA LYS E 83 2.41 -55.95 -13.40
C LYS E 83 1.46 -55.12 -14.29
N GLN E 84 2.06 -54.26 -15.11
CA GLN E 84 1.33 -53.37 -15.99
C GLN E 84 1.42 -53.92 -17.41
N THR E 85 0.25 -54.19 -18.00
CA THR E 85 0.19 -54.71 -19.35
C THR E 85 -0.70 -53.84 -20.22
N ALA E 86 -0.89 -54.26 -21.47
CA ALA E 86 -1.70 -53.54 -22.46
C ALA E 86 -2.99 -53.05 -21.86
N GLY E 87 -3.24 -51.75 -21.96
CA GLY E 87 -4.49 -51.19 -21.46
C GLY E 87 -4.49 -50.76 -20.03
N CYS E 88 -3.37 -50.90 -19.34
CA CYS E 88 -3.29 -50.46 -17.96
C CYS E 88 -2.89 -49.01 -17.78
N TYR E 89 -3.52 -48.38 -16.78
CA TYR E 89 -3.22 -47.03 -16.37
C TYR E 89 -2.67 -47.14 -14.96
N LEU E 90 -1.72 -46.26 -14.63
CA LEU E 90 -1.18 -46.17 -13.28
C LEU E 90 -1.02 -44.71 -12.85
N TYR E 91 -1.38 -44.44 -11.60
CA TYR E 91 -1.18 -43.13 -10.98
C TYR E 91 -0.23 -43.30 -9.80
N GLU E 92 0.80 -42.48 -9.76
CA GLU E 92 1.78 -42.45 -8.68
C GLU E 92 1.78 -41.03 -8.18
N PRO E 93 1.48 -40.80 -6.91
CA PRO E 93 1.51 -39.44 -6.41
C PRO E 93 2.91 -39.04 -6.06
N GLY E 94 3.11 -37.76 -5.85
CA GLY E 94 4.41 -37.26 -5.43
C GLY E 94 4.73 -37.80 -4.05
N GLY E 95 6.03 -37.86 -3.76
CA GLY E 95 6.51 -38.36 -2.48
C GLY E 95 6.62 -39.87 -2.46
N SER E 96 6.38 -40.53 -3.58
CA SER E 96 6.48 -41.96 -3.63
C SER E 96 7.82 -42.34 -4.27
N ILE E 97 8.38 -43.47 -3.84
CA ILE E 97 9.64 -43.98 -4.35
C ILE E 97 9.39 -45.41 -4.88
N HIS E 98 9.73 -45.66 -6.14
CA HIS E 98 9.52 -46.96 -6.76
C HIS E 98 10.69 -47.30 -7.71
N GLN E 99 10.71 -48.52 -8.26
CA GLN E 99 11.79 -48.92 -9.20
C GLN E 99 11.24 -49.72 -10.40
N PHE E 100 11.43 -49.16 -11.59
CA PHE E 100 10.93 -49.73 -12.85
C PHE E 100 11.71 -50.93 -13.34
N ASN E 101 10.99 -51.98 -13.71
CA ASN E 101 11.57 -53.20 -14.27
C ASN E 101 10.78 -53.69 -15.45
N THR E 102 11.45 -54.27 -16.42
CA THR E 102 10.78 -54.99 -17.50
C THR E 102 11.34 -56.39 -17.32
N PRO E 103 10.45 -57.41 -17.19
CA PRO E 103 10.91 -58.77 -17.04
C PRO E 103 11.86 -59.18 -18.13
N ARG E 104 12.81 -60.03 -17.79
CA ARG E 104 13.72 -60.56 -18.79
C ARG E 104 13.01 -61.45 -19.80
N ASP E 105 11.92 -62.11 -19.37
CA ASP E 105 11.17 -62.99 -20.29
C ASP E 105 10.15 -62.25 -21.15
N ASN E 106 10.15 -60.92 -21.18
CA ASN E 106 9.27 -60.21 -22.10
C ASN E 106 9.69 -60.60 -23.52
N GLU E 107 8.73 -60.90 -24.39
CA GLU E 107 9.07 -61.31 -25.76
C GLU E 107 9.62 -60.13 -26.56
N GLY E 108 9.04 -58.95 -26.39
CA GLY E 108 9.49 -57.79 -27.13
C GLY E 108 9.56 -56.54 -26.30
N GLN E 109 9.40 -55.40 -26.97
CA GLN E 109 9.45 -54.09 -26.31
C GLN E 109 8.22 -53.85 -25.43
N THR E 110 8.39 -52.94 -24.47
CA THR E 110 7.30 -52.51 -23.61
C THR E 110 7.09 -51.05 -23.93
N GLU E 111 5.90 -50.74 -24.50
CA GLU E 111 5.54 -49.38 -24.95
C GLU E 111 4.60 -48.71 -23.97
N VAL E 112 4.99 -47.51 -23.53
CA VAL E 112 4.20 -46.74 -22.60
C VAL E 112 4.19 -45.27 -23.01
N ILE E 113 3.17 -44.57 -22.55
CA ILE E 113 3.05 -43.13 -22.75
C ILE E 113 2.80 -42.62 -21.36
N PHE E 114 3.51 -41.56 -21.00
CA PHE E 114 3.39 -41.03 -19.67
C PHE E 114 3.51 -39.54 -19.58
N MSE E 115 2.89 -38.99 -18.55
N MSE E 115 2.87 -39.00 -18.55
CA MSE E 115 3.00 -37.60 -18.26
CA MSE E 115 2.88 -37.58 -18.26
C MSE E 115 3.60 -37.55 -16.89
C MSE E 115 3.53 -37.44 -16.86
O MSE E 115 3.04 -38.09 -15.94
O MSE E 115 2.89 -37.79 -15.88
CB MSE E 115 1.65 -36.89 -18.25
CB MSE E 115 1.44 -37.01 -18.27
CG MSE E 115 1.75 -35.49 -17.65
CG MSE E 115 0.57 -37.09 -19.61
SE MSE E 115 0.06 -34.59 -17.75
SE MSE E 115 -0.55 -38.71 -19.99
CE MSE E 115 0.38 -33.23 -16.39
CE MSE E 115 -1.72 -38.09 -21.45
N LEU E 116 4.78 -36.94 -16.79
CA LEU E 116 5.50 -36.80 -15.52
C LEU E 116 5.63 -35.35 -15.08
N SER E 117 5.26 -35.08 -13.84
CA SER E 117 5.40 -33.75 -13.24
C SER E 117 6.53 -33.82 -12.25
N GLY E 118 7.18 -32.70 -12.01
CA GLY E 118 8.29 -32.66 -11.07
C GLY E 118 9.54 -33.36 -11.58
N CYS E 119 10.45 -33.68 -10.68
CA CYS E 119 11.68 -34.32 -11.08
C CYS E 119 11.90 -35.57 -10.25
N ASN E 120 12.78 -36.43 -10.74
CA ASN E 120 13.13 -37.65 -10.07
C ASN E 120 14.45 -37.50 -9.34
N VAL E 121 14.45 -37.87 -8.07
CA VAL E 121 15.65 -37.88 -7.24
C VAL E 121 16.08 -39.35 -7.13
N ASN E 122 17.22 -39.67 -7.76
CA ASN E 122 17.72 -41.05 -7.84
C ASN E 122 18.49 -41.53 -6.61
N PHE E 123 18.20 -42.76 -6.21
CA PHE E 123 18.85 -43.37 -5.04
C PHE E 123 19.28 -44.81 -5.32
N THR E 124 20.08 -45.35 -4.43
CA THR E 124 20.49 -46.74 -4.54
C THR E 124 19.55 -47.54 -3.66
N GLN E 125 19.68 -48.86 -3.74
CA GLN E 125 18.85 -49.76 -2.92
C GLN E 125 19.04 -49.51 -1.42
N ASP E 126 20.23 -49.07 -1.00
CA ASP E 126 20.42 -48.76 0.42
C ASP E 126 20.13 -47.28 0.77
N GLY E 127 19.42 -46.57 -0.10
CA GLY E 127 19.05 -45.17 0.17
C GLY E 127 20.14 -44.10 0.01
N THR E 128 21.23 -44.43 -0.68
CA THR E 128 22.28 -43.47 -0.96
C THR E 128 21.84 -42.65 -2.16
N TYR E 129 22.10 -41.36 -2.10
CA TYR E 129 21.70 -40.43 -3.13
C TYR E 129 22.62 -40.55 -4.34
N LEU E 130 22.04 -40.53 -5.53
CA LEU E 130 22.77 -40.65 -6.79
C LEU E 130 22.73 -39.36 -7.59
N GLY E 131 21.55 -38.77 -7.73
CA GLY E 131 21.41 -37.57 -8.52
C GLY E 131 19.98 -37.16 -8.77
N LEU E 132 19.84 -36.29 -9.76
CA LEU E 132 18.59 -35.66 -10.16
C LEU E 132 18.29 -35.79 -11.63
N SER E 133 17.02 -35.76 -11.94
CA SER E 133 16.57 -35.85 -13.30
C SER E 133 15.31 -35.02 -13.47
N ASP E 134 15.46 -33.77 -13.90
CA ASP E 134 14.30 -32.86 -14.15
C ASP E 134 14.10 -32.71 -15.68
N ALA E 135 12.98 -32.12 -16.09
CA ALA E 135 12.68 -31.91 -17.51
C ALA E 135 13.84 -31.19 -18.22
N GLY E 136 14.43 -30.20 -17.55
CA GLY E 136 15.55 -29.45 -18.12
C GLY E 136 16.70 -30.37 -18.52
N VAL E 137 17.06 -31.29 -17.63
CA VAL E 137 18.12 -32.26 -17.92
C VAL E 137 17.69 -33.14 -19.09
N ILE E 138 16.57 -33.83 -18.94
CA ILE E 138 16.06 -34.72 -20.00
C ILE E 138 16.03 -33.96 -21.33
N LYS E 139 15.56 -32.71 -21.31
CA LYS E 139 15.52 -31.93 -22.54
C LYS E 139 16.92 -31.78 -23.14
N ASN E 140 17.92 -31.53 -22.29
CA ASN E 140 19.29 -31.44 -22.79
C ASN E 140 19.66 -32.76 -23.46
N TRP E 141 19.35 -33.88 -22.81
CA TRP E 141 19.64 -35.17 -23.44
C TRP E 141 18.96 -35.27 -24.79
N VAL E 142 17.66 -34.98 -24.84
CA VAL E 142 16.87 -35.06 -26.07
C VAL E 142 17.44 -34.25 -27.23
N ASP E 143 17.81 -33.01 -26.96
CA ASP E 143 18.37 -32.17 -27.99
C ASP E 143 19.71 -32.70 -28.54
N ARG E 144 20.62 -33.15 -27.67
CA ARG E 144 21.90 -33.73 -28.15
C ARG E 144 21.62 -35.05 -28.90
N ALA E 145 20.72 -35.89 -28.39
CA ALA E 145 20.39 -37.15 -29.05
C ALA E 145 19.91 -36.95 -30.49
N ILE E 146 19.12 -35.91 -30.71
CA ILE E 146 18.61 -35.58 -32.04
C ILE E 146 19.76 -35.27 -32.99
N ARG E 147 20.71 -34.46 -32.51
CA ARG E 147 21.88 -34.09 -33.30
C ARG E 147 22.75 -35.34 -33.50
N GLU E 148 23.28 -35.89 -32.42
CA GLU E 148 24.15 -37.10 -32.46
C GLU E 148 23.59 -38.23 -33.33
N GLN E 149 22.30 -38.55 -33.18
CA GLN E 149 21.67 -39.65 -33.94
C GLN E 149 21.07 -39.21 -35.29
N ASP E 150 21.25 -37.95 -35.66
CA ASP E 150 20.79 -37.40 -36.95
C ASP E 150 19.30 -37.61 -37.22
N ASN E 151 18.51 -37.55 -36.15
CA ASN E 151 17.08 -37.78 -36.17
C ASN E 151 16.33 -36.45 -36.53
N GLY E 152 15.45 -36.50 -37.54
CA GLY E 152 14.67 -35.32 -37.99
C GLY E 152 13.33 -35.07 -37.28
N LEU E 153 13.20 -35.60 -36.07
CA LEU E 153 12.01 -35.49 -35.24
C LEU E 153 11.85 -34.11 -34.61
N ARG E 154 10.62 -33.72 -34.33
CA ARG E 154 10.31 -32.47 -33.63
C ARG E 154 9.40 -32.78 -32.46
N TYR E 155 9.54 -32.02 -31.38
CA TYR E 155 8.67 -32.15 -30.22
C TYR E 155 8.22 -30.75 -29.84
N ILE E 156 7.32 -30.65 -28.88
CA ILE E 156 6.79 -29.38 -28.46
C ILE E 156 7.44 -29.01 -27.17
N ALA E 157 7.90 -27.76 -27.08
CA ALA E 157 8.59 -27.24 -25.92
C ALA E 157 7.97 -25.92 -25.49
N ALA E 158 7.99 -25.64 -24.19
CA ALA E 158 7.48 -24.40 -23.66
C ALA E 158 8.69 -23.52 -23.41
N ALA E 159 8.61 -22.24 -23.79
CA ALA E 159 9.72 -21.29 -23.59
C ALA E 159 9.82 -20.87 -22.12
N VAL E 160 10.95 -20.27 -21.75
CA VAL E 160 11.15 -19.80 -20.39
C VAL E 160 10.39 -18.48 -20.20
N PRO E 161 9.75 -18.29 -19.04
CA PRO E 161 9.14 -16.99 -18.84
C PRO E 161 10.15 -15.88 -18.83
N THR E 162 9.71 -14.70 -19.24
CA THR E 162 10.54 -13.51 -19.30
C THR E 162 9.61 -12.34 -19.04
N TYR E 163 10.13 -11.12 -19.11
CA TYR E 163 9.29 -9.96 -18.95
C TYR E 163 8.44 -9.76 -20.17
N ALA E 164 7.20 -9.34 -19.98
CA ALA E 164 6.27 -9.16 -21.09
C ALA E 164 6.75 -8.11 -22.07
N ALA E 165 6.56 -8.37 -23.36
CA ALA E 165 6.90 -7.43 -24.42
C ALA E 165 5.90 -6.26 -24.34
N LYS F 9 -0.06 -50.55 -1.75
CA LYS F 9 -0.85 -51.03 -2.93
C LYS F 9 -1.00 -49.86 -3.92
N LEU F 10 -0.67 -50.12 -5.19
CA LEU F 10 -0.73 -49.09 -6.23
C LEU F 10 -2.14 -48.77 -6.68
N LEU F 11 -2.30 -47.55 -7.15
CA LEU F 11 -3.53 -47.05 -7.71
C LEU F 11 -3.45 -47.30 -9.22
N THR F 12 -4.06 -48.40 -9.67
CA THR F 12 -4.03 -48.78 -11.07
C THR F 12 -5.44 -49.07 -11.59
N VAL F 13 -5.65 -48.91 -12.90
CA VAL F 13 -6.91 -49.19 -13.57
C VAL F 13 -6.63 -49.99 -14.87
N ASP F 14 -7.24 -51.17 -15.00
CA ASP F 14 -7.08 -52.00 -16.20
C ASP F 14 -8.29 -51.79 -17.12
N THR F 15 -8.07 -51.12 -18.26
CA THR F 15 -9.18 -50.78 -19.15
C THR F 15 -9.74 -51.98 -19.94
N THR F 16 -9.03 -53.11 -19.90
CA THR F 16 -9.53 -54.31 -20.52
C THR F 16 -10.39 -55.13 -19.53
N ALA F 17 -10.32 -54.83 -18.23
CA ALA F 17 -11.04 -55.64 -17.22
C ALA F 17 -12.53 -55.38 -17.09
N HIS F 18 -13.02 -54.31 -17.70
CA HIS F 18 -14.45 -53.98 -17.70
C HIS F 18 -14.75 -53.31 -19.02
N PRO F 19 -16.02 -53.28 -19.41
CA PRO F 19 -16.31 -52.57 -20.65
C PRO F 19 -16.32 -51.05 -20.43
N PHE F 20 -16.18 -50.32 -21.53
CA PHE F 20 -16.23 -48.88 -21.48
C PHE F 20 -17.64 -48.43 -21.13
N LEU F 21 -17.74 -47.24 -20.55
CA LEU F 21 -19.02 -46.63 -20.28
C LEU F 21 -19.55 -46.19 -21.66
N LYS F 22 -20.76 -46.59 -21.99
CA LYS F 22 -21.31 -46.35 -23.31
C LYS F 22 -22.08 -45.06 -23.39
N ALA F 23 -21.90 -44.35 -24.50
CA ALA F 23 -22.64 -43.13 -24.80
C ALA F 23 -22.63 -42.13 -23.66
N LEU F 24 -21.44 -41.60 -23.36
CA LEU F 24 -21.30 -40.62 -22.30
C LEU F 24 -22.23 -39.45 -22.51
N GLY F 25 -22.92 -39.06 -21.44
CA GLY F 25 -23.85 -37.95 -21.50
C GLY F 25 -24.83 -38.06 -22.65
N GLY F 26 -25.31 -39.27 -22.94
CA GLY F 26 -26.28 -39.49 -24.02
C GLY F 26 -25.74 -39.46 -25.44
N HIS F 27 -24.46 -39.13 -25.62
CA HIS F 27 -23.85 -39.04 -26.94
C HIS F 27 -23.45 -40.41 -27.53
N GLU F 28 -24.35 -40.96 -28.32
CA GLU F 28 -24.17 -42.24 -28.98
C GLU F 28 -22.90 -42.15 -29.81
N GLY F 29 -22.05 -43.18 -29.72
CA GLY F 29 -20.78 -43.22 -30.44
C GLY F 29 -19.56 -42.84 -29.63
N THR F 30 -19.75 -42.20 -28.48
CA THR F 30 -18.65 -41.80 -27.60
C THR F 30 -18.62 -42.67 -26.33
N ASP F 31 -17.57 -43.47 -26.18
CA ASP F 31 -17.44 -44.39 -25.06
C ASP F 31 -16.20 -44.06 -24.25
N ILE F 32 -16.30 -44.13 -22.92
CA ILE F 32 -15.21 -43.71 -22.09
C ILE F 32 -14.85 -44.70 -21.02
N PHE F 33 -13.60 -44.67 -20.62
CA PHE F 33 -13.15 -45.45 -19.49
C PHE F 33 -12.37 -44.43 -18.68
N PRO F 34 -12.92 -44.03 -17.53
CA PRO F 34 -12.21 -43.06 -16.73
C PRO F 34 -11.00 -43.67 -16.06
N LEU F 35 -9.97 -42.85 -15.90
CA LEU F 35 -8.72 -43.25 -15.25
C LEU F 35 -8.52 -42.39 -14.03
N PHE F 36 -8.48 -41.07 -14.24
CA PHE F 36 -8.22 -40.12 -13.18
C PHE F 36 -9.11 -38.91 -13.29
N MSE F 37 -9.78 -38.52 -12.20
CA MSE F 37 -10.63 -37.33 -12.27
C MSE F 37 -10.42 -36.49 -11.03
O MSE F 37 -10.51 -37.00 -9.93
CB MSE F 37 -12.09 -37.70 -12.40
CG MSE F 37 -12.29 -38.71 -13.49
SE MSE F 37 -14.10 -38.85 -14.04
CE MSE F 37 -14.25 -37.20 -15.06
N ASP F 38 -10.17 -35.20 -11.26
CA ASP F 38 -9.94 -34.27 -10.18
C ASP F 38 -10.74 -33.01 -10.48
N PRO F 39 -11.99 -32.97 -10.02
CA PRO F 39 -12.86 -31.81 -10.22
C PRO F 39 -12.39 -30.54 -9.53
N TYR F 40 -11.49 -30.65 -8.56
CA TYR F 40 -11.12 -29.49 -7.78
C TYR F 40 -9.96 -28.77 -8.42
N ASN F 41 -9.05 -29.52 -9.04
CA ASN F 41 -7.97 -28.92 -9.84
C ASN F 41 -8.40 -28.82 -11.32
N GLY F 42 -9.51 -29.44 -11.67
CA GLY F 42 -10.01 -29.39 -13.04
C GLY F 42 -9.09 -30.15 -13.98
N LEU F 43 -8.94 -31.45 -13.76
CA LEU F 43 -8.04 -32.27 -14.53
C LEU F 43 -8.62 -33.68 -14.66
N MSE F 44 -8.59 -34.22 -15.86
CA MSE F 44 -9.06 -35.59 -16.01
C MSE F 44 -8.21 -36.29 -17.03
O MSE F 44 -7.68 -35.67 -17.95
CB MSE F 44 -10.54 -35.64 -16.40
CG MSE F 44 -10.84 -35.25 -17.82
SE MSE F 44 -12.73 -35.08 -18.07
CE MSE F 44 -12.97 -33.24 -17.46
N VAL F 45 -8.01 -37.58 -16.82
CA VAL F 45 -7.24 -38.40 -17.75
C VAL F 45 -8.13 -39.55 -18.09
N MSE F 46 -8.57 -39.64 -19.34
CA MSE F 46 -9.52 -40.65 -19.73
C MSE F 46 -9.09 -41.40 -20.97
O MSE F 46 -8.26 -40.91 -21.71
CB MSE F 46 -10.81 -39.93 -20.15
CG MSE F 46 -11.28 -38.77 -19.27
SE MSE F 46 -12.10 -39.33 -17.63
CE MSE F 46 -10.65 -39.55 -16.52
N ARG F 47 -9.68 -42.58 -21.17
CA ARG F 47 -9.60 -43.28 -22.44
C ARG F 47 -10.96 -43.21 -23.14
N ALA F 48 -10.92 -42.90 -24.43
CA ALA F 48 -12.14 -42.77 -25.22
C ALA F 48 -12.07 -43.64 -26.46
N SER F 49 -13.22 -44.20 -26.83
CA SER F 49 -13.40 -45.06 -27.99
C SER F 49 -14.56 -44.51 -28.82
N PHE F 50 -14.23 -43.95 -29.99
CA PHE F 50 -15.22 -43.28 -30.83
C PHE F 50 -15.58 -44.09 -32.03
N ALA F 51 -16.86 -44.08 -32.37
CA ALA F 51 -17.35 -44.77 -33.56
C ALA F 51 -17.03 -43.93 -34.80
N PRO F 52 -17.13 -44.54 -35.99
CA PRO F 52 -16.96 -43.77 -37.22
C PRO F 52 -18.09 -42.76 -37.45
N GLY F 53 -17.83 -41.76 -38.29
CA GLY F 53 -18.83 -40.78 -38.71
C GLY F 53 -19.40 -39.84 -37.67
N LEU F 54 -18.62 -39.51 -36.64
CA LEU F 54 -19.10 -38.60 -35.63
C LEU F 54 -18.66 -37.18 -35.92
N THR F 55 -19.45 -36.24 -35.38
CA THR F 55 -19.13 -34.81 -35.43
C THR F 55 -19.69 -34.25 -34.12
N LEU F 56 -18.82 -34.05 -33.14
CA LEU F 56 -19.23 -33.57 -31.84
C LEU F 56 -19.48 -32.05 -31.87
N PRO F 57 -20.03 -31.48 -30.78
CA PRO F 57 -20.27 -30.02 -30.78
C PRO F 57 -19.02 -29.16 -30.65
N LEU F 58 -19.15 -27.89 -31.04
CA LEU F 58 -18.06 -26.93 -30.94
C LEU F 58 -17.83 -26.68 -29.45
N HIS F 59 -16.62 -26.98 -28.97
CA HIS F 59 -16.29 -26.77 -27.56
C HIS F 59 -15.13 -25.79 -27.40
N PHE F 60 -15.39 -24.67 -26.76
CA PHE F 60 -14.32 -23.76 -26.39
C PHE F 60 -13.81 -24.45 -25.15
N HIS F 61 -12.51 -24.77 -25.14
CA HIS F 61 -11.91 -25.44 -23.98
C HIS F 61 -10.99 -24.40 -23.32
N THR F 62 -11.16 -24.23 -22.01
CA THR F 62 -10.42 -23.21 -21.27
C THR F 62 -8.99 -23.60 -20.95
N GLY F 63 -8.72 -24.90 -20.75
CA GLY F 63 -7.39 -25.35 -20.38
C GLY F 63 -6.71 -26.19 -21.46
N THR F 64 -5.52 -26.70 -21.13
CA THR F 64 -4.73 -27.45 -22.11
C THR F 64 -5.25 -28.85 -22.33
N VAL F 65 -5.03 -29.36 -23.53
CA VAL F 65 -5.37 -30.75 -23.86
C VAL F 65 -4.15 -31.48 -24.38
N HIS F 66 -3.87 -32.66 -23.83
CA HIS F 66 -2.79 -33.54 -24.26
C HIS F 66 -3.49 -34.79 -24.77
N MSE F 67 -3.36 -35.06 -26.05
CA MSE F 67 -4.10 -36.13 -26.69
C MSE F 67 -3.17 -37.06 -27.46
O MSE F 67 -2.33 -36.59 -28.24
CB MSE F 67 -5.02 -35.45 -27.68
CG MSE F 67 -5.87 -36.34 -28.54
SE MSE F 67 -7.65 -36.56 -27.87
CE MSE F 67 -8.11 -34.68 -27.70
N TYR F 68 -3.32 -38.36 -27.26
CA TYR F 68 -2.51 -39.33 -27.97
C TYR F 68 -3.47 -40.31 -28.63
N THR F 69 -3.32 -40.50 -29.94
CA THR F 69 -4.19 -41.39 -30.72
C THR F 69 -3.57 -42.79 -30.79
N ILE F 70 -4.25 -43.77 -30.22
CA ILE F 70 -3.70 -45.13 -30.20
C ILE F 70 -4.00 -45.82 -31.51
N SER F 71 -5.25 -45.75 -31.95
CA SER F 71 -5.66 -46.34 -33.21
C SER F 71 -6.74 -45.49 -33.84
N GLY F 72 -7.05 -45.82 -35.09
CA GLY F 72 -8.11 -45.14 -35.82
C GLY F 72 -7.71 -43.83 -36.45
N CYS F 73 -8.68 -42.91 -36.53
CA CYS F 73 -8.46 -41.66 -37.23
C CYS F 73 -9.49 -40.60 -36.88
N TRP F 74 -9.03 -39.37 -36.67
CA TRP F 74 -9.91 -38.26 -36.37
C TRP F 74 -9.25 -36.94 -36.71
N TYR F 75 -10.05 -35.88 -36.78
CA TYR F 75 -9.55 -34.53 -37.05
C TYR F 75 -10.48 -33.46 -36.48
N TYR F 76 -9.95 -32.25 -36.32
CA TYR F 76 -10.75 -31.10 -35.92
C TYR F 76 -11.22 -30.37 -37.17
N THR F 77 -12.48 -29.91 -37.17
CA THR F 77 -13.06 -29.21 -38.32
C THR F 77 -12.18 -28.09 -38.88
N GLU F 78 -11.54 -27.38 -37.96
CA GLU F 78 -10.69 -26.22 -38.27
C GLU F 78 -9.29 -26.59 -38.82
N TYR F 79 -8.95 -27.88 -38.86
CA TYR F 79 -7.65 -28.38 -39.36
C TYR F 79 -7.85 -29.74 -40.01
N PRO F 80 -8.66 -29.79 -41.06
CA PRO F 80 -8.93 -31.08 -41.70
C PRO F 80 -7.69 -31.76 -42.34
N GLY F 81 -6.69 -30.97 -42.71
CA GLY F 81 -5.47 -31.50 -43.31
C GLY F 81 -4.51 -32.17 -42.34
N GLN F 82 -4.73 -32.01 -41.03
CA GLN F 82 -3.87 -32.61 -40.03
C GLN F 82 -4.64 -33.70 -39.30
N LYS F 83 -4.91 -34.81 -39.98
CA LYS F 83 -5.65 -35.92 -39.37
C LYS F 83 -4.77 -36.64 -38.34
N GLN F 84 -5.37 -37.08 -37.23
CA GLN F 84 -4.63 -37.77 -36.15
C GLN F 84 -4.84 -39.25 -36.25
N THR F 85 -3.75 -40.00 -36.44
CA THR F 85 -3.81 -41.45 -36.59
C THR F 85 -2.90 -42.12 -35.56
N ALA F 86 -2.78 -43.45 -35.61
CA ALA F 86 -1.96 -44.18 -34.64
C ALA F 86 -0.62 -43.50 -34.40
N GLY F 87 -0.24 -43.41 -33.13
CA GLY F 87 1.03 -42.81 -32.76
C GLY F 87 1.08 -41.30 -32.76
N CYS F 88 -0.04 -40.64 -33.04
CA CYS F 88 -0.05 -39.18 -33.07
C CYS F 88 -0.33 -38.55 -31.73
N TYR F 89 0.38 -37.47 -31.48
CA TYR F 89 0.18 -36.68 -30.28
C TYR F 89 -0.25 -35.29 -30.73
N LEU F 90 -1.09 -34.68 -29.91
CA LEU F 90 -1.55 -33.33 -30.14
C LEU F 90 -1.50 -32.57 -28.85
N TYR F 91 -1.09 -31.31 -28.93
CA TYR F 91 -1.10 -30.37 -27.80
C TYR F 91 -1.98 -29.20 -28.25
N GLU F 92 -2.98 -28.87 -27.45
CA GLU F 92 -3.81 -27.68 -27.70
C GLU F 92 -3.69 -26.82 -26.47
N PRO F 93 -3.28 -25.57 -26.62
CA PRO F 93 -3.26 -24.72 -25.43
C PRO F 93 -4.65 -24.26 -25.02
N GLY F 94 -4.74 -23.68 -23.84
CA GLY F 94 -6.01 -23.18 -23.33
C GLY F 94 -6.47 -22.01 -24.16
N GLY F 95 -7.79 -21.82 -24.28
CA GLY F 95 -8.37 -20.67 -24.99
C GLY F 95 -8.85 -20.87 -26.42
N SER F 96 -8.53 -22.00 -27.06
CA SER F 96 -8.98 -22.25 -28.44
C SER F 96 -10.42 -22.79 -28.44
N ILE F 97 -10.99 -22.86 -29.63
CA ILE F 97 -12.31 -23.47 -29.85
C ILE F 97 -12.11 -24.52 -30.95
N HIS F 98 -12.51 -25.76 -30.67
N HIS F 98 -12.53 -25.75 -30.72
CA HIS F 98 -12.33 -26.90 -31.59
CA HIS F 98 -12.34 -26.82 -31.70
C HIS F 98 -13.61 -27.73 -31.77
C HIS F 98 -13.59 -27.72 -31.79
N GLN F 99 -13.60 -28.60 -32.79
CA GLN F 99 -14.71 -29.54 -33.03
C GLN F 99 -14.21 -30.88 -33.57
N PHE F 100 -14.44 -31.92 -32.79
CA PHE F 100 -13.97 -33.29 -33.07
C PHE F 100 -14.82 -34.01 -34.13
N ASN F 101 -14.15 -34.77 -35.00
CA ASN F 101 -14.80 -35.56 -36.07
C ASN F 101 -14.07 -36.88 -36.30
N THR F 102 -14.82 -37.96 -36.52
CA THR F 102 -14.24 -39.24 -36.93
C THR F 102 -14.83 -39.46 -38.31
N PRO F 103 -13.97 -39.60 -39.34
CA PRO F 103 -14.53 -39.82 -40.70
C PRO F 103 -15.51 -41.00 -40.83
N ARG F 104 -16.52 -40.82 -41.69
CA ARG F 104 -17.55 -41.84 -41.96
C ARG F 104 -16.99 -43.15 -42.56
N ASP F 105 -15.87 -43.04 -43.26
CA ASP F 105 -15.23 -44.19 -43.88
C ASP F 105 -14.18 -44.87 -42.98
N ASN F 106 -14.08 -44.49 -41.70
CA ASN F 106 -13.16 -45.17 -40.75
C ASN F 106 -13.56 -46.63 -40.66
N GLU F 107 -12.59 -47.54 -40.78
CA GLU F 107 -12.87 -48.98 -40.74
C GLU F 107 -13.45 -49.43 -39.38
N GLY F 108 -13.06 -48.77 -38.30
CA GLY F 108 -13.56 -49.14 -36.98
C GLY F 108 -13.47 -48.05 -35.93
N GLN F 109 -13.17 -48.45 -34.69
CA GLN F 109 -13.09 -47.52 -33.57
C GLN F 109 -11.81 -46.71 -33.61
N THR F 110 -11.89 -45.48 -33.12
CA THR F 110 -10.74 -44.60 -32.99
C THR F 110 -10.51 -44.55 -31.49
N GLU F 111 -9.35 -45.02 -31.06
CA GLU F 111 -9.00 -45.09 -29.63
C GLU F 111 -8.00 -43.99 -29.26
N VAL F 112 -8.27 -43.26 -28.19
CA VAL F 112 -7.38 -42.23 -27.73
C VAL F 112 -7.27 -42.24 -26.22
N ILE F 113 -6.22 -41.59 -25.74
CA ILE F 113 -6.04 -41.36 -24.33
C ILE F 113 -5.64 -39.90 -24.26
N PHE F 114 -6.22 -39.18 -23.31
CA PHE F 114 -5.98 -37.76 -23.22
C PHE F 114 -6.04 -37.25 -21.80
N MSE F 115 -5.45 -36.08 -21.61
CA MSE F 115 -5.51 -35.37 -20.37
C MSE F 115 -6.12 -34.02 -20.69
O MSE F 115 -5.57 -33.28 -21.48
CB MSE F 115 -4.15 -35.19 -19.76
CG MSE F 115 -4.22 -34.34 -18.48
SE MSE F 115 -2.50 -34.26 -17.57
CE MSE F 115 -2.26 -36.20 -17.36
N LEU F 116 -7.25 -33.72 -20.07
CA LEU F 116 -7.92 -32.46 -20.30
C LEU F 116 -7.89 -31.65 -19.02
N SER F 117 -7.45 -30.39 -19.09
CA SER F 117 -7.48 -29.50 -17.95
C SER F 117 -8.55 -28.47 -18.21
N GLY F 118 -9.15 -27.99 -17.15
CA GLY F 118 -10.16 -26.95 -17.25
C GLY F 118 -11.50 -27.53 -17.62
N CYS F 119 -12.24 -26.81 -18.44
CA CYS F 119 -13.57 -27.24 -18.80
C CYS F 119 -13.92 -26.89 -20.25
N ASN F 120 -15.07 -27.38 -20.70
CA ASN F 120 -15.59 -27.13 -22.04
C ASN F 120 -16.79 -26.24 -21.94
N VAL F 121 -16.75 -25.12 -22.65
CA VAL F 121 -17.88 -24.22 -22.69
C VAL F 121 -18.54 -24.49 -24.01
N ASN F 122 -19.82 -24.86 -23.96
CA ASN F 122 -20.55 -25.25 -25.17
C ASN F 122 -21.29 -24.08 -25.79
N PHE F 123 -21.17 -23.94 -27.11
CA PHE F 123 -21.77 -22.85 -27.88
C PHE F 123 -22.47 -23.29 -29.15
N THR F 124 -23.21 -22.33 -29.72
CA THR F 124 -23.85 -22.49 -31.03
C THR F 124 -23.02 -21.70 -32.03
N GLN F 125 -23.21 -21.98 -33.33
CA GLN F 125 -22.51 -21.26 -34.42
C GLN F 125 -22.76 -19.76 -34.30
N ASP F 126 -23.97 -19.42 -33.84
CA ASP F 126 -24.38 -18.04 -33.56
C ASP F 126 -23.38 -17.36 -32.60
N GLY F 127 -22.88 -18.11 -31.61
CA GLY F 127 -21.93 -17.59 -30.63
C GLY F 127 -22.58 -17.27 -29.30
N THR F 128 -23.80 -17.81 -29.08
CA THR F 128 -24.54 -17.61 -27.84
C THR F 128 -24.23 -18.79 -26.92
N TYR F 129 -24.13 -18.50 -25.63
CA TYR F 129 -23.77 -19.49 -24.61
C TYR F 129 -24.86 -20.52 -24.35
N LEU F 130 -24.50 -21.79 -24.31
CA LEU F 130 -25.45 -22.85 -24.05
C LEU F 130 -25.22 -23.58 -22.73
N GLY F 131 -23.98 -23.61 -22.24
CA GLY F 131 -23.68 -24.36 -21.04
C GLY F 131 -22.21 -24.68 -20.88
N LEU F 132 -21.93 -25.63 -19.99
CA LEU F 132 -20.57 -25.90 -19.53
C LEU F 132 -20.33 -27.32 -19.03
N SER F 133 -19.14 -27.84 -19.23
CA SER F 133 -18.79 -29.16 -18.73
C SER F 133 -17.38 -29.10 -18.15
N ASP F 134 -17.26 -29.39 -16.86
CA ASP F 134 -15.97 -29.45 -16.18
C ASP F 134 -15.80 -30.87 -15.70
N ALA F 135 -14.69 -31.17 -15.05
CA ALA F 135 -14.49 -32.50 -14.49
C ALA F 135 -15.65 -32.92 -13.55
N GLY F 136 -16.19 -31.97 -12.78
CA GLY F 136 -17.32 -32.27 -11.88
C GLY F 136 -18.54 -32.84 -12.59
N VAL F 137 -18.90 -32.22 -13.72
CA VAL F 137 -20.04 -32.65 -14.54
C VAL F 137 -19.75 -33.99 -15.20
N ILE F 138 -18.55 -34.16 -15.77
CA ILE F 138 -18.22 -35.43 -16.41
C ILE F 138 -18.12 -36.55 -15.36
N LYS F 139 -17.63 -36.25 -14.16
CA LYS F 139 -17.56 -37.25 -13.10
C LYS F 139 -18.97 -37.65 -12.70
N ASN F 140 -19.90 -36.70 -12.66
CA ASN F 140 -21.29 -37.05 -12.39
C ASN F 140 -21.84 -37.91 -13.54
N TRP F 141 -21.50 -37.59 -14.79
CA TRP F 141 -21.98 -38.38 -15.92
C TRP F 141 -21.45 -39.81 -15.81
N VAL F 142 -20.15 -39.91 -15.52
CA VAL F 142 -19.47 -41.19 -15.33
C VAL F 142 -20.09 -42.02 -14.22
N ASP F 143 -20.31 -41.43 -13.05
CA ASP F 143 -20.87 -42.16 -11.90
C ASP F 143 -22.26 -42.70 -12.12
N ARG F 144 -23.13 -41.92 -12.78
CA ARG F 144 -24.47 -42.41 -13.03
C ARG F 144 -24.50 -43.47 -14.14
N ALA F 145 -23.47 -43.43 -14.99
CA ALA F 145 -23.32 -44.43 -16.04
C ALA F 145 -22.85 -45.76 -15.44
N ILE F 146 -21.97 -45.68 -14.43
CA ILE F 146 -21.51 -46.86 -13.69
C ILE F 146 -22.69 -47.57 -13.04
N ARG F 147 -23.60 -46.80 -12.44
CA ARG F 147 -24.80 -47.37 -11.80
C ARG F 147 -25.80 -47.91 -12.81
N GLU F 148 -26.13 -47.10 -13.82
CA GLU F 148 -27.07 -47.46 -14.88
C GLU F 148 -26.61 -48.63 -15.73
N GLN F 149 -25.34 -48.67 -16.07
CA GLN F 149 -24.81 -49.77 -16.87
C GLN F 149 -24.24 -50.90 -16.00
N ASP F 150 -24.41 -50.78 -14.68
CA ASP F 150 -23.91 -51.78 -13.75
C ASP F 150 -22.46 -52.17 -13.96
N ASN F 151 -21.65 -51.17 -14.28
CA ASN F 151 -20.25 -51.39 -14.58
C ASN F 151 -19.49 -51.37 -13.27
N GLY F 152 -18.68 -52.40 -13.05
CA GLY F 152 -17.96 -52.52 -11.79
C GLY F 152 -16.57 -51.93 -11.79
N LEU F 153 -16.28 -51.09 -12.77
CA LEU F 153 -14.96 -50.52 -12.91
C LEU F 153 -14.70 -49.56 -11.75
N ARG F 154 -13.43 -49.28 -11.54
CA ARG F 154 -13.03 -48.35 -10.53
C ARG F 154 -12.05 -47.39 -11.21
N TYR F 155 -12.04 -46.13 -10.78
CA TYR F 155 -11.16 -45.14 -11.36
C TYR F 155 -10.64 -44.28 -10.22
N ILE F 156 -9.53 -43.61 -10.44
CA ILE F 156 -8.91 -42.83 -9.37
C ILE F 156 -9.57 -41.46 -9.26
N ALA F 157 -9.91 -41.04 -8.06
CA ALA F 157 -10.54 -39.72 -7.84
C ALA F 157 -9.84 -38.93 -6.72
N ALA F 158 -9.73 -37.63 -6.93
CA ALA F 158 -9.09 -36.73 -5.97
C ALA F 158 -10.21 -36.09 -5.18
N ALA F 159 -10.25 -36.31 -3.87
CA ALA F 159 -11.31 -35.71 -3.06
C ALA F 159 -10.99 -34.23 -2.88
N VAL F 160 -12.00 -33.46 -2.54
CA VAL F 160 -11.82 -32.04 -2.33
C VAL F 160 -10.95 -31.84 -1.10
N PRO F 161 -10.03 -30.89 -1.16
CA PRO F 161 -9.26 -30.57 0.05
C PRO F 161 -10.17 -30.19 1.20
N THR F 162 -9.63 -30.30 2.41
CA THR F 162 -10.37 -29.99 3.65
C THR F 162 -9.43 -29.51 4.72
N TYR F 163 -9.97 -29.08 5.84
CA TYR F 163 -9.14 -28.71 6.96
C TYR F 163 -8.35 -29.94 7.37
N ALA F 164 -7.08 -29.77 7.66
CA ALA F 164 -6.21 -30.87 8.04
C ALA F 164 -6.64 -31.42 9.41
N ALA F 165 -6.69 -32.75 9.51
CA ALA F 165 -7.07 -33.44 10.75
C ALA F 165 -6.11 -33.06 11.87
N LYS G 9 20.18 -12.76 -13.96
CA LYS G 9 19.42 -12.00 -12.91
C LYS G 9 18.03 -12.63 -12.61
N LEU G 10 17.53 -12.39 -11.40
CA LEU G 10 16.23 -12.93 -10.99
C LEU G 10 15.06 -12.23 -11.61
N LEU G 11 13.98 -12.97 -11.83
CA LEU G 11 12.76 -12.44 -12.40
C LEU G 11 11.98 -11.87 -11.24
N THR G 12 12.01 -10.55 -11.14
CA THR G 12 11.48 -9.84 -9.98
C THR G 12 10.59 -8.65 -10.36
N VAL G 13 9.55 -8.40 -9.58
CA VAL G 13 8.58 -7.31 -9.86
C VAL G 13 8.22 -6.61 -8.58
N ASP G 14 8.63 -5.34 -8.46
CA ASP G 14 8.35 -4.51 -7.27
C ASP G 14 7.00 -3.80 -7.48
N THR G 15 5.97 -4.21 -6.75
CA THR G 15 4.64 -3.63 -6.93
C THR G 15 4.50 -2.22 -6.40
N THR G 16 5.54 -1.68 -5.77
CA THR G 16 5.52 -0.29 -5.28
C THR G 16 6.28 0.66 -6.19
N ALA G 17 6.99 0.16 -7.19
CA ALA G 17 7.78 1.05 -8.06
C ALA G 17 6.95 1.71 -9.17
N HIS G 18 5.70 1.32 -9.31
CA HIS G 18 4.84 1.90 -10.32
C HIS G 18 3.43 1.80 -9.81
N PRO G 19 2.53 2.65 -10.33
CA PRO G 19 1.17 2.58 -9.84
C PRO G 19 0.46 1.38 -10.44
N PHE G 20 -0.61 0.97 -9.79
CA PHE G 20 -1.40 -0.14 -10.32
C PHE G 20 -2.10 0.28 -11.63
N LEU G 21 -2.46 -0.72 -12.42
CA LEU G 21 -3.23 -0.51 -13.63
C LEU G 21 -4.65 -0.23 -13.14
N LYS G 22 -5.21 0.90 -13.53
CA LYS G 22 -6.50 1.34 -13.01
C LYS G 22 -7.72 0.81 -13.75
N ALA G 23 -8.73 0.43 -12.98
CA ALA G 23 -10.05 0.04 -13.48
C ALA G 23 -10.03 -1.10 -14.48
N LEU G 24 -9.86 -2.32 -13.99
CA LEU G 24 -9.85 -3.50 -14.83
C LEU G 24 -11.17 -3.63 -15.57
N GLY G 25 -11.08 -3.85 -16.89
CA GLY G 25 -12.25 -3.97 -17.76
C GLY G 25 -13.22 -2.79 -17.69
N GLY G 26 -12.69 -1.59 -17.47
CA GLY G 26 -13.51 -0.41 -17.30
C GLY G 26 -14.24 -0.31 -15.97
N HIS G 27 -13.99 -1.24 -15.04
CA HIS G 27 -14.63 -1.21 -13.71
C HIS G 27 -13.80 -0.40 -12.72
N GLU G 28 -14.22 0.84 -12.53
CA GLU G 28 -13.63 1.73 -11.56
C GLU G 28 -13.64 1.07 -10.18
N GLY G 29 -12.57 1.25 -9.42
CA GLY G 29 -12.45 0.69 -8.06
C GLY G 29 -11.65 -0.59 -7.97
N THR G 30 -11.54 -1.32 -9.08
CA THR G 30 -10.74 -2.53 -9.15
C THR G 30 -9.47 -2.17 -9.90
N ASP G 31 -8.34 -2.16 -9.18
CA ASP G 31 -7.03 -1.87 -9.74
C ASP G 31 -6.19 -3.11 -9.56
N ILE G 32 -5.29 -3.38 -10.51
CA ILE G 32 -4.43 -4.57 -10.41
C ILE G 32 -2.98 -4.28 -10.78
N PHE G 33 -2.10 -5.20 -10.34
CA PHE G 33 -0.69 -5.16 -10.69
C PHE G 33 -0.36 -6.61 -11.06
N PRO G 34 0.00 -6.85 -12.33
CA PRO G 34 0.30 -8.20 -12.76
C PRO G 34 1.68 -8.62 -12.33
N LEU G 35 1.80 -9.86 -11.89
CA LEU G 35 3.09 -10.40 -11.46
C LEU G 35 3.56 -11.46 -12.44
N PHE G 36 2.78 -12.51 -12.59
CA PHE G 36 3.14 -13.63 -13.42
C PHE G 36 1.92 -14.07 -14.19
N MSE G 37 2.05 -14.23 -15.51
CA MSE G 37 0.93 -14.63 -16.34
C MSE G 37 1.29 -15.70 -17.36
O MSE G 37 2.23 -15.53 -18.13
CB MSE G 37 0.39 -13.41 -17.06
CG MSE G 37 0.09 -12.35 -16.09
SE MSE G 37 -1.13 -11.13 -16.75
CE MSE G 37 -2.72 -12.28 -16.93
N ASP G 38 0.52 -16.78 -17.34
CA ASP G 38 0.75 -17.90 -18.22
C ASP G 38 -0.58 -18.31 -18.84
N PRO G 39 -0.95 -17.68 -19.96
CA PRO G 39 -2.18 -18.01 -20.64
C PRO G 39 -2.28 -19.46 -21.14
N TYR G 40 -1.14 -20.07 -21.44
CA TYR G 40 -1.13 -21.40 -22.06
C TYR G 40 -1.37 -22.47 -21.03
N ASN G 41 -0.87 -22.24 -19.83
CA ASN G 41 -1.07 -23.16 -18.74
C ASN G 41 -2.27 -22.71 -17.89
N GLY G 42 -2.88 -21.59 -18.27
CA GLY G 42 -4.05 -21.02 -17.58
C GLY G 42 -3.78 -20.69 -16.12
N LEU G 43 -2.73 -19.92 -15.87
CA LEU G 43 -2.34 -19.55 -14.50
C LEU G 43 -1.91 -18.11 -14.43
N MSE G 44 -2.36 -17.39 -13.40
CA MSE G 44 -1.96 -15.99 -13.23
C MSE G 44 -1.83 -15.68 -11.77
O MSE G 44 -2.65 -16.09 -10.95
CB MSE G 44 -2.93 -15.00 -13.92
CG MSE G 44 -4.24 -14.80 -13.25
SE MSE G 44 -5.47 -13.70 -14.28
CE MSE G 44 -6.51 -15.08 -15.21
N VAL G 45 -0.76 -14.95 -11.43
CA VAL G 45 -0.51 -14.54 -10.07
C VAL G 45 -0.55 -13.03 -10.13
N MSE G 46 -1.47 -12.40 -9.38
CA MSE G 46 -1.68 -10.96 -9.45
C MSE G 46 -1.91 -10.29 -8.10
O MSE G 46 -2.32 -10.94 -7.16
CB MSE G 46 -2.99 -10.71 -10.17
CG MSE G 46 -3.25 -11.52 -11.43
SE MSE G 46 -2.30 -10.94 -13.03
CE MSE G 46 -0.56 -11.63 -12.87
N ARG G 47 -1.66 -8.99 -8.03
CA ARG G 47 -2.05 -8.17 -6.90
C ARG G 47 -3.24 -7.33 -7.28
N ALA G 48 -4.21 -7.23 -6.39
CA ALA G 48 -5.42 -6.46 -6.68
C ALA G 48 -5.75 -5.60 -5.50
N SER G 49 -6.22 -4.39 -5.80
CA SER G 49 -6.55 -3.36 -4.82
C SER G 49 -8.02 -2.90 -5.01
N PHE G 50 -8.86 -3.08 -4.00
CA PHE G 50 -10.30 -2.79 -4.15
C PHE G 50 -10.83 -1.65 -3.29
N ALA G 51 -11.64 -0.77 -3.90
CA ALA G 51 -12.27 0.32 -3.18
C ALA G 51 -13.42 -0.17 -2.32
N PRO G 52 -13.90 0.68 -1.39
CA PRO G 52 -15.06 0.29 -0.58
C PRO G 52 -16.38 0.31 -1.34
N GLY G 53 -17.29 -0.57 -0.95
CA GLY G 53 -18.64 -0.63 -1.53
C GLY G 53 -18.82 -1.34 -2.85
N LEU G 54 -17.86 -2.16 -3.27
CA LEU G 54 -17.96 -2.83 -4.57
C LEU G 54 -18.70 -4.15 -4.49
N THR G 55 -19.29 -4.54 -5.62
CA THR G 55 -19.90 -5.86 -5.81
C THR G 55 -19.57 -6.28 -7.24
N LEU G 56 -18.66 -7.24 -7.37
CA LEU G 56 -18.27 -7.73 -8.68
C LEU G 56 -19.27 -8.76 -9.24
N PRO G 57 -19.13 -9.12 -10.52
CA PRO G 57 -20.01 -10.15 -11.06
C PRO G 57 -19.71 -11.57 -10.60
N LEU G 58 -20.71 -12.43 -10.69
CA LEU G 58 -20.57 -13.83 -10.35
C LEU G 58 -19.52 -14.49 -11.22
N HIS G 59 -18.54 -15.11 -10.57
CA HIS G 59 -17.43 -15.82 -11.21
C HIS G 59 -17.52 -17.34 -10.96
N PHE G 60 -17.71 -18.13 -12.01
CA PHE G 60 -17.62 -19.59 -11.90
C PHE G 60 -16.16 -19.94 -12.20
N HIS G 61 -15.50 -20.65 -11.29
CA HIS G 61 -14.09 -21.03 -11.49
C HIS G 61 -13.93 -22.41 -12.09
N THR G 62 -13.21 -22.48 -13.20
CA THR G 62 -12.92 -23.76 -13.81
C THR G 62 -11.77 -24.46 -13.08
N GLY G 63 -10.93 -23.69 -12.38
CA GLY G 63 -9.77 -24.20 -11.61
C GLY G 63 -9.63 -23.61 -10.20
N THR G 64 -8.51 -23.90 -9.52
CA THR G 64 -8.33 -23.47 -8.12
C THR G 64 -7.92 -22.02 -7.93
N VAL G 65 -8.24 -21.46 -6.77
CA VAL G 65 -7.86 -20.08 -6.41
C VAL G 65 -7.22 -20.11 -5.04
N HIS G 66 -6.03 -19.52 -4.94
CA HIS G 66 -5.31 -19.37 -3.68
C HIS G 66 -5.31 -17.90 -3.44
N MSE G 67 -6.00 -17.45 -2.38
CA MSE G 67 -6.16 -16.01 -2.11
C MSE G 67 -5.65 -15.61 -0.72
O MSE G 67 -5.97 -16.27 0.27
CB MSE G 67 -7.65 -15.70 -2.19
CG MSE G 67 -8.04 -14.26 -1.92
SE MSE G 67 -8.34 -13.24 -3.52
CE MSE G 67 -9.74 -14.39 -4.24
N TYR G 68 -4.88 -14.52 -0.66
CA TYR G 68 -4.39 -14.02 0.63
C TYR G 68 -4.74 -12.56 0.75
N THR G 69 -5.42 -12.20 1.83
CA THR G 69 -5.85 -10.83 2.05
C THR G 69 -4.79 -10.13 2.86
N ILE G 70 -4.16 -9.13 2.26
CA ILE G 70 -3.10 -8.34 2.90
C ILE G 70 -3.68 -7.31 3.87
N SER G 71 -4.73 -6.62 3.43
CA SER G 71 -5.40 -5.64 4.29
C SER G 71 -6.81 -5.36 3.85
N GLY G 72 -7.56 -4.69 4.71
CA GLY G 72 -8.92 -4.31 4.40
C GLY G 72 -9.87 -5.43 4.72
N CYS G 73 -10.91 -5.56 3.91
CA CYS G 73 -11.94 -6.54 4.17
C CYS G 73 -12.93 -6.79 3.02
N TRP G 74 -13.13 -8.06 2.73
CA TRP G 74 -14.05 -8.46 1.68
C TRP G 74 -14.76 -9.74 2.05
N TYR G 75 -15.81 -10.04 1.30
CA TYR G 75 -16.56 -11.24 1.53
C TYR G 75 -17.32 -11.69 0.29
N TYR G 76 -17.64 -12.97 0.28
CA TYR G 76 -18.45 -13.53 -0.77
C TYR G 76 -19.93 -13.39 -0.36
N THR G 77 -20.76 -13.07 -1.34
CA THR G 77 -22.18 -12.85 -1.09
C THR G 77 -22.82 -13.92 -0.27
N GLU G 78 -22.49 -15.17 -0.58
CA GLU G 78 -23.13 -16.31 0.02
C GLU G 78 -22.48 -16.79 1.33
N TYR G 79 -21.38 -16.16 1.73
CA TYR G 79 -20.68 -16.47 2.98
C TYR G 79 -20.33 -15.16 3.72
N PRO G 80 -21.35 -14.37 4.05
CA PRO G 80 -21.11 -13.07 4.70
C PRO G 80 -20.54 -13.16 6.14
N GLY G 81 -20.69 -14.31 6.79
CA GLY G 81 -20.13 -14.52 8.12
C GLY G 81 -18.70 -15.03 8.13
N GLN G 82 -18.06 -15.14 6.97
CA GLN G 82 -16.66 -15.56 6.87
C GLN G 82 -15.94 -14.48 6.06
N LYS G 83 -15.93 -13.27 6.60
CA LYS G 83 -15.27 -12.13 5.97
C LYS G 83 -13.77 -12.33 5.93
N GLN G 84 -13.14 -11.81 4.88
CA GLN G 84 -11.70 -11.95 4.72
C GLN G 84 -11.02 -10.66 5.09
N THR G 85 -10.18 -10.70 6.12
CA THR G 85 -9.47 -9.53 6.61
C THR G 85 -7.97 -9.80 6.60
N ALA G 86 -7.20 -8.85 7.13
CA ALA G 86 -5.74 -8.93 7.13
C ALA G 86 -5.25 -10.27 7.64
N GLY G 87 -4.38 -10.90 6.87
CA GLY G 87 -3.77 -12.19 7.23
C GLY G 87 -4.57 -13.43 6.93
N CYS G 88 -5.73 -13.26 6.29
CA CYS G 88 -6.58 -14.40 5.96
C CYS G 88 -6.25 -15.06 4.63
N TYR G 89 -6.34 -16.38 4.61
CA TYR G 89 -6.10 -17.16 3.40
C TYR G 89 -7.34 -17.93 3.06
N LEU G 90 -7.63 -18.03 1.78
CA LEU G 90 -8.78 -18.75 1.30
C LEU G 90 -8.34 -19.66 0.17
N TYR G 91 -8.81 -20.89 0.18
CA TYR G 91 -8.59 -21.85 -0.91
C TYR G 91 -9.96 -22.13 -1.50
N GLU G 92 -10.10 -21.88 -2.80
CA GLU G 92 -11.34 -22.16 -3.52
C GLU G 92 -11.10 -23.27 -4.53
N PRO G 93 -11.84 -24.37 -4.45
CA PRO G 93 -11.61 -25.36 -5.48
C PRO G 93 -12.34 -25.02 -6.75
N GLY G 94 -11.95 -25.65 -7.84
CA GLY G 94 -12.61 -25.43 -9.09
C GLY G 94 -14.04 -25.99 -9.00
N GLY G 95 -14.93 -25.37 -9.77
CA GLY G 95 -16.32 -25.77 -9.82
C GLY G 95 -17.19 -24.91 -8.92
N SER G 96 -16.55 -24.02 -8.18
CA SER G 96 -17.25 -23.16 -7.25
C SER G 96 -17.56 -21.84 -7.93
N ILE G 97 -18.72 -21.27 -7.57
CA ILE G 97 -19.16 -20.00 -8.10
C ILE G 97 -19.31 -19.04 -6.92
N HIS G 98 -18.77 -17.84 -7.05
CA HIS G 98 -18.80 -16.84 -5.97
C HIS G 98 -18.98 -15.42 -6.47
N GLN G 99 -19.32 -14.52 -5.55
CA GLN G 99 -19.50 -13.10 -5.85
C GLN G 99 -18.77 -12.25 -4.83
N PHE G 100 -17.74 -11.55 -5.29
CA PHE G 100 -16.89 -10.72 -4.45
C PHE G 100 -17.57 -9.40 -4.06
N ASN G 101 -17.38 -8.98 -2.81
CA ASN G 101 -17.88 -7.69 -2.31
C ASN G 101 -16.88 -7.04 -1.32
N THR G 102 -16.87 -5.71 -1.29
CA THR G 102 -16.13 -4.96 -0.27
C THR G 102 -17.20 -4.13 0.40
N PRO G 103 -17.33 -4.22 1.73
CA PRO G 103 -18.31 -3.41 2.44
C PRO G 103 -18.15 -1.90 2.19
N ARG G 104 -19.27 -1.19 2.10
CA ARG G 104 -19.32 0.27 1.94
C ARG G 104 -18.64 0.99 3.10
N ASP G 105 -18.62 0.37 4.29
CA ASP G 105 -18.01 1.01 5.48
C ASP G 105 -16.50 0.84 5.59
N ASN G 106 -15.85 0.06 4.73
CA ASN G 106 -14.41 -0.12 4.84
C ASN G 106 -13.69 1.23 5.00
N GLU G 107 -12.70 1.28 5.87
CA GLU G 107 -11.93 2.53 6.06
C GLU G 107 -11.29 3.01 4.74
N GLY G 108 -10.86 2.06 3.91
CA GLY G 108 -10.20 2.39 2.65
C GLY G 108 -10.05 1.21 1.69
N GLN G 109 -8.82 0.97 1.23
CA GLN G 109 -8.58 -0.07 0.25
C GLN G 109 -8.52 -1.46 0.86
N THR G 110 -8.86 -2.45 0.03
CA THR G 110 -8.72 -3.86 0.41
C THR G 110 -7.67 -4.40 -0.55
N GLU G 111 -6.61 -4.96 -0.02
CA GLU G 111 -5.50 -5.44 -0.83
C GLU G 111 -5.39 -6.95 -0.84
N VAL G 112 -5.41 -7.59 -2.00
CA VAL G 112 -5.20 -9.03 -2.05
C VAL G 112 -4.11 -9.42 -3.03
N ILE G 113 -3.59 -10.63 -2.86
CA ILE G 113 -2.66 -11.24 -3.79
C ILE G 113 -3.27 -12.64 -3.97
N PHE G 114 -3.26 -13.12 -5.20
CA PHE G 114 -3.82 -14.42 -5.46
C PHE G 114 -3.26 -15.09 -6.67
N MSE G 115 -3.50 -16.39 -6.73
CA MSE G 115 -3.16 -17.19 -7.86
C MSE G 115 -4.43 -17.88 -8.31
O MSE G 115 -4.99 -18.69 -7.59
CB MSE G 115 -2.14 -18.24 -7.49
CG MSE G 115 -1.82 -19.15 -8.66
SE MSE G 115 -0.45 -20.45 -8.23
CE MSE G 115 0.95 -19.21 -7.64
N LEU G 116 -4.86 -17.53 -9.52
CA LEU G 116 -6.02 -18.12 -10.13
C LEU G 116 -5.56 -19.07 -11.26
N SER G 117 -5.96 -20.34 -11.16
CA SER G 117 -5.72 -21.28 -12.23
C SER G 117 -7.01 -21.43 -13.00
N GLY G 118 -6.88 -21.71 -14.29
CA GLY G 118 -8.05 -21.89 -15.14
C GLY G 118 -8.65 -20.57 -15.56
N CYS G 119 -9.95 -20.59 -15.83
CA CYS G 119 -10.66 -19.47 -16.36
C CYS G 119 -11.95 -19.26 -15.60
N ASN G 120 -12.39 -18.01 -15.61
CA ASN G 120 -13.64 -17.61 -14.98
C ASN G 120 -14.70 -17.42 -16.05
N VAL G 121 -15.87 -18.00 -15.82
CA VAL G 121 -17.01 -17.79 -16.70
C VAL G 121 -17.80 -16.81 -15.86
N ASN G 122 -18.25 -15.73 -16.49
CA ASN G 122 -18.95 -14.66 -15.77
C ASN G 122 -20.41 -14.60 -16.06
N PHE G 123 -21.21 -14.46 -15.00
CA PHE G 123 -22.65 -14.42 -15.09
C PHE G 123 -23.18 -13.22 -14.30
N THR G 124 -24.38 -12.76 -14.68
CA THR G 124 -25.08 -11.74 -13.92
C THR G 124 -25.85 -12.53 -12.82
N GLN G 125 -26.46 -11.85 -11.83
CA GLN G 125 -27.17 -12.57 -10.74
C GLN G 125 -28.25 -13.50 -11.26
N ASP G 126 -28.87 -13.09 -12.37
CA ASP G 126 -29.90 -13.89 -13.02
C ASP G 126 -29.36 -15.01 -13.92
N GLY G 127 -28.04 -15.14 -14.01
CA GLY G 127 -27.42 -16.18 -14.82
C GLY G 127 -27.25 -15.87 -16.30
N THR G 128 -27.11 -14.60 -16.65
CA THR G 128 -26.83 -14.28 -18.06
C THR G 128 -25.33 -14.32 -18.23
N TYR G 129 -24.87 -15.11 -19.19
CA TYR G 129 -23.45 -15.24 -19.50
C TYR G 129 -22.87 -13.89 -19.96
N LEU G 130 -21.86 -13.40 -19.26
CA LEU G 130 -21.21 -12.13 -19.59
C LEU G 130 -19.94 -12.35 -20.38
N GLY G 131 -19.25 -13.47 -20.16
CA GLY G 131 -18.06 -13.75 -20.91
C GLY G 131 -17.04 -14.55 -20.13
N LEU G 132 -15.92 -14.78 -20.79
CA LEU G 132 -14.82 -15.55 -20.25
C LEU G 132 -13.67 -14.67 -19.84
N SER G 133 -13.02 -15.01 -18.74
CA SER G 133 -11.86 -14.28 -18.31
C SER G 133 -10.75 -15.22 -17.90
N ASP G 134 -9.92 -15.59 -18.88
CA ASP G 134 -8.74 -16.43 -18.65
C ASP G 134 -7.51 -15.51 -18.61
N ALA G 135 -6.34 -16.07 -18.30
CA ALA G 135 -5.10 -15.30 -18.26
C ALA G 135 -4.83 -14.60 -19.57
N GLY G 136 -5.28 -15.15 -20.68
CA GLY G 136 -5.10 -14.56 -22.00
C GLY G 136 -5.86 -13.25 -22.14
N VAL G 137 -7.13 -13.25 -21.74
CA VAL G 137 -8.00 -12.08 -21.81
C VAL G 137 -7.48 -10.94 -20.94
N ILE G 138 -7.11 -11.29 -19.72
CA ILE G 138 -6.58 -10.33 -18.76
C ILE G 138 -5.23 -9.76 -19.23
N LYS G 139 -4.37 -10.62 -19.76
CA LYS G 139 -3.10 -10.17 -20.29
C LYS G 139 -3.32 -9.16 -21.39
N ASN G 140 -4.28 -9.42 -22.28
CA ASN G 140 -4.60 -8.47 -23.34
C ASN G 140 -5.05 -7.13 -22.75
N TRP G 141 -5.81 -7.17 -21.66
CA TRP G 141 -6.26 -5.93 -21.04
C TRP G 141 -5.06 -5.20 -20.43
N VAL G 142 -4.21 -5.96 -19.76
CA VAL G 142 -3.02 -5.45 -19.10
C VAL G 142 -2.04 -4.79 -20.04
N ASP G 143 -1.76 -5.43 -21.18
CA ASP G 143 -0.85 -4.82 -22.16
C ASP G 143 -1.42 -3.54 -22.77
N ARG G 144 -2.73 -3.53 -22.95
CA ARG G 144 -3.46 -2.38 -23.45
C ARG G 144 -3.45 -1.27 -22.38
N ALA G 145 -3.67 -1.64 -21.12
CA ALA G 145 -3.70 -0.66 -20.02
C ALA G 145 -2.32 -0.07 -19.75
N ILE G 146 -1.26 -0.88 -19.85
CA ILE G 146 0.11 -0.37 -19.70
C ILE G 146 0.40 0.77 -20.68
N ARG G 147 -0.05 0.58 -21.92
CA ARG G 147 0.11 1.55 -22.99
C ARG G 147 -0.76 2.78 -22.75
N GLU G 148 -2.06 2.58 -22.61
CA GLU G 148 -3.00 3.68 -22.41
C GLU G 148 -2.79 4.47 -21.13
N GLN G 149 -2.41 3.80 -20.04
CA GLN G 149 -2.15 4.50 -18.77
C GLN G 149 -0.68 4.98 -18.65
N ASP G 150 0.11 4.73 -19.69
CA ASP G 150 1.50 5.14 -19.75
C ASP G 150 2.23 4.73 -18.47
N ASN G 151 2.14 3.43 -18.19
CA ASN G 151 2.72 2.88 -17.00
C ASN G 151 4.02 2.20 -17.38
N GLY G 152 5.03 2.35 -16.53
CA GLY G 152 6.32 1.76 -16.79
C GLY G 152 6.60 0.46 -16.08
N LEU G 153 5.57 -0.22 -15.57
CA LEU G 153 5.78 -1.47 -14.86
C LEU G 153 6.11 -2.56 -15.87
N ARG G 154 6.68 -3.65 -15.36
CA ARG G 154 6.99 -4.85 -16.15
C ARG G 154 6.48 -6.04 -15.33
N TYR G 155 6.11 -7.12 -16.01
CA TYR G 155 5.62 -8.33 -15.33
C TYR G 155 6.17 -9.56 -16.05
N ILE G 156 6.00 -10.73 -15.44
CA ILE G 156 6.56 -11.97 -16.00
C ILE G 156 5.51 -12.67 -16.81
N ALA G 157 5.88 -13.10 -18.01
CA ALA G 157 4.95 -13.76 -18.88
C ALA G 157 5.60 -14.99 -19.47
N ALA G 158 4.81 -16.05 -19.57
CA ALA G 158 5.28 -17.32 -20.14
C ALA G 158 4.86 -17.27 -21.59
N ALA G 159 5.81 -17.52 -22.51
CA ALA G 159 5.51 -17.48 -23.95
C ALA G 159 4.81 -18.78 -24.40
N VAL G 160 4.39 -18.81 -25.67
CA VAL G 160 3.64 -19.92 -26.17
C VAL G 160 4.54 -21.09 -26.51
N PRO G 161 4.09 -22.33 -26.22
CA PRO G 161 4.89 -23.44 -26.68
C PRO G 161 4.95 -23.53 -28.21
N THR G 162 6.05 -24.05 -28.74
CA THR G 162 6.28 -24.18 -30.17
C THR G 162 7.15 -25.38 -30.38
N TYR G 163 7.55 -25.66 -31.60
CA TYR G 163 8.45 -26.78 -31.81
C TYR G 163 9.84 -26.40 -31.29
N ALA G 164 10.53 -27.37 -30.71
CA ALA G 164 11.86 -27.16 -30.13
C ALA G 164 12.88 -26.69 -31.17
N ALA G 165 13.80 -25.80 -30.75
CA ALA G 165 14.86 -25.30 -31.63
C ALA G 165 15.80 -26.45 -32.07
N GLU H 8 -22.43 -25.94 3.15
CA GLU H 8 -20.94 -26.00 3.25
C GLU H 8 -20.31 -24.66 3.65
N LYS H 9 -18.99 -24.67 3.90
CA LYS H 9 -18.28 -23.45 4.31
C LYS H 9 -16.97 -23.28 3.56
N LEU H 10 -16.47 -22.06 3.57
CA LEU H 10 -15.24 -21.72 2.89
C LEU H 10 -14.06 -22.36 3.60
N LEU H 11 -13.06 -22.79 2.82
CA LEU H 11 -11.82 -23.32 3.40
C LEU H 11 -10.91 -22.10 3.63
N THR H 12 -11.11 -21.44 4.77
CA THR H 12 -10.39 -20.21 5.12
C THR H 12 -9.54 -20.37 6.38
N VAL H 13 -8.40 -19.68 6.42
CA VAL H 13 -7.48 -19.74 7.55
C VAL H 13 -7.05 -18.32 7.86
N ASP H 14 -7.15 -17.91 9.13
CA ASP H 14 -6.74 -16.55 9.57
C ASP H 14 -5.41 -16.60 10.32
N THR H 15 -4.33 -16.16 9.67
CA THR H 15 -2.99 -16.23 10.26
C THR H 15 -2.76 -15.32 11.48
N THR H 16 -3.64 -14.36 11.72
CA THR H 16 -3.54 -13.48 12.89
C THR H 16 -4.37 -14.01 14.08
N ALA H 17 -5.04 -15.15 13.91
CA ALA H 17 -5.91 -15.74 14.94
C ALA H 17 -5.20 -16.75 15.87
N HIS H 18 -3.98 -17.14 15.50
CA HIS H 18 -3.17 -18.07 16.29
C HIS H 18 -1.72 -17.68 16.06
N PRO H 19 -0.83 -18.05 16.98
CA PRO H 19 0.55 -17.73 16.75
C PRO H 19 1.14 -18.64 15.69
N PHE H 20 2.24 -18.22 15.10
CA PHE H 20 2.95 -19.01 14.12
C PHE H 20 3.61 -20.18 14.82
N LEU H 21 3.82 -21.26 14.09
CA LEU H 21 4.55 -22.39 14.63
C LEU H 21 6.00 -21.89 14.70
N LYS H 22 6.66 -22.13 15.82
CA LYS H 22 8.02 -21.63 16.08
C LYS H 22 9.16 -22.60 15.73
N ALA H 23 10.21 -22.06 15.11
CA ALA H 23 11.43 -22.80 14.80
C ALA H 23 11.26 -24.04 13.92
N LEU H 24 10.89 -23.80 12.66
CA LEU H 24 10.74 -24.85 11.66
C LEU H 24 12.02 -25.65 11.64
N GLY H 25 11.87 -26.97 11.67
CA GLY H 25 13.00 -27.89 11.74
C GLY H 25 14.03 -27.53 12.81
N GLY H 26 13.58 -27.01 13.94
CA GLY H 26 14.47 -26.61 15.01
C GLY H 26 15.35 -25.39 14.76
N HIS H 27 15.12 -24.70 13.65
CA HIS H 27 15.93 -23.53 13.31
C HIS H 27 15.33 -22.28 13.91
N GLU H 28 15.97 -21.77 14.95
CA GLU H 28 15.50 -20.55 15.58
C GLU H 28 15.36 -19.38 14.61
N GLY H 29 14.29 -18.61 14.76
CA GLY H 29 14.06 -17.45 13.91
C GLY H 29 13.14 -17.70 12.72
N THR H 30 13.02 -18.96 12.30
CA THR H 30 12.16 -19.31 11.19
C THR H 30 10.87 -19.85 11.72
N ASP H 31 9.83 -19.03 11.68
CA ASP H 31 8.50 -19.41 12.15
C ASP H 31 7.58 -19.45 10.95
N ILE H 32 6.62 -20.35 10.95
CA ILE H 32 5.71 -20.54 9.80
C ILE H 32 4.24 -20.73 10.18
N PHE H 33 3.35 -20.34 9.27
CA PHE H 33 1.91 -20.59 9.43
C PHE H 33 1.48 -21.31 8.16
N PRO H 34 1.14 -22.59 8.26
CA PRO H 34 0.76 -23.32 7.08
C PRO H 34 -0.62 -22.89 6.57
N LEU H 35 -0.79 -22.86 5.25
CA LEU H 35 -2.05 -22.47 4.64
C LEU H 35 -2.68 -23.61 3.86
N PHE H 36 -1.91 -24.17 2.91
CA PHE H 36 -2.35 -25.25 2.04
C PHE H 36 -1.21 -26.20 1.80
N MSE H 37 -1.46 -27.49 1.98
CA MSE H 37 -0.42 -28.49 1.81
C MSE H 37 -0.91 -29.68 1.01
O MSE H 37 -1.91 -30.29 1.35
CB MSE H 37 0.07 -28.97 3.18
CG MSE H 37 0.36 -27.83 4.10
SE MSE H 37 1.87 -28.16 5.19
CE MSE H 37 3.19 -27.86 3.81
N ASP H 38 -0.18 -30.00 -0.06
CA ASP H 38 -0.53 -31.08 -0.97
C ASP H 38 0.73 -31.87 -1.26
N PRO H 39 1.01 -32.87 -0.42
CA PRO H 39 2.17 -33.72 -0.63
C PRO H 39 2.09 -34.55 -1.90
N TYR H 40 0.89 -34.75 -2.43
CA TYR H 40 0.69 -35.68 -3.55
C TYR H 40 0.90 -34.99 -4.90
N ASN H 41 0.53 -33.72 -5.01
CA ASN H 41 0.88 -32.95 -6.20
C ASN H 41 2.22 -32.30 -5.98
N GLY H 42 2.66 -32.24 -4.73
CA GLY H 42 3.93 -31.64 -4.38
C GLY H 42 3.85 -30.11 -4.43
N LEU H 43 3.05 -29.54 -3.54
CA LEU H 43 2.78 -28.13 -3.53
C LEU H 43 2.47 -27.70 -2.10
N MSE H 44 2.91 -26.51 -1.74
CA MSE H 44 2.56 -25.98 -0.46
C MSE H 44 2.49 -24.46 -0.53
O MSE H 44 3.30 -23.82 -1.23
CB MSE H 44 3.52 -26.47 0.64
CG MSE H 44 4.86 -25.84 0.67
SE MSE H 44 6.06 -26.76 1.90
CE MSE H 44 6.88 -27.96 0.61
N VAL H 45 1.50 -23.89 0.14
CA VAL H 45 1.38 -22.45 0.23
C VAL H 45 1.51 -22.21 1.71
N MSE H 46 2.48 -21.37 2.06
CA MSE H 46 2.79 -21.07 3.45
C MSE H 46 3.04 -19.60 3.59
O MSE H 46 3.28 -18.85 2.63
CB MSE H 46 4.09 -21.76 3.88
CG MSE H 46 4.25 -23.21 3.38
SE MSE H 46 3.17 -24.52 4.32
CE MSE H 46 4.47 -24.96 5.65
N ARG H 47 3.09 -19.22 4.85
CA ARG H 47 3.32 -17.89 5.27
C ARG H 47 4.54 -18.07 6.20
N ALA H 48 5.53 -17.17 6.15
CA ALA H 48 6.74 -17.30 7.01
C ALA H 48 7.19 -15.95 7.60
N SER H 49 7.80 -16.05 8.78
CA SER H 49 8.27 -14.92 9.57
C SER H 49 9.70 -15.19 10.00
N PHE H 50 10.63 -14.40 9.50
CA PHE H 50 12.05 -14.58 9.79
C PHE H 50 12.59 -13.43 10.63
N ALA H 51 13.37 -13.77 11.64
CA ALA H 51 14.03 -12.79 12.51
C ALA H 51 15.25 -12.27 11.77
N PRO H 52 15.84 -11.18 12.27
CA PRO H 52 17.07 -10.67 11.69
C PRO H 52 18.28 -11.59 11.86
N GLY H 53 19.26 -11.46 10.94
CA GLY H 53 20.54 -12.16 11.03
C GLY H 53 20.55 -13.65 10.81
N LEU H 54 19.65 -14.15 9.97
CA LEU H 54 19.58 -15.58 9.69
C LEU H 54 20.18 -15.92 8.34
N THR H 55 20.74 -17.12 8.25
CA THR H 55 21.30 -17.66 7.03
C THR H 55 20.86 -19.10 7.01
N LEU H 56 19.87 -19.40 6.19
CA LEU H 56 19.36 -20.76 6.09
C LEU H 56 20.29 -21.61 5.24
N PRO H 57 20.07 -22.93 5.18
CA PRO H 57 20.95 -23.76 4.36
C PRO H 57 20.70 -23.72 2.86
N LEU H 58 21.65 -24.28 2.11
CA LEU H 58 21.56 -24.39 0.67
C LEU H 58 20.41 -25.34 0.35
N HIS H 59 19.47 -24.87 -0.46
CA HIS H 59 18.37 -25.68 -0.90
C HIS H 59 18.37 -25.68 -2.42
N PHE H 60 18.42 -26.86 -3.01
CA PHE H 60 18.25 -27.01 -4.45
C PHE H 60 16.75 -27.28 -4.55
N HIS H 61 16.01 -26.40 -5.20
CA HIS H 61 14.55 -26.55 -5.26
C HIS H 61 14.15 -27.03 -6.65
N THR H 62 13.57 -28.22 -6.68
CA THR H 62 13.20 -28.92 -7.91
C THR H 62 12.10 -28.21 -8.73
N GLY H 63 11.14 -27.58 -8.07
CA GLY H 63 10.00 -26.91 -8.72
C GLY H 63 9.98 -25.40 -8.53
N THR H 64 8.93 -24.78 -9.08
CA THR H 64 8.79 -23.32 -9.07
C THR H 64 8.48 -22.74 -7.71
N VAL H 65 8.95 -21.52 -7.51
CA VAL H 65 8.70 -20.79 -6.30
C VAL H 65 8.10 -19.47 -6.73
N HIS H 66 6.97 -19.12 -6.14
CA HIS H 66 6.30 -17.83 -6.33
C HIS H 66 6.33 -17.20 -4.97
N MSE H 67 7.15 -16.16 -4.84
CA MSE H 67 7.40 -15.50 -3.57
C MSE H 67 6.90 -14.07 -3.53
O MSE H 67 7.14 -13.30 -4.46
CB MSE H 67 8.93 -15.48 -3.39
CG MSE H 67 9.42 -14.79 -2.19
SE MSE H 67 9.28 -15.82 -0.60
CE MSE H 67 10.67 -17.09 -1.00
N TYR H 68 6.22 -13.71 -2.43
CA TYR H 68 5.77 -12.34 -2.19
C TYR H 68 6.22 -11.89 -0.79
N THR H 69 7.02 -10.83 -0.76
CA THR H 69 7.52 -10.29 0.50
C THR H 69 6.56 -9.23 0.99
N ILE H 70 6.07 -9.42 2.20
CA ILE H 70 5.09 -8.55 2.84
C ILE H 70 5.77 -7.43 3.63
N SER H 71 6.80 -7.80 4.37
CA SER H 71 7.51 -6.85 5.19
C SER H 71 8.98 -7.22 5.36
N GLY H 72 9.75 -6.23 5.77
CA GLY H 72 11.14 -6.46 6.09
C GLY H 72 12.06 -6.52 4.91
N CYS H 73 13.08 -7.38 5.03
CA CYS H 73 14.11 -7.48 4.03
C CYS H 73 14.90 -8.79 4.06
N TRP H 74 15.09 -9.37 2.89
CA TRP H 74 15.89 -10.59 2.76
C TRP H 74 16.52 -10.65 1.38
N TYR H 75 17.49 -11.57 1.21
CA TYR H 75 18.16 -11.74 -0.07
C TYR H 75 18.76 -13.14 -0.24
N TYR H 76 19.03 -13.50 -1.48
CA TYR H 76 19.70 -14.76 -1.76
C TYR H 76 21.19 -14.51 -1.88
N THR H 77 21.99 -15.28 -1.14
CA THR H 77 23.45 -15.18 -1.13
C THR H 77 24.08 -14.90 -2.50
N GLU H 78 23.50 -15.48 -3.55
CA GLU H 78 24.01 -15.37 -4.92
C GLU H 78 23.56 -14.10 -5.66
N TYR H 79 22.63 -13.34 -5.08
CA TYR H 79 22.10 -12.12 -5.69
C TYR H 79 21.98 -11.02 -4.64
N PRO H 80 23.11 -10.66 -4.02
CA PRO H 80 23.04 -9.67 -2.93
C PRO H 80 22.58 -8.28 -3.36
N GLY H 81 22.69 -7.96 -4.65
CA GLY H 81 22.24 -6.69 -5.18
C GLY H 81 20.74 -6.54 -5.34
N GLN H 82 20.01 -7.65 -5.26
CA GLN H 82 18.56 -7.66 -5.45
C GLN H 82 17.82 -7.99 -4.14
N LYS H 83 17.94 -7.12 -3.13
CA LYS H 83 17.24 -7.32 -1.87
C LYS H 83 15.73 -7.28 -2.11
N GLN H 84 14.98 -8.11 -1.38
CA GLN H 84 13.51 -8.20 -1.49
C GLN H 84 12.89 -7.54 -0.29
N THR H 85 11.94 -6.65 -0.55
CA THR H 85 11.29 -5.86 0.49
C THR H 85 9.79 -5.81 0.26
N ALA H 86 9.07 -5.16 1.17
CA ALA H 86 7.60 -5.10 1.11
C ALA H 86 7.06 -4.78 -0.30
N GLY H 87 6.16 -5.63 -0.79
CA GLY H 87 5.55 -5.47 -2.11
C GLY H 87 6.30 -6.08 -3.27
N CYS H 88 7.38 -6.81 -2.98
CA CYS H 88 8.20 -7.46 -4.04
C CYS H 88 7.79 -8.88 -4.33
N TYR H 89 7.69 -9.15 -5.62
CA TYR H 89 7.37 -10.46 -6.12
C TYR H 89 8.62 -11.05 -6.79
N LEU H 90 8.81 -12.35 -6.57
CA LEU H 90 9.94 -13.05 -7.15
C LEU H 90 9.44 -14.38 -7.71
N TYR H 91 9.83 -14.67 -8.95
CA TYR H 91 9.52 -15.96 -9.60
C TYR H 91 10.85 -16.68 -9.76
N GLU H 92 10.90 -17.91 -9.30
CA GLU H 92 12.11 -18.69 -9.35
C GLU H 92 11.70 -19.99 -10.07
N PRO H 93 12.24 -20.23 -11.27
CA PRO H 93 11.87 -21.49 -11.92
C PRO H 93 12.51 -22.64 -11.17
N GLY H 94 12.14 -23.87 -11.47
CA GLY H 94 12.75 -25.01 -10.79
C GLY H 94 14.16 -25.29 -11.30
N GLY H 95 14.95 -26.02 -10.50
CA GLY H 95 16.27 -26.48 -10.92
C GLY H 95 17.49 -25.68 -10.55
N SER H 96 17.34 -24.70 -9.67
CA SER H 96 18.49 -23.92 -9.22
C SER H 96 18.64 -24.10 -7.72
N ILE H 97 19.74 -23.58 -7.21
CA ILE H 97 20.08 -23.67 -5.82
C ILE H 97 20.08 -22.24 -5.22
N HIS H 98 19.39 -22.03 -4.10
CA HIS H 98 19.37 -20.70 -3.47
C HIS H 98 19.70 -20.75 -1.98
N GLN H 99 20.15 -19.62 -1.42
CA GLN H 99 20.40 -19.55 0.02
C GLN H 99 19.78 -18.27 0.62
N PHE H 100 18.81 -18.48 1.49
CA PHE H 100 18.03 -17.40 2.07
C PHE H 100 18.71 -16.74 3.24
N ASN H 101 18.75 -15.39 3.23
CA ASN H 101 19.37 -14.63 4.32
C ASN H 101 18.52 -13.46 4.73
N THR H 102 18.55 -13.13 6.01
CA THR H 102 17.97 -11.88 6.50
C THR H 102 19.13 -11.09 7.11
N PRO H 103 19.37 -9.87 6.62
CA PRO H 103 20.49 -9.11 7.15
C PRO H 103 20.46 -8.92 8.66
N ARG H 104 21.65 -8.90 9.27
CA ARG H 104 21.82 -8.69 10.71
C ARG H 104 21.36 -7.33 11.20
N ASP H 105 21.29 -6.36 10.30
CA ASP H 105 20.81 -5.04 10.67
C ASP H 105 19.32 -4.84 10.49
N ASN H 106 18.58 -5.89 10.11
CA ASN H 106 17.13 -5.82 10.06
C ASN H 106 16.69 -5.44 11.47
N GLU H 107 15.66 -4.62 11.59
CA GLU H 107 15.20 -4.25 12.93
C GLU H 107 14.00 -5.06 13.36
N GLY H 108 13.14 -5.47 12.44
CA GLY H 108 11.97 -6.25 12.83
C GLY H 108 11.92 -7.63 12.21
N GLN H 109 10.72 -8.05 11.86
CA GLN H 109 10.49 -9.34 11.23
C GLN H 109 10.36 -9.15 9.73
N THR H 110 10.80 -10.17 8.98
CA THR H 110 10.68 -10.18 7.55
C THR H 110 9.55 -11.17 7.30
N GLU H 111 8.52 -10.73 6.60
CA GLU H 111 7.34 -11.54 6.37
C GLU H 111 7.22 -11.84 4.91
N VAL H 112 6.94 -13.12 4.61
CA VAL H 112 6.76 -13.57 3.24
C VAL H 112 5.57 -14.52 3.11
N ILE H 113 5.05 -14.63 1.90
CA ILE H 113 4.03 -15.63 1.57
C ILE H 113 4.54 -16.29 0.29
N PHE H 114 4.43 -17.59 0.20
CA PHE H 114 4.96 -18.22 -0.98
C PHE H 114 4.31 -19.52 -1.28
N MSE H 115 4.32 -19.84 -2.57
CA MSE H 115 3.88 -21.12 -3.03
C MSE H 115 5.09 -21.88 -3.60
O MSE H 115 5.67 -21.44 -4.58
CB MSE H 115 2.85 -21.01 -4.11
CG MSE H 115 2.44 -22.40 -4.58
SE MSE H 115 1.24 -22.25 -6.06
CE MSE H 115 -0.28 -21.41 -5.15
N LEU H 116 5.41 -23.02 -2.99
CA LEU H 116 6.53 -23.82 -3.43
C LEU H 116 6.03 -25.14 -3.98
N SER H 117 6.40 -25.42 -5.22
CA SER H 117 6.12 -26.69 -5.85
C SER H 117 7.41 -27.48 -5.84
N GLY H 118 7.28 -28.80 -5.73
CA GLY H 118 8.43 -29.68 -5.75
C GLY H 118 9.00 -29.81 -4.36
N CYS H 119 10.27 -30.16 -4.29
CA CYS H 119 10.88 -30.32 -3.00
C CYS H 119 12.23 -29.58 -2.93
N ASN H 120 12.78 -29.52 -1.73
CA ASN H 120 14.09 -28.90 -1.50
C ASN H 120 15.07 -29.99 -1.19
N VAL H 121 16.05 -30.18 -2.07
CA VAL H 121 17.10 -31.15 -1.83
C VAL H 121 18.17 -30.33 -1.14
N ASN H 122 18.62 -30.82 0.02
CA ASN H 122 19.60 -30.11 0.85
C ASN H 122 21.02 -30.58 0.63
N PHE H 123 21.94 -29.61 0.56
CA PHE H 123 23.37 -29.87 0.36
C PHE H 123 24.25 -29.02 1.26
N THR H 124 25.52 -29.42 1.33
CA THR H 124 26.55 -28.70 2.07
C THR H 124 27.35 -27.87 1.07
N GLN H 125 28.23 -27.01 1.57
CA GLN H 125 29.05 -26.16 0.70
C GLN H 125 29.80 -27.03 -0.33
N ASP H 126 30.33 -28.18 0.09
CA ASP H 126 31.03 -29.05 -0.84
C ASP H 126 30.12 -30.01 -1.63
N GLY H 127 28.82 -29.76 -1.64
CA GLY H 127 27.89 -30.60 -2.39
C GLY H 127 27.54 -31.98 -1.83
N THR H 128 27.77 -32.23 -0.54
CA THR H 128 27.38 -33.51 0.06
C THR H 128 25.88 -33.50 0.37
N TYR H 129 25.19 -34.57 -0.03
CA TYR H 129 23.73 -34.69 0.15
C TYR H 129 23.34 -34.84 1.63
N LEU H 130 22.62 -33.85 2.15
CA LEU H 130 22.16 -33.86 3.54
C LEU H 130 20.81 -34.55 3.72
N GLY H 131 19.82 -34.15 2.93
CA GLY H 131 18.49 -34.73 3.03
C GLY H 131 17.53 -34.15 2.01
N LEU H 132 16.24 -34.29 2.27
CA LEU H 132 15.19 -33.89 1.32
C LEU H 132 13.97 -33.38 2.08
N SER H 133 13.36 -32.30 1.59
CA SER H 133 12.17 -31.72 2.23
C SER H 133 11.11 -31.45 1.17
N ASP H 134 9.98 -32.16 1.27
CA ASP H 134 8.86 -31.96 0.36
C ASP H 134 7.70 -31.59 1.24
N ALA H 135 6.55 -31.35 0.62
CA ALA H 135 5.35 -30.98 1.35
C ALA H 135 4.95 -32.03 2.40
N GLY H 136 5.28 -33.29 2.17
CA GLY H 136 5.01 -34.36 3.14
C GLY H 136 5.87 -34.26 4.40
N VAL H 137 7.16 -34.02 4.22
CA VAL H 137 8.07 -33.83 5.34
C VAL H 137 7.66 -32.62 6.17
N ILE H 138 7.44 -31.49 5.51
CA ILE H 138 7.06 -30.26 6.21
C ILE H 138 5.74 -30.46 6.94
N LYS H 139 4.80 -31.15 6.30
CA LYS H 139 3.49 -31.37 6.90
C LYS H 139 3.61 -32.15 8.19
N ASN H 140 4.48 -33.16 8.20
CA ASN H 140 4.71 -33.94 9.41
C ASN H 140 5.21 -33.03 10.51
N TRP H 141 6.15 -32.14 10.18
CA TRP H 141 6.70 -31.23 11.16
C TRP H 141 5.58 -30.36 11.73
N VAL H 142 4.80 -29.78 10.83
CA VAL H 142 3.67 -28.94 11.18
C VAL H 142 2.70 -29.65 12.12
N ASP H 143 2.36 -30.89 11.81
CA ASP H 143 1.39 -31.62 12.63
C ASP H 143 1.88 -31.92 14.04
N ARG H 144 3.14 -32.29 14.22
CA ARG H 144 3.66 -32.52 15.57
C ARG H 144 3.99 -31.20 16.28
N ALA H 145 4.30 -30.15 15.53
CA ALA H 145 4.57 -28.83 16.13
C ALA H 145 3.26 -28.27 16.66
N ILE H 146 2.14 -28.57 15.98
CA ILE H 146 0.82 -28.15 16.46
C ILE H 146 0.51 -28.78 17.83
N ARG H 147 0.83 -30.06 17.99
CA ARG H 147 0.60 -30.76 19.25
C ARG H 147 1.58 -30.25 20.30
N GLU H 148 2.87 -30.33 20.02
CA GLU H 148 3.94 -29.92 20.96
C GLU H 148 3.90 -28.48 21.44
N GLN H 149 3.41 -27.57 20.60
CA GLN H 149 3.32 -26.17 21.00
C GLN H 149 1.90 -25.80 21.46
N ASP H 150 0.99 -26.78 21.45
CA ASP H 150 -0.40 -26.59 21.88
C ASP H 150 -1.06 -25.45 21.09
N ASN H 151 -0.81 -25.44 19.78
CA ASN H 151 -1.33 -24.41 18.91
C ASN H 151 -2.65 -24.88 18.32
N GLY H 152 -3.69 -24.06 18.45
CA GLY H 152 -5.02 -24.39 17.93
C GLY H 152 -5.30 -23.93 16.50
N LEU H 153 -4.28 -23.83 15.65
CA LEU H 153 -4.51 -23.38 14.29
C LEU H 153 -4.92 -24.57 13.42
N ARG H 154 -5.55 -24.27 12.30
CA ARG H 154 -5.89 -25.27 11.32
C ARG H 154 -5.43 -24.78 9.96
N TYR H 155 -5.19 -25.70 9.05
CA TYR H 155 -4.75 -25.35 7.72
C TYR H 155 -5.48 -26.25 6.73
N ILE H 156 -5.26 -26.02 5.45
CA ILE H 156 -5.94 -26.82 4.43
C ILE H 156 -5.00 -27.92 3.93
N ALA H 157 -5.52 -29.15 3.81
CA ALA H 157 -4.71 -30.29 3.35
C ALA H 157 -5.40 -31.02 2.23
N ALA H 158 -4.62 -31.42 1.24
CA ALA H 158 -5.14 -32.20 0.14
C ALA H 158 -4.99 -33.64 0.54
N ALA H 159 -6.06 -34.43 0.39
CA ALA H 159 -6.01 -35.88 0.67
C ALA H 159 -5.35 -36.62 -0.47
N VAL H 160 -4.82 -37.80 -0.17
CA VAL H 160 -4.25 -38.61 -1.23
C VAL H 160 -5.40 -39.13 -2.08
N PRO H 161 -5.24 -39.15 -3.39
CA PRO H 161 -6.30 -39.72 -4.23
C PRO H 161 -6.56 -41.21 -3.93
N THR H 162 -7.75 -41.71 -4.27
CA THR H 162 -8.08 -43.10 -4.05
C THR H 162 -9.05 -43.55 -5.11
N TYR H 163 -9.37 -44.85 -5.11
CA TYR H 163 -10.38 -45.36 -6.00
C TYR H 163 -11.70 -44.65 -5.68
N ALA H 164 -12.42 -44.25 -6.71
CA ALA H 164 -13.66 -43.51 -6.54
C ALA H 164 -14.67 -44.34 -5.82
N ALA H 165 -15.38 -43.70 -4.89
CA ALA H 165 -16.44 -44.33 -4.13
C ALA H 165 -17.53 -44.75 -5.12
S SO4 I . 0.76 45.05 40.52
O1 SO4 I . 2.05 44.41 40.74
O2 SO4 I . 0.86 46.16 39.56
O3 SO4 I . 0.25 45.59 41.79
O4 SO4 I . -0.16 44.06 39.98
C1 GOL J . -5.66 44.21 31.78
O1 GOL J . -5.57 45.33 30.93
C2 GOL J . -4.47 44.12 32.74
O2 GOL J . -4.25 45.40 33.28
C3 GOL J . -3.20 43.57 32.07
O3 GOL J . -2.55 42.52 32.78
C1 GOL K . 16.38 34.87 19.48
O1 GOL K . 17.23 33.75 19.51
C2 GOL K . 15.51 34.88 20.71
O2 GOL K . 14.57 33.86 20.56
C3 GOL K . 14.83 36.23 20.91
O3 GOL K . 14.96 36.65 22.24
S SO4 L . -14.44 60.51 19.10
O1 SO4 L . -14.41 59.80 17.83
O2 SO4 L . -14.09 59.60 20.20
O3 SO4 L . -13.55 61.68 19.09
O4 SO4 L . -15.80 61.01 19.31
C1 GOL M . 1.42 32.04 14.11
O1 GOL M . 2.51 31.44 13.44
C2 GOL M . 0.11 31.39 13.65
O2 GOL M . 0.41 30.62 12.51
C3 GOL M . -1.02 32.38 13.32
O3 GOL M . -1.95 32.52 14.38
C1 GOL N . -2.69 61.92 22.48
O1 GOL N . -3.51 62.99 22.10
C2 GOL N . -3.33 60.67 21.90
O2 GOL N . -3.00 59.57 22.70
C3 GOL N . -2.97 60.46 20.42
O3 GOL N . -1.60 60.67 20.09
S SO4 O . 4.65 -6.89 21.04
O1 SO4 O . 4.69 -8.00 20.08
O2 SO4 O . 5.21 -7.36 22.31
O3 SO4 O . 5.47 -5.77 20.59
O4 SO4 O . 3.26 -6.46 21.22
S SO4 P . -18.17 12.52 -14.85
O1 SO4 P . -16.75 12.76 -14.61
O2 SO4 P . -18.95 13.08 -13.74
O3 SO4 P . -18.49 13.21 -16.09
O4 SO4 P . -18.44 11.09 -15.03
CL CL Q . -13.85 6.41 19.75
C1 GOL R . -23.20 4.94 18.75
O1 GOL R . -22.69 3.99 19.66
C2 GOL R . -23.51 4.23 17.46
O2 GOL R . -22.36 3.51 17.13
C3 GOL R . -23.76 5.19 16.30
O3 GOL R . -25.03 5.78 16.34
C1 GOL S . -3.08 13.84 8.40
O1 GOL S . -3.47 14.27 9.68
C2 GOL S . -2.78 15.05 7.52
O2 GOL S . -3.84 15.97 7.60
C3 GOL S . -2.55 14.61 6.08
O3 GOL S . -3.46 15.24 5.20
S SO4 T . 12.54 -60.89 -13.88
O1 SO4 T . 12.14 -61.58 -15.11
O2 SO4 T . 13.95 -60.54 -13.95
O3 SO4 T . 11.75 -59.69 -13.66
O4 SO4 T . 12.34 -61.78 -12.73
CL CL U . 6.07 -35.30 -37.63
C1 GOL V . 15.65 -41.02 -39.77
O1 GOL V . 16.69 -40.80 -38.84
C2 GOL V . 14.87 -39.72 -40.02
O2 GOL V . 15.08 -38.81 -38.98
C3 GOL V . 13.38 -39.96 -40.10
O3 GOL V . 13.05 -41.13 -40.81
S SO4 W . -15.88 -37.82 -43.63
O1 SO4 W . -16.52 -36.96 -44.61
O2 SO4 W . -14.88 -37.04 -42.89
O3 SO4 W . -16.91 -38.28 -42.71
O4 SO4 W . -15.28 -38.98 -44.30
S SO4 X . -5.99 -3.76 8.37
O1 SO4 X . -4.82 -4.24 9.11
O2 SO4 X . -5.86 -2.36 8.00
O3 SO4 X . -7.20 -3.87 9.17
O4 SO4 X . -6.13 -4.57 7.17
CL CL Y . -20.66 -16.18 -3.11
C1 GOL Z . 1.61 -16.44 -3.24
O1 GOL Z . 2.38 -15.91 -4.30
C2 GOL Z . 0.12 -16.50 -3.62
O2 GOL Z . -0.67 -16.98 -2.55
C3 GOL Z . -0.12 -17.38 -4.83
O3 GOL Z . 0.45 -18.66 -4.67
C1 GOL AA . -1.14 0.05 -2.44
O1 GOL AA . -0.54 -1.11 -1.88
C2 GOL AA . -1.09 -0.02 -3.96
O2 GOL AA . 0.17 0.45 -4.41
C3 GOL AA . -2.18 0.81 -4.67
O3 GOL AA . -3.48 0.28 -4.47
C1 GOL BA . -13.30 -13.85 -6.93
O1 GOL BA . -13.74 -15.16 -7.22
C2 GOL BA . -12.07 -13.52 -7.77
O2 GOL BA . -11.54 -14.74 -8.26
C3 GOL BA . -10.99 -12.76 -6.98
O3 GOL BA . -10.86 -11.46 -7.48
S SO4 CA . -3.90 -20.63 20.29
O1 SO4 CA . -2.49 -20.76 20.69
O2 SO4 CA . -4.20 -19.27 19.85
O3 SO4 CA . -4.78 -20.95 21.40
O4 SO4 CA . -4.17 -21.56 19.18
S SO4 DA . 24.34 -8.72 6.53
O1 SO4 DA . 25.79 -8.62 6.45
O2 SO4 DA . 23.78 -7.95 5.41
O3 SO4 DA . 23.90 -8.18 7.82
O4 SO4 DA . 23.93 -10.12 6.38
CL CL EA . -8.98 -20.15 12.04
#